data_8SH2
#
_entry.id   8SH2
#
_cell.length_a   1.00
_cell.length_b   1.00
_cell.length_c   1.00
_cell.angle_alpha   90.00
_cell.angle_beta   90.00
_cell.angle_gamma   90.00
#
_symmetry.space_group_name_H-M   'P 1'
#
loop_
_entity.id
_entity.type
_entity.pdbx_description
1 polymer 'Kelch domain-containing protein 2'
2 polymer Elongin-B
3 polymer Elongin-C
#
loop_
_entity_poly.entity_id
_entity_poly.type
_entity_poly.pdbx_seq_one_letter_code
_entity_poly.pdbx_strand_id
1 'polypeptide(L)'
;GHHHHHHADGNEDLRADDLPGPAFESYESMELACPAERSGHVAVSDGRHMFVWGGYKSNQVRGLYDFYLPREELWIYNME
TGRWKKINTEGDVPPSMSGSCAVCVDRVLYLFGGHHSRGNTNKFYMLDSRSTDRVLQWERIDCQGIPPSSKDKLGVWVYK
NKLIFFGGYGYLPEDKVLGTFEFDETSFWNSSHPRGWNDHVHILDTETFTWSQPITTGKAPSPRAAHACATVGNRGFVFG
GRYRDARMNDLHYLNLDTWEWNELIPQGICPVGRSWHSLTPVSSDHLFLFGGFTTDKQPLSDAWTYCISKNEWIQFNHPY
TEKPRLWHTACASDEGEVIVFGGCANNLLVHHRAAHSNEILIFSVQPKSLVRLSLEAVICFKEMLANSWNCLPKHLLHSV
NQRFGSNNTSGS
;
B,C,A,D
2 'polypeptide(L)'
;MDVFLMIRRHKTTIFTDAKESSTVFELKRIVEGILKRPPDEQRLYKDDQLLDDGKTLGECGFTSQTARPQAPATVGLAFR
ADDTFEALCIEPFSSPPELPDVMK
;
E,G,I,K
3 'polypeptide(L)'
;MYVKLISSDGHEFIVKREHALTSGTIKAMLSGPGQFAENETNEVNFREIPSHVLSKVCMYFTYKVRYTNSSTEIPEFPIA
PEIALELLMAANFLDC
;
F,H,J,L
#
# COMPACT_ATOMS: atom_id res chain seq x y z
N GLU A 31 19.46 -5.29 2.41
CA GLU A 31 19.38 -5.29 3.87
C GLU A 31 19.28 -6.72 4.40
N LEU A 32 20.20 -7.07 5.30
CA LEU A 32 20.18 -8.38 5.94
C LEU A 32 19.12 -8.36 7.04
N ALA A 33 17.92 -8.84 6.70
CA ALA A 33 16.80 -8.85 7.63
C ALA A 33 16.95 -10.04 8.57
N CYS A 34 17.75 -9.83 9.62
CA CYS A 34 17.98 -10.88 10.61
C CYS A 34 16.78 -10.97 11.55
N PRO A 35 16.19 -12.15 11.74
CA PRO A 35 15.07 -12.28 12.68
C PRO A 35 15.56 -12.25 14.12
N ALA A 36 14.62 -12.01 15.03
CA ALA A 36 14.91 -12.04 16.45
C ALA A 36 15.09 -13.48 16.92
N GLU A 37 15.83 -13.63 18.01
CA GLU A 37 16.01 -14.93 18.63
C GLU A 37 14.72 -15.36 19.33
N ARG A 38 14.37 -16.64 19.18
CA ARG A 38 13.02 -17.05 19.54
C ARG A 38 12.96 -18.52 19.88
N SER A 39 11.89 -18.87 20.60
CA SER A 39 11.48 -20.24 20.88
C SER A 39 9.97 -20.25 21.02
N GLY A 40 9.34 -21.35 20.65
CA GLY A 40 7.91 -21.49 20.77
C GLY A 40 7.09 -21.00 19.60
N HIS A 41 7.72 -20.41 18.60
CA HIS A 41 7.03 -19.95 17.40
C HIS A 41 6.62 -21.13 16.53
N VAL A 42 5.72 -20.87 15.58
CA VAL A 42 5.35 -21.88 14.61
C VAL A 42 5.97 -21.56 13.26
N ALA A 43 6.61 -22.56 12.67
CA ALA A 43 7.14 -22.47 11.32
C ALA A 43 6.62 -23.65 10.52
N VAL A 44 5.98 -23.34 9.39
CA VAL A 44 5.41 -24.34 8.52
C VAL A 44 6.11 -24.31 7.17
N SER A 45 6.12 -25.46 6.51
CA SER A 45 6.92 -25.69 5.32
C SER A 45 6.06 -26.17 4.17
N ASP A 46 6.23 -25.54 3.01
CA ASP A 46 5.83 -26.14 1.74
C ASP A 46 7.01 -26.74 1.00
N GLY A 47 8.18 -26.80 1.66
CA GLY A 47 9.41 -27.24 1.03
C GLY A 47 10.27 -26.14 0.46
N ARG A 48 9.75 -24.91 0.34
CA ARG A 48 10.51 -23.79 -0.19
C ARG A 48 10.47 -22.60 0.76
N HIS A 49 9.36 -22.41 1.47
CA HIS A 49 9.18 -21.24 2.31
C HIS A 49 8.80 -21.64 3.72
N MET A 50 9.65 -21.28 4.67
CA MET A 50 9.40 -21.46 6.09
C MET A 50 8.65 -20.25 6.62
N PHE A 51 7.37 -20.43 6.91
CA PHE A 51 6.58 -19.36 7.50
C PHE A 51 6.78 -19.41 9.02
N VAL A 52 7.29 -18.33 9.58
CA VAL A 52 7.60 -18.21 11.00
C VAL A 52 6.67 -17.16 11.57
N TRP A 53 5.88 -17.55 12.57
CA TRP A 53 4.86 -16.70 13.16
C TRP A 53 4.82 -16.91 14.67
N GLY A 54 4.56 -15.82 15.39
CA GLY A 54 4.37 -15.88 16.82
C GLY A 54 5.68 -15.97 17.59
N GLY A 55 5.66 -16.61 18.74
CA GLY A 55 6.86 -16.82 19.52
C GLY A 55 7.03 -15.82 20.64
N TYR A 56 8.07 -16.06 21.43
CA TYR A 56 8.45 -15.17 22.52
C TYR A 56 9.96 -15.25 22.71
N LYS A 57 10.48 -14.37 23.56
CA LYS A 57 11.90 -14.39 23.86
C LYS A 57 12.12 -13.88 25.28
N SER A 58 13.33 -14.08 25.76
CA SER A 58 13.78 -13.35 26.94
C SER A 58 14.13 -11.94 26.54
N ASN A 59 13.66 -10.96 27.33
CA ASN A 59 13.93 -9.57 27.04
C ASN A 59 15.37 -9.23 27.40
N GLN A 60 16.08 -8.63 26.45
CA GLN A 60 17.48 -8.28 26.70
C GLN A 60 17.62 -7.02 27.55
N VAL A 61 16.58 -6.18 27.60
CA VAL A 61 16.64 -4.97 28.42
C VAL A 61 16.39 -5.31 29.88
N ARG A 62 15.29 -6.00 30.16
CA ARG A 62 14.99 -6.52 31.49
C ARG A 62 15.22 -8.03 31.43
N GLY A 63 16.40 -8.48 31.89
CA GLY A 63 16.82 -9.85 31.68
C GLY A 63 16.39 -10.85 32.73
N LEU A 64 15.15 -10.78 33.21
CA LEU A 64 14.66 -11.76 34.17
C LEU A 64 13.23 -12.22 33.91
N TYR A 65 12.42 -11.50 33.13
CA TYR A 65 11.13 -12.00 32.69
C TYR A 65 11.12 -12.02 31.16
N ASP A 66 10.03 -12.55 30.59
CA ASP A 66 9.97 -12.84 29.18
C ASP A 66 8.92 -11.99 28.46
N PHE A 67 9.16 -11.76 27.18
CA PHE A 67 8.36 -10.84 26.37
C PHE A 67 7.90 -11.58 25.11
N TYR A 68 6.60 -11.48 24.81
CA TYR A 68 6.02 -12.14 23.65
C TYR A 68 6.27 -11.30 22.39
N LEU A 69 6.72 -11.96 21.33
CA LEU A 69 7.03 -11.32 20.06
C LEU A 69 5.73 -10.84 19.39
N PRO A 70 5.76 -9.72 18.65
CA PRO A 70 4.53 -9.05 18.24
C PRO A 70 3.73 -9.77 17.15
N ARG A 71 2.52 -9.25 16.94
CA ARG A 71 1.38 -9.97 16.41
C ARG A 71 1.36 -10.10 14.89
N GLU A 72 2.05 -9.22 14.16
CA GLU A 72 2.01 -9.23 12.71
C GLU A 72 3.31 -9.65 12.06
N GLU A 73 4.19 -10.32 12.79
CA GLU A 73 5.44 -10.80 12.22
C GLU A 73 5.19 -12.04 11.38
N LEU A 74 5.69 -12.05 10.13
CA LEU A 74 5.84 -13.28 9.37
C LEU A 74 7.23 -13.30 8.77
N TRP A 75 8.10 -14.12 9.32
CA TRP A 75 9.45 -14.30 8.81
C TRP A 75 9.47 -15.51 7.88
N ILE A 76 9.82 -15.29 6.62
CA ILE A 76 9.88 -16.38 5.66
C ILE A 76 11.35 -16.72 5.44
N TYR A 77 11.74 -17.92 5.85
CA TYR A 77 13.08 -18.44 5.56
C TYR A 77 13.00 -19.24 4.27
N ASN A 78 13.74 -18.82 3.26
CA ASN A 78 13.92 -19.62 2.06
C ASN A 78 15.30 -20.23 2.13
N MET A 79 15.35 -21.56 2.25
CA MET A 79 16.61 -22.30 2.38
C MET A 79 17.30 -22.53 1.05
N GLU A 80 16.57 -22.38 -0.07
CA GLU A 80 17.23 -22.40 -1.37
C GLU A 80 18.00 -21.11 -1.60
N THR A 81 17.44 -19.98 -1.17
CA THR A 81 18.24 -18.76 -0.97
C THR A 81 19.13 -18.86 0.25
N GLY A 82 18.60 -19.37 1.35
CA GLY A 82 19.25 -19.18 2.64
C GLY A 82 19.02 -17.81 3.24
N ARG A 83 17.94 -17.13 2.84
CA ARG A 83 17.69 -15.75 3.26
C ARG A 83 16.30 -15.61 3.86
N TRP A 84 15.97 -14.37 4.23
CA TRP A 84 14.77 -14.04 4.98
C TRP A 84 13.94 -12.99 4.27
N LYS A 85 12.61 -13.13 4.36
CA LYS A 85 11.65 -12.16 3.85
C LYS A 85 10.68 -11.84 4.98
N LYS A 86 10.75 -10.61 5.50
CA LYS A 86 9.87 -10.18 6.58
C LYS A 86 8.64 -9.51 5.99
N ILE A 87 7.45 -10.03 6.33
CA ILE A 87 6.20 -9.44 5.88
C ILE A 87 5.23 -9.29 7.03
N ASN A 88 4.19 -8.50 6.78
CA ASN A 88 3.19 -8.10 7.76
C ASN A 88 1.83 -8.67 7.36
N THR A 89 0.97 -8.88 8.35
CA THR A 89 -0.31 -9.56 8.16
C THR A 89 -1.47 -8.61 8.44
N GLU A 90 -2.69 -9.14 8.33
CA GLU A 90 -3.90 -8.35 8.35
C GLU A 90 -5.05 -9.28 8.77
N GLY A 91 -6.17 -8.69 9.20
CA GLY A 91 -7.40 -9.44 9.31
C GLY A 91 -7.91 -9.66 10.72
N ASP A 92 -8.56 -10.81 10.94
CA ASP A 92 -8.98 -11.23 12.27
C ASP A 92 -7.81 -11.97 12.90
N VAL A 93 -6.85 -11.19 13.40
CA VAL A 93 -5.54 -11.71 13.78
C VAL A 93 -5.62 -12.38 15.15
N PRO A 94 -5.12 -13.60 15.31
CA PRO A 94 -4.96 -14.18 16.64
C PRO A 94 -3.88 -13.45 17.42
N PRO A 95 -3.92 -13.48 18.78
CA PRO A 95 -2.87 -12.82 19.58
C PRO A 95 -1.50 -13.49 19.57
N SER A 96 -0.60 -13.02 20.42
CA SER A 96 0.78 -13.50 20.40
C SER A 96 0.92 -14.76 21.25
N MET A 97 0.56 -15.91 20.68
CA MET A 97 0.88 -17.17 21.32
C MET A 97 2.30 -17.63 21.00
N SER A 98 2.85 -18.41 21.92
CA SER A 98 4.06 -19.18 21.70
C SER A 98 3.82 -20.61 22.15
N GLY A 99 4.03 -21.55 21.23
CA GLY A 99 3.71 -22.94 21.47
C GLY A 99 2.42 -23.43 20.86
N SER A 100 1.93 -22.77 19.81
CA SER A 100 0.66 -23.11 19.21
C SER A 100 0.79 -24.28 18.23
N CYS A 101 -0.33 -24.66 17.64
CA CYS A 101 -0.41 -25.82 16.75
C CYS A 101 -0.72 -25.33 15.34
N ALA A 102 0.13 -25.71 14.38
CA ALA A 102 0.04 -25.19 13.03
C ALA A 102 0.24 -26.29 12.00
N VAL A 103 -0.62 -26.33 10.99
CA VAL A 103 -0.42 -27.13 9.78
C VAL A 103 -0.63 -26.26 8.55
N CYS A 104 -0.15 -26.77 7.42
CA CYS A 104 -0.16 -26.02 6.16
C CYS A 104 -0.40 -26.98 5.01
N VAL A 105 -1.62 -26.96 4.47
CA VAL A 105 -1.98 -27.76 3.31
C VAL A 105 -2.25 -26.84 2.13
N ASP A 106 -1.55 -27.10 1.01
CA ASP A 106 -1.65 -26.39 -0.29
C ASP A 106 -1.37 -24.89 -0.16
N ARG A 107 -0.33 -24.58 0.66
CA ARG A 107 0.06 -23.23 1.13
C ARG A 107 -1.10 -22.50 1.80
N VAL A 108 -1.88 -23.25 2.59
CA VAL A 108 -3.01 -22.73 3.36
C VAL A 108 -2.77 -23.11 4.81
N LEU A 109 -2.72 -22.12 5.70
CA LEU A 109 -2.32 -22.32 7.09
C LEU A 109 -3.54 -22.44 7.99
N TYR A 110 -3.54 -23.49 8.82
CA TYR A 110 -4.54 -23.76 9.84
C TYR A 110 -3.87 -23.69 11.20
N LEU A 111 -4.46 -22.93 12.14
CA LEU A 111 -3.95 -22.81 13.50
C LEU A 111 -5.00 -23.27 14.52
N PHE A 112 -4.51 -24.01 15.52
CA PHE A 112 -5.30 -24.38 16.69
C PHE A 112 -4.41 -24.36 17.92
N GLY A 113 -4.98 -23.90 19.04
CA GLY A 113 -4.30 -23.96 20.32
C GLY A 113 -3.32 -22.81 20.52
N GLY A 114 -2.68 -22.82 21.68
CA GLY A 114 -1.62 -21.86 21.94
C GLY A 114 -1.67 -21.13 23.27
N HIS A 115 -0.54 -20.53 23.63
CA HIS A 115 -0.36 -19.81 24.88
C HIS A 115 0.00 -18.35 24.63
N HIS A 116 -1.02 -17.50 24.63
CA HIS A 116 -0.81 -16.05 24.62
C HIS A 116 -0.61 -15.56 26.06
N SER A 117 -0.51 -14.24 26.21
CA SER A 117 0.01 -13.61 27.43
C SER A 117 -0.94 -13.68 28.62
N ARG A 118 -2.20 -14.06 28.42
CA ARG A 118 -3.11 -14.32 29.53
C ARG A 118 -3.47 -15.80 29.67
N GLY A 119 -2.90 -16.70 28.86
CA GLY A 119 -3.13 -18.12 29.04
C GLY A 119 -3.22 -18.86 27.71
N ASN A 120 -4.23 -19.73 27.61
CA ASN A 120 -4.36 -20.63 26.47
C ASN A 120 -5.61 -20.30 25.65
N THR A 121 -5.60 -20.75 24.39
CA THR A 121 -6.73 -20.56 23.50
C THR A 121 -7.12 -21.88 22.85
N ASN A 122 -8.36 -21.95 22.34
CA ASN A 122 -8.84 -23.11 21.61
C ASN A 122 -9.69 -22.74 20.41
N LYS A 123 -9.44 -21.57 19.81
CA LYS A 123 -10.18 -21.17 18.62
C LYS A 123 -9.51 -21.75 17.38
N PHE A 124 -10.12 -21.52 16.21
CA PHE A 124 -9.50 -21.92 14.95
C PHE A 124 -9.10 -20.68 14.17
N TYR A 125 -7.94 -20.73 13.53
CA TYR A 125 -7.49 -19.58 12.76
C TYR A 125 -7.07 -19.99 11.36
N MET A 126 -7.33 -19.06 10.42
CA MET A 126 -7.41 -19.32 8.99
C MET A 126 -6.47 -18.36 8.26
N LEU A 127 -5.62 -18.90 7.39
CA LEU A 127 -4.77 -18.06 6.56
C LEU A 127 -4.58 -18.69 5.19
N ASP A 128 -4.57 -17.84 4.16
CA ASP A 128 -4.19 -18.24 2.81
C ASP A 128 -2.89 -17.52 2.46
N SER A 129 -1.84 -18.28 2.21
CA SER A 129 -0.52 -17.74 1.92
C SER A 129 -0.18 -17.78 0.43
N ARG A 130 -1.13 -18.16 -0.42
CA ARG A 130 -0.88 -18.22 -1.86
C ARG A 130 -0.87 -16.84 -2.51
N SER A 131 -1.47 -15.83 -1.86
CA SER A 131 -1.39 -14.45 -2.34
C SER A 131 -0.07 -13.87 -1.86
N THR A 132 0.96 -13.93 -2.71
CA THR A 132 2.31 -13.58 -2.30
C THR A 132 2.56 -12.08 -2.23
N ASP A 133 1.66 -11.26 -2.79
CA ASP A 133 1.88 -9.81 -2.86
C ASP A 133 0.75 -8.99 -2.28
N ARG A 134 -0.44 -9.58 -2.12
CA ARG A 134 -1.43 -8.99 -1.24
C ARG A 134 -1.05 -9.25 0.21
N VAL A 135 -1.61 -8.45 1.11
CA VAL A 135 -1.38 -8.65 2.54
C VAL A 135 -2.23 -9.84 3.01
N LEU A 136 -1.67 -10.63 3.93
CA LEU A 136 -2.28 -11.90 4.30
C LEU A 136 -3.40 -11.65 5.31
N GLN A 137 -4.62 -12.05 4.94
CA GLN A 137 -5.80 -11.80 5.75
C GLN A 137 -6.02 -12.99 6.69
N TRP A 138 -5.86 -12.76 7.98
CA TRP A 138 -6.24 -13.75 8.99
C TRP A 138 -7.76 -13.81 9.10
N GLU A 139 -8.25 -14.97 9.57
CA GLU A 139 -9.68 -15.12 9.84
C GLU A 139 -9.86 -16.00 11.07
N ARG A 140 -10.79 -15.61 11.94
CA ARG A 140 -11.14 -16.43 13.10
C ARG A 140 -12.37 -17.26 12.81
N ILE A 141 -12.20 -18.59 12.88
CA ILE A 141 -13.32 -19.52 12.75
C ILE A 141 -13.45 -20.30 14.05
N ASP A 142 -14.64 -20.22 14.64
CA ASP A 142 -15.07 -21.16 15.67
C ASP A 142 -15.96 -22.17 14.96
N CYS A 143 -15.42 -23.36 14.71
CA CYS A 143 -16.01 -24.31 13.77
C CYS A 143 -17.21 -25.01 14.38
N GLN A 144 -17.95 -25.72 13.52
CA GLN A 144 -19.16 -26.42 13.93
C GLN A 144 -18.82 -27.67 14.73
N GLY A 145 -19.68 -27.98 15.69
CA GLY A 145 -19.39 -28.99 16.67
C GLY A 145 -18.91 -28.39 17.97
N ILE A 146 -18.38 -29.25 18.83
CA ILE A 146 -17.90 -28.84 20.15
C ILE A 146 -16.38 -28.76 20.09
N PRO A 147 -15.79 -27.57 20.24
CA PRO A 147 -14.32 -27.44 20.23
C PRO A 147 -13.71 -27.97 21.51
N PRO A 148 -12.41 -28.37 21.49
CA PRO A 148 -11.77 -28.83 22.74
C PRO A 148 -11.40 -27.72 23.71
N SER A 149 -10.72 -28.09 24.79
CA SER A 149 -10.34 -27.13 25.82
C SER A 149 -9.13 -26.32 25.37
N SER A 150 -8.88 -25.24 26.11
CA SER A 150 -7.77 -24.34 25.82
C SER A 150 -6.45 -24.98 26.26
N LYS A 151 -5.58 -25.31 25.30
CA LYS A 151 -4.31 -25.97 25.63
C LYS A 151 -3.21 -25.72 24.62
N ASP A 152 -2.07 -26.38 24.79
CA ASP A 152 -0.95 -26.23 23.85
C ASP A 152 0.00 -27.43 23.98
N LYS A 153 1.14 -27.39 23.30
CA LYS A 153 2.09 -28.50 23.34
C LYS A 153 1.45 -29.79 22.86
N LEU A 154 0.75 -29.72 21.73
CA LEU A 154 0.03 -30.89 21.23
C LEU A 154 0.51 -31.29 19.83
N GLY A 155 0.20 -32.54 19.50
CA GLY A 155 0.58 -33.11 18.21
C GLY A 155 -0.58 -33.17 17.24
N VAL A 156 -0.28 -33.31 15.95
CA VAL A 156 -1.28 -33.14 14.90
C VAL A 156 -0.89 -34.01 13.70
N TRP A 157 -1.89 -34.59 13.03
CA TRP A 157 -1.68 -35.36 11.81
C TRP A 157 -2.69 -34.91 10.76
N VAL A 158 -2.32 -35.06 9.49
CA VAL A 158 -3.21 -34.63 8.41
C VAL A 158 -4.00 -35.81 7.86
N TYR A 159 -5.04 -36.20 8.57
CA TYR A 159 -5.89 -37.29 8.08
C TYR A 159 -6.86 -36.73 7.06
N LYS A 160 -6.47 -36.78 5.79
CA LYS A 160 -7.31 -36.20 4.75
C LYS A 160 -7.55 -34.75 5.07
N ASN A 161 -8.80 -34.30 5.01
CA ASN A 161 -9.12 -32.93 5.36
C ASN A 161 -9.48 -32.90 6.84
N LYS A 162 -9.17 -33.97 7.55
CA LYS A 162 -9.53 -34.05 8.96
C LYS A 162 -8.31 -33.96 9.86
N LEU A 163 -7.88 -32.74 10.16
CA LEU A 163 -6.75 -32.54 11.06
C LEU A 163 -7.02 -33.27 12.36
N ILE A 164 -6.12 -34.17 12.76
CA ILE A 164 -6.31 -35.00 13.93
C ILE A 164 -5.38 -34.44 15.01
N PHE A 165 -5.95 -34.07 16.15
CA PHE A 165 -5.18 -33.44 17.22
C PHE A 165 -5.08 -34.38 18.40
N PHE A 166 -3.91 -34.42 19.02
CA PHE A 166 -3.62 -35.37 20.09
C PHE A 166 -2.84 -34.68 21.22
N GLY A 167 -3.25 -34.95 22.45
CA GLY A 167 -2.49 -34.44 23.59
C GLY A 167 -2.30 -32.96 23.83
N GLY A 168 -1.21 -32.63 24.52
CA GLY A 168 -0.94 -31.25 24.82
C GLY A 168 -1.14 -30.95 26.29
N TYR A 169 -0.54 -29.86 26.77
CA TYR A 169 -0.72 -29.46 28.15
C TYR A 169 -1.63 -28.25 28.18
N GLY A 170 -2.56 -28.20 29.15
CA GLY A 170 -3.49 -27.08 29.18
C GLY A 170 -4.62 -27.34 30.16
N TYR A 171 -5.70 -26.60 29.96
CA TYR A 171 -6.79 -26.49 30.92
C TYR A 171 -7.65 -27.77 30.93
N LEU A 172 -8.54 -27.82 31.91
CA LEU A 172 -9.43 -28.96 32.08
C LEU A 172 -10.52 -28.95 31.00
N PRO A 173 -10.89 -30.12 30.46
CA PRO A 173 -11.98 -30.17 29.47
C PRO A 173 -13.34 -29.91 30.10
N GLU A 174 -14.01 -28.86 29.62
CA GLU A 174 -15.32 -28.49 30.17
C GLU A 174 -16.41 -29.43 29.68
N ASP A 175 -16.38 -29.78 28.40
CA ASP A 175 -17.39 -30.64 27.78
C ASP A 175 -16.95 -32.10 27.89
N LYS A 176 -17.71 -33.00 27.24
CA LYS A 176 -17.30 -34.40 27.18
C LYS A 176 -16.27 -34.59 26.07
N VAL A 177 -15.09 -35.04 26.46
CA VAL A 177 -13.94 -35.16 25.56
C VAL A 177 -13.33 -36.54 25.80
N LEU A 178 -13.16 -37.32 24.73
CA LEU A 178 -12.56 -38.65 24.84
C LEU A 178 -11.07 -38.55 25.14
N GLY A 179 -10.62 -39.37 26.07
CA GLY A 179 -9.26 -39.32 26.59
C GLY A 179 -9.23 -39.02 28.07
N THR A 180 -8.02 -38.97 28.60
CA THR A 180 -7.80 -38.75 30.03
C THR A 180 -7.05 -37.44 30.26
N PHE A 181 -7.08 -36.99 31.52
CA PHE A 181 -6.49 -35.70 31.87
C PHE A 181 -5.91 -35.81 33.28
N GLU A 182 -4.67 -35.38 33.43
CA GLU A 182 -4.01 -35.39 34.74
C GLU A 182 -3.45 -34.01 35.03
N PHE A 183 -3.83 -33.43 36.16
CA PHE A 183 -3.37 -32.11 36.55
C PHE A 183 -1.91 -32.11 36.97
N ASP A 184 -1.18 -31.10 36.53
CA ASP A 184 0.19 -30.89 36.98
C ASP A 184 0.18 -30.34 38.40
N GLU A 185 0.94 -30.97 39.30
CA GLU A 185 0.91 -30.62 40.71
C GLU A 185 1.65 -29.31 40.98
N THR A 186 2.79 -29.11 40.32
CA THR A 186 3.61 -27.91 40.50
C THR A 186 2.95 -26.66 39.92
N SER A 187 2.03 -26.82 38.95
CA SER A 187 1.16 -25.74 38.50
C SER A 187 0.24 -25.25 39.60
N PHE A 188 -0.16 -26.14 40.53
CA PHE A 188 -0.85 -25.77 41.77
C PHE A 188 0.00 -24.87 42.67
N TRP A 189 1.32 -24.96 42.59
CA TRP A 189 2.18 -24.03 43.33
C TRP A 189 2.55 -22.78 42.55
N ASN A 190 2.08 -22.60 41.30
CA ASN A 190 2.40 -21.35 40.63
C ASN A 190 1.19 -20.66 40.00
N SER A 191 0.20 -21.43 39.58
CA SER A 191 -0.96 -20.88 38.90
C SER A 191 -2.18 -20.93 39.81
N SER A 192 -3.00 -19.88 39.76
CA SER A 192 -4.30 -19.91 40.43
C SER A 192 -5.28 -20.82 39.71
N HIS A 193 -5.13 -20.97 38.39
CA HIS A 193 -5.89 -21.91 37.59
C HIS A 193 -4.94 -22.99 37.11
N PRO A 194 -4.90 -24.16 37.76
CA PRO A 194 -3.91 -25.19 37.38
C PRO A 194 -4.29 -25.92 36.11
N ARG A 195 -3.29 -26.53 35.50
CA ARG A 195 -3.38 -27.16 34.19
C ARG A 195 -2.77 -28.56 34.26
N GLY A 196 -2.86 -29.30 33.17
CA GLY A 196 -2.40 -30.67 33.18
C GLY A 196 -2.20 -31.24 31.80
N TRP A 197 -1.61 -32.42 31.74
CA TRP A 197 -1.37 -33.07 30.45
C TRP A 197 -2.63 -33.72 29.97
N ASN A 198 -2.68 -34.07 28.69
CA ASN A 198 -3.85 -34.77 28.18
C ASN A 198 -3.50 -35.61 26.98
N ASP A 199 -4.27 -36.65 26.73
CA ASP A 199 -4.08 -37.49 25.56
C ASP A 199 -5.31 -37.46 24.66
N HIS A 200 -5.87 -36.26 24.45
CA HIS A 200 -7.20 -36.11 23.88
C HIS A 200 -7.12 -36.02 22.36
N VAL A 201 -7.77 -36.95 21.66
CA VAL A 201 -7.78 -36.98 20.21
C VAL A 201 -9.06 -36.31 19.69
N HIS A 202 -8.92 -35.54 18.62
CA HIS A 202 -10.04 -34.83 17.99
C HIS A 202 -9.86 -34.82 16.48
N ILE A 203 -10.99 -34.68 15.78
CA ILE A 203 -11.03 -34.54 14.32
C ILE A 203 -11.59 -33.16 14.02
N LEU A 204 -10.90 -32.42 13.15
CA LEU A 204 -11.45 -31.20 12.56
C LEU A 204 -11.51 -31.37 11.05
N ASP A 205 -12.72 -31.38 10.50
CA ASP A 205 -12.92 -31.43 9.06
C ASP A 205 -12.85 -30.00 8.52
N THR A 206 -11.88 -29.77 7.62
CA THR A 206 -11.58 -28.42 7.16
C THR A 206 -12.58 -27.92 6.13
N GLU A 207 -13.11 -28.82 5.28
CA GLU A 207 -14.05 -28.40 4.24
C GLU A 207 -15.43 -28.09 4.80
N THR A 208 -15.91 -28.90 5.74
CA THR A 208 -17.19 -28.63 6.39
C THR A 208 -17.03 -27.87 7.69
N PHE A 209 -15.78 -27.73 8.18
CA PHE A 209 -15.40 -27.16 9.49
C PHE A 209 -16.14 -27.83 10.64
N THR A 210 -15.88 -29.13 10.81
CA THR A 210 -16.63 -29.96 11.74
C THR A 210 -15.71 -30.46 12.85
N TRP A 211 -16.05 -30.11 14.10
CA TRP A 211 -15.44 -30.78 15.25
C TRP A 211 -16.13 -32.12 15.49
N SER A 212 -15.33 -33.18 15.62
CA SER A 212 -15.83 -34.49 16.00
C SER A 212 -14.74 -35.24 16.74
N GLN A 213 -15.06 -36.45 17.19
CA GLN A 213 -14.10 -37.27 17.93
C GLN A 213 -14.11 -38.69 17.37
N PRO A 214 -12.95 -39.34 17.25
CA PRO A 214 -12.92 -40.70 16.71
C PRO A 214 -13.04 -41.76 17.80
N ILE A 215 -13.19 -43.01 17.33
CA ILE A 215 -13.05 -44.16 18.20
C ILE A 215 -11.57 -44.51 18.23
N THR A 216 -11.15 -45.33 19.19
CA THR A 216 -9.77 -45.77 19.27
C THR A 216 -9.71 -47.21 19.78
N THR A 217 -8.65 -47.91 19.39
CA THR A 217 -8.38 -49.27 19.82
C THR A 217 -6.91 -49.39 20.22
N GLY A 218 -6.59 -50.47 20.92
CA GLY A 218 -5.24 -50.69 21.39
C GLY A 218 -4.96 -49.96 22.69
N LYS A 219 -3.76 -50.16 23.20
CA LYS A 219 -3.34 -49.53 24.45
C LYS A 219 -2.96 -48.09 24.15
N ALA A 220 -3.81 -47.15 24.56
CA ALA A 220 -3.52 -45.74 24.43
C ALA A 220 -2.41 -45.35 25.41
N PRO A 221 -1.45 -44.50 24.97
CA PRO A 221 -0.34 -44.19 25.87
C PRO A 221 -0.70 -43.09 26.85
N SER A 222 0.08 -42.95 27.91
CA SER A 222 -0.19 -41.92 28.91
C SER A 222 -0.10 -40.53 28.31
N PRO A 223 -1.05 -39.65 28.66
CA PRO A 223 -0.96 -38.27 28.19
C PRO A 223 0.36 -37.68 28.60
N ARG A 224 0.88 -36.73 27.82
CA ARG A 224 2.17 -36.13 28.13
C ARG A 224 2.33 -34.82 27.39
N ALA A 225 3.41 -34.11 27.66
CA ALA A 225 3.63 -32.83 27.01
C ALA A 225 4.98 -32.78 26.30
N ALA A 226 5.17 -31.81 25.43
CA ALA A 226 6.42 -31.68 24.64
C ALA A 226 6.74 -32.95 23.87
N HIS A 227 5.70 -33.51 23.26
CA HIS A 227 5.87 -34.72 22.47
C HIS A 227 5.98 -34.38 21.01
N ALA A 228 6.72 -35.18 20.26
CA ALA A 228 6.92 -34.95 18.83
C ALA A 228 6.03 -35.90 18.03
N CYS A 229 5.38 -35.36 17.02
CA CYS A 229 4.46 -36.10 16.17
C CYS A 229 4.99 -36.15 14.74
N ALA A 230 4.56 -37.18 14.00
CA ALA A 230 5.07 -37.39 12.65
C ALA A 230 4.03 -38.14 11.82
N THR A 231 3.87 -37.71 10.56
CA THR A 231 2.89 -38.27 9.64
C THR A 231 3.60 -38.92 8.47
N VAL A 232 3.38 -40.23 8.28
CA VAL A 232 3.68 -40.87 6.98
C VAL A 232 2.64 -41.97 6.73
N GLY A 233 2.08 -41.96 5.53
CA GLY A 233 1.11 -42.96 5.08
C GLY A 233 -0.24 -42.89 5.78
N ASN A 234 -0.51 -43.92 6.59
CA ASN A 234 -1.62 -43.92 7.52
C ASN A 234 -1.11 -44.13 8.94
N ARG A 235 0.11 -43.69 9.21
CA ARG A 235 0.78 -43.85 10.49
C ARG A 235 1.14 -42.49 11.05
N GLY A 236 0.78 -42.26 12.31
CA GLY A 236 1.20 -41.07 13.02
C GLY A 236 1.94 -41.40 14.30
N PHE A 237 3.22 -41.07 14.35
CA PHE A 237 4.10 -41.44 15.46
C PHE A 237 4.12 -40.31 16.48
N VAL A 238 4.16 -40.68 17.77
CA VAL A 238 4.46 -39.76 18.85
C VAL A 238 5.67 -40.29 19.63
N PHE A 239 6.47 -39.37 20.18
CA PHE A 239 7.69 -39.81 20.86
C PHE A 239 8.37 -38.87 21.84
N GLY A 240 8.37 -39.22 23.12
CA GLY A 240 9.07 -38.40 24.11
C GLY A 240 8.16 -37.46 24.86
N GLY A 241 8.72 -36.35 25.32
CA GLY A 241 7.94 -35.40 26.09
C GLY A 241 8.14 -35.57 27.58
N ARG A 242 7.15 -35.17 28.36
CA ARG A 242 7.25 -35.31 29.81
C ARG A 242 5.90 -35.48 30.48
N TYR A 243 5.38 -36.70 30.49
CA TYR A 243 4.12 -36.97 31.18
C TYR A 243 4.28 -36.64 32.65
N ARG A 244 5.43 -37.00 33.20
CA ARG A 244 5.72 -36.72 34.60
C ARG A 244 7.17 -36.28 34.70
N ASP A 245 7.60 -35.84 35.87
CA ASP A 245 8.96 -35.33 36.01
C ASP A 245 9.99 -36.19 35.29
N ALA A 246 9.85 -37.51 35.40
CA ALA A 246 10.81 -38.41 34.76
C ALA A 246 10.54 -38.54 33.27
N ARG A 247 11.18 -37.72 32.46
CA ARG A 247 10.93 -37.73 31.01
C ARG A 247 11.13 -39.10 30.39
N MET A 248 10.36 -39.41 29.35
CA MET A 248 10.44 -40.73 28.74
C MET A 248 11.13 -40.77 27.38
N ASN A 249 11.15 -41.94 26.76
CA ASN A 249 11.77 -42.10 25.45
C ASN A 249 11.06 -43.22 24.72
N ASP A 250 9.78 -43.41 25.04
CA ASP A 250 9.00 -44.46 24.40
C ASP A 250 8.43 -43.97 23.09
N LEU A 251 8.27 -44.87 22.14
CA LEU A 251 7.74 -44.52 20.84
C LEU A 251 6.42 -45.22 20.58
N HIS A 252 5.42 -44.46 20.16
CA HIS A 252 4.12 -45.05 19.86
C HIS A 252 3.54 -44.46 18.61
N TYR A 253 2.73 -45.22 17.88
CA TYR A 253 2.06 -44.65 16.73
C TYR A 253 0.59 -45.01 16.76
N LEU A 254 -0.23 -44.04 16.37
CA LEU A 254 -1.64 -44.24 16.12
C LEU A 254 -1.88 -44.46 14.63
N ASN A 255 -2.72 -45.43 14.32
CA ASN A 255 -3.17 -45.61 12.95
C ASN A 255 -4.11 -44.48 12.56
N LEU A 256 -3.96 -44.01 11.33
CA LEU A 256 -4.76 -42.91 10.82
C LEU A 256 -5.99 -43.40 10.07
N ASP A 257 -6.13 -44.72 9.89
CA ASP A 257 -7.30 -45.32 9.28
C ASP A 257 -8.09 -46.20 10.24
N THR A 258 -7.45 -47.18 10.87
CA THR A 258 -8.15 -48.11 11.75
C THR A 258 -8.14 -47.67 13.21
N TRP A 259 -7.38 -46.62 13.53
CA TRP A 259 -7.21 -46.02 14.87
C TRP A 259 -6.76 -47.02 15.93
N GLU A 260 -5.77 -47.84 15.58
CA GLU A 260 -5.14 -48.73 16.55
C GLU A 260 -3.86 -48.09 17.08
N TRP A 261 -3.64 -48.23 18.39
CA TRP A 261 -2.49 -47.65 19.07
C TRP A 261 -1.45 -48.76 19.26
N ASN A 262 -0.25 -48.54 18.73
CA ASN A 262 0.81 -49.55 18.81
C ASN A 262 2.06 -48.91 19.36
N GLU A 263 2.49 -49.35 20.54
CA GLU A 263 3.78 -48.97 21.11
C GLU A 263 4.86 -49.77 20.41
N LEU A 264 5.67 -49.09 19.61
CA LEU A 264 6.71 -49.76 18.86
C LEU A 264 8.07 -49.19 19.21
N ILE A 265 8.95 -50.02 19.78
CA ILE A 265 10.27 -49.56 20.16
C ILE A 265 11.33 -49.99 19.15
N PRO A 266 11.91 -49.02 18.44
CA PRO A 266 12.93 -49.32 17.44
C PRO A 266 14.14 -50.02 18.04
N GLN A 267 14.75 -50.92 17.28
CA GLN A 267 15.92 -51.64 17.75
C GLN A 267 17.16 -50.78 17.67
N GLY A 268 18.32 -51.38 17.87
CA GLY A 268 19.57 -50.64 17.81
C GLY A 268 19.75 -49.75 19.02
N ILE A 269 20.75 -48.87 18.97
CA ILE A 269 21.01 -47.97 20.09
C ILE A 269 19.78 -47.13 20.41
N CYS A 270 19.66 -46.70 21.67
CA CYS A 270 18.54 -45.86 22.08
C CYS A 270 19.03 -44.69 22.91
N PRO A 271 18.44 -43.50 22.71
CA PRO A 271 18.90 -42.31 23.43
C PRO A 271 18.24 -42.14 24.80
N VAL A 272 18.77 -41.23 25.62
CA VAL A 272 18.20 -40.98 26.94
C VAL A 272 16.84 -40.31 26.70
N GLY A 273 15.99 -40.29 27.72
CA GLY A 273 14.70 -39.64 27.61
C GLY A 273 14.82 -38.12 27.52
N ARG A 274 13.97 -37.51 26.70
CA ARG A 274 14.13 -36.10 26.36
C ARG A 274 12.77 -35.44 26.23
N SER A 275 12.80 -34.13 26.00
CA SER A 275 11.59 -33.36 25.75
C SER A 275 11.92 -32.19 24.84
N TRP A 276 10.85 -31.64 24.23
CA TRP A 276 10.85 -30.52 23.26
C TRP A 276 11.73 -30.80 22.04
N HIS A 277 11.74 -32.05 21.61
CA HIS A 277 12.39 -32.47 20.38
C HIS A 277 11.42 -32.38 19.21
N SER A 278 11.88 -32.85 18.05
CA SER A 278 11.19 -32.58 16.79
C SER A 278 11.38 -33.76 15.85
N LEU A 279 10.33 -34.55 15.67
CA LEU A 279 10.36 -35.69 14.76
C LEU A 279 9.93 -35.25 13.37
N THR A 280 10.79 -35.47 12.38
CA THR A 280 10.59 -34.92 11.05
C THR A 280 10.72 -36.04 10.01
N PRO A 281 9.79 -36.12 9.05
CA PRO A 281 9.91 -37.15 8.01
C PRO A 281 11.00 -36.83 6.99
N VAL A 282 11.98 -37.71 6.88
CA VAL A 282 12.99 -37.56 5.84
C VAL A 282 12.48 -38.32 4.65
N SER A 283 12.11 -39.58 4.88
CA SER A 283 11.55 -40.40 3.81
C SER A 283 10.45 -41.30 4.35
N SER A 284 9.83 -42.08 3.47
CA SER A 284 8.76 -42.98 3.87
C SER A 284 9.25 -44.18 4.68
N ASP A 285 10.57 -44.34 4.78
CA ASP A 285 11.11 -45.39 5.62
C ASP A 285 12.06 -44.74 6.61
N HIS A 286 11.93 -43.43 6.81
CA HIS A 286 12.88 -42.74 7.67
C HIS A 286 12.38 -41.52 8.45
N LEU A 287 12.93 -41.32 9.64
CA LEU A 287 12.57 -40.18 10.48
C LEU A 287 13.83 -39.56 11.09
N PHE A 288 13.76 -38.26 11.38
CA PHE A 288 14.84 -37.50 11.99
C PHE A 288 14.41 -36.84 13.29
N LEU A 289 15.28 -36.91 14.30
CA LEU A 289 15.08 -36.22 15.57
C LEU A 289 16.32 -35.37 15.86
N PHE A 290 16.09 -34.11 16.21
CA PHE A 290 17.14 -33.20 16.65
C PHE A 290 16.86 -32.74 18.08
N GLY A 291 17.88 -32.79 18.91
CA GLY A 291 17.84 -32.14 20.21
C GLY A 291 17.06 -32.90 21.26
N GLY A 292 16.86 -32.23 22.38
CA GLY A 292 16.14 -32.80 23.50
C GLY A 292 16.47 -32.07 24.78
N PHE A 293 15.87 -32.55 25.87
CA PHE A 293 15.95 -31.91 27.18
C PHE A 293 15.66 -32.95 28.24
N THR A 294 16.68 -33.31 29.02
CA THR A 294 16.64 -34.50 29.86
C THR A 294 15.85 -34.26 31.14
N THR A 295 15.82 -35.29 32.00
CA THR A 295 15.13 -35.22 33.28
C THR A 295 15.88 -34.33 34.27
N ASP A 296 17.22 -34.33 34.21
CA ASP A 296 18.05 -33.45 35.02
C ASP A 296 18.42 -32.15 34.30
N LYS A 297 17.58 -31.73 33.33
CA LYS A 297 17.58 -30.41 32.68
C LYS A 297 18.86 -30.13 31.88
N GLN A 298 19.26 -31.11 31.08
CA GLN A 298 20.38 -30.95 30.15
C GLN A 298 19.86 -30.68 28.75
N PRO A 299 20.16 -29.53 28.15
CA PRO A 299 19.75 -29.29 26.76
C PRO A 299 20.61 -30.08 25.78
N LEU A 300 19.97 -30.90 24.97
CA LEU A 300 20.65 -31.89 24.14
C LEU A 300 20.86 -31.35 22.73
N SER A 301 21.94 -31.79 22.09
CA SER A 301 22.22 -31.42 20.71
C SER A 301 22.53 -32.62 19.83
N ASP A 302 22.23 -33.83 20.29
CA ASP A 302 22.51 -35.03 19.50
C ASP A 302 21.40 -35.29 18.48
N ALA A 303 21.76 -35.92 17.38
CA ALA A 303 20.84 -36.20 16.28
C ALA A 303 20.62 -37.70 16.17
N TRP A 304 19.38 -38.09 15.85
CA TRP A 304 19.06 -39.51 15.71
C TRP A 304 18.10 -39.70 14.54
N THR A 305 18.28 -40.80 13.81
CA THR A 305 17.40 -41.08 12.68
C THR A 305 16.72 -42.43 12.89
N TYR A 306 15.54 -42.62 12.33
CA TYR A 306 14.80 -43.85 12.56
C TYR A 306 14.37 -44.55 11.28
N CYS A 307 14.51 -45.88 11.26
CA CYS A 307 14.08 -46.64 10.09
C CYS A 307 12.78 -47.36 10.41
N ILE A 308 11.69 -46.95 9.75
CA ILE A 308 10.40 -47.56 10.02
C ILE A 308 10.37 -49.04 9.65
N SER A 309 10.86 -49.37 8.47
CA SER A 309 10.85 -50.76 8.02
C SER A 309 11.65 -51.64 8.96
N LYS A 310 12.84 -51.18 9.34
CA LYS A 310 13.68 -51.95 10.25
C LYS A 310 13.33 -51.63 11.70
N ASN A 311 12.47 -50.65 11.92
CA ASN A 311 12.13 -50.24 13.28
C ASN A 311 13.40 -50.17 14.11
N GLU A 312 14.28 -49.24 13.79
CA GLU A 312 15.56 -49.16 14.51
C GLU A 312 16.01 -47.73 14.79
N TRP A 313 16.58 -47.52 15.97
CA TRP A 313 17.09 -46.19 16.31
C TRP A 313 18.61 -46.16 16.14
N ILE A 314 19.11 -45.14 15.44
CA ILE A 314 20.54 -45.02 15.22
C ILE A 314 20.96 -43.57 15.48
N GLN A 315 22.25 -43.32 15.66
CA GLN A 315 22.66 -41.97 16.04
C GLN A 315 23.45 -41.29 14.92
N PHE A 316 23.01 -40.09 14.54
CA PHE A 316 23.67 -39.26 13.53
C PHE A 316 24.61 -38.26 14.17
N ASN A 317 25.76 -38.04 13.54
CA ASN A 317 26.72 -37.05 13.98
C ASN A 317 26.79 -35.92 12.96
N HIS A 318 27.13 -34.73 13.45
CA HIS A 318 26.92 -33.47 12.74
C HIS A 318 27.79 -32.37 13.32
N PRO A 319 28.22 -31.38 12.53
CA PRO A 319 29.12 -30.34 13.07
C PRO A 319 28.44 -29.27 13.93
N TYR A 320 27.13 -29.30 14.11
CA TYR A 320 26.45 -28.33 14.97
C TYR A 320 26.14 -28.92 16.34
N THR A 321 27.05 -29.74 16.87
CA THR A 321 26.92 -30.43 18.15
C THR A 321 27.12 -29.48 19.32
N GLU A 322 27.73 -28.32 19.11
CA GLU A 322 27.91 -27.30 20.13
C GLU A 322 26.67 -26.45 20.38
N LYS A 323 25.59 -26.63 19.60
CA LYS A 323 24.40 -25.80 19.67
C LYS A 323 23.18 -26.63 20.05
N PRO A 324 22.82 -26.71 21.33
CA PRO A 324 21.53 -27.33 21.69
C PRO A 324 20.37 -26.36 21.56
N ARG A 325 19.27 -26.86 20.99
CA ARG A 325 18.07 -26.07 20.77
C ARG A 325 16.85 -26.81 21.28
N LEU A 326 15.90 -26.06 21.86
CA LEU A 326 14.64 -26.64 22.31
C LEU A 326 13.55 -25.58 22.22
N TRP A 327 12.29 -26.06 22.12
CA TRP A 327 11.17 -25.38 21.46
C TRP A 327 11.59 -24.88 20.07
N HIS A 328 12.22 -25.74 19.29
CA HIS A 328 12.71 -25.37 17.97
C HIS A 328 11.77 -25.90 16.91
N THR A 329 11.86 -25.31 15.73
CA THR A 329 11.07 -25.75 14.58
C THR A 329 11.99 -26.46 13.61
N ALA A 330 11.83 -27.78 13.51
CA ALA A 330 12.49 -28.57 12.48
C ALA A 330 11.44 -29.07 11.50
N CYS A 331 11.61 -28.71 10.24
CA CYS A 331 10.74 -29.24 9.21
C CYS A 331 11.56 -29.61 7.98
N ALA A 332 10.97 -30.45 7.14
CA ALA A 332 11.66 -31.06 6.01
C ALA A 332 11.46 -30.22 4.77
N SER A 333 12.52 -30.00 4.01
CA SER A 333 12.44 -29.17 2.80
C SER A 333 12.33 -30.02 1.55
N ASP A 334 12.31 -29.37 0.40
CA ASP A 334 12.25 -30.11 -0.86
C ASP A 334 13.48 -31.00 -0.96
N GLU A 335 14.63 -30.48 -0.54
CA GLU A 335 15.84 -31.28 -0.56
C GLU A 335 15.77 -32.38 0.50
N GLY A 336 14.85 -32.23 1.44
CA GLY A 336 14.72 -33.22 2.50
C GLY A 336 15.53 -32.80 3.71
N GLU A 337 16.30 -31.73 3.55
CA GLU A 337 17.11 -31.24 4.67
C GLU A 337 16.21 -30.85 5.82
N VAL A 338 16.59 -31.24 7.03
CA VAL A 338 15.82 -30.88 8.21
C VAL A 338 16.27 -29.52 8.70
N ILE A 339 15.50 -28.48 8.38
CA ILE A 339 15.89 -27.13 8.77
C ILE A 339 15.33 -26.87 10.16
N VAL A 340 16.24 -26.51 11.09
CA VAL A 340 15.92 -26.11 12.44
C VAL A 340 16.08 -24.59 12.52
N PHE A 341 15.00 -23.89 12.85
CA PHE A 341 15.05 -22.49 13.21
C PHE A 341 14.44 -22.32 14.60
N GLY A 342 15.08 -21.50 15.42
CA GLY A 342 14.60 -21.21 16.76
C GLY A 342 15.45 -21.86 17.82
N GLY A 343 14.90 -22.03 19.01
CA GLY A 343 15.62 -22.78 20.03
C GLY A 343 16.37 -21.90 21.01
N CYS A 344 16.53 -22.42 22.22
CA CYS A 344 17.28 -21.75 23.28
C CYS A 344 18.55 -22.54 23.57
N ALA A 345 19.66 -21.82 23.76
CA ALA A 345 20.98 -22.44 23.82
C ALA A 345 21.27 -23.13 25.16
N ASN A 346 20.45 -22.88 26.19
CA ASN A 346 20.67 -23.45 27.51
C ASN A 346 19.31 -23.68 28.14
N ASN A 347 19.29 -23.81 29.47
CA ASN A 347 18.05 -24.08 30.19
C ASN A 347 17.20 -22.81 30.27
N LEU A 348 16.04 -22.83 29.61
CA LEU A 348 15.16 -21.67 29.54
C LEU A 348 14.23 -21.59 30.74
N LEU A 349 14.20 -22.63 31.58
CA LEU A 349 13.42 -22.61 32.82
C LEU A 349 14.02 -21.62 33.82
N VAL A 350 15.33 -21.52 33.85
CA VAL A 350 15.99 -20.34 34.40
C VAL A 350 15.77 -19.25 33.36
N HIS A 351 14.82 -18.35 33.64
CA HIS A 351 14.45 -17.32 32.68
C HIS A 351 15.42 -16.14 32.65
N HIS A 352 16.33 -16.05 33.63
CA HIS A 352 17.41 -15.07 33.56
C HIS A 352 18.42 -15.46 32.49
N ARG A 353 18.61 -16.77 32.27
CA ARG A 353 19.52 -17.29 31.25
C ARG A 353 18.77 -18.04 30.15
N ALA A 354 17.68 -17.46 29.65
CA ALA A 354 16.98 -18.01 28.49
C ALA A 354 17.61 -17.43 27.24
N ALA A 355 18.77 -17.98 26.87
CA ALA A 355 19.55 -17.48 25.74
C ALA A 355 19.04 -18.15 24.47
N HIS A 356 18.10 -17.49 23.80
CA HIS A 356 17.56 -18.00 22.56
C HIS A 356 18.51 -17.71 21.40
N SER A 357 18.26 -18.36 20.27
CA SER A 357 19.08 -18.20 19.08
C SER A 357 18.19 -17.99 17.86
N ASN A 358 18.75 -17.31 16.86
CA ASN A 358 18.07 -17.08 15.59
C ASN A 358 18.82 -17.70 14.40
N GLU A 359 19.66 -18.70 14.66
CA GLU A 359 20.46 -19.31 13.61
C GLU A 359 19.64 -20.35 12.85
N ILE A 360 20.24 -20.85 11.77
CA ILE A 360 19.64 -21.90 10.94
C ILE A 360 20.56 -23.11 11.03
N LEU A 361 20.01 -24.25 11.46
CA LEU A 361 20.74 -25.50 11.47
C LEU A 361 20.19 -26.40 10.38
N ILE A 362 21.03 -26.70 9.38
CA ILE A 362 20.66 -27.55 8.25
C ILE A 362 21.25 -28.92 8.49
N PHE A 363 20.43 -29.96 8.36
CA PHE A 363 20.91 -31.33 8.52
C PHE A 363 20.51 -32.14 7.31
N SER A 364 21.49 -32.65 6.58
CA SER A 364 21.20 -33.38 5.34
C SER A 364 21.31 -34.89 5.50
N VAL A 365 20.50 -35.48 6.37
CA VAL A 365 20.49 -36.93 6.50
C VAL A 365 20.27 -37.44 5.10
N GLN A 366 19.44 -36.73 4.35
CA GLN A 366 19.24 -37.08 2.94
C GLN A 366 20.21 -36.27 2.12
N PRO A 367 21.22 -36.93 1.54
CA PRO A 367 22.25 -36.20 0.79
C PRO A 367 21.63 -35.21 -0.19
N LYS A 368 22.12 -33.98 -0.20
CA LYS A 368 21.60 -32.96 -1.12
C LYS A 368 21.64 -33.48 -2.55
N SER A 369 20.77 -32.93 -3.39
CA SER A 369 20.72 -33.39 -4.78
C SER A 369 21.97 -32.97 -5.52
N LEU A 370 22.28 -33.65 -6.62
CA LEU A 370 23.45 -33.29 -7.41
C LEU A 370 23.31 -31.85 -7.88
N VAL A 371 22.09 -31.43 -8.23
CA VAL A 371 21.87 -30.05 -8.61
C VAL A 371 22.12 -29.15 -7.42
N ARG A 372 21.65 -29.57 -6.25
CA ARG A 372 21.83 -28.77 -5.03
C ARG A 372 23.30 -28.55 -4.75
N LEU A 373 24.07 -29.63 -4.75
CA LEU A 373 25.51 -29.51 -4.50
C LEU A 373 26.16 -28.72 -5.62
N SER A 374 25.67 -28.89 -6.85
CA SER A 374 26.20 -28.14 -7.97
C SER A 374 26.04 -26.66 -7.70
N LEU A 375 24.86 -26.25 -7.22
CA LEU A 375 24.65 -24.85 -6.90
C LEU A 375 25.52 -24.37 -5.75
N GLU A 376 25.85 -25.25 -4.80
CA GLU A 376 26.78 -24.92 -3.72
C GLU A 376 28.24 -25.09 -4.13
N ALA A 377 28.50 -25.69 -5.29
CA ALA A 377 29.86 -25.82 -5.80
C ALA A 377 30.41 -24.50 -6.32
N VAL A 378 29.55 -23.63 -6.85
CA VAL A 378 30.00 -22.33 -7.36
C VAL A 378 30.09 -21.32 -6.22
N ILE A 379 29.45 -21.62 -5.08
CA ILE A 379 29.65 -20.88 -3.83
C ILE A 379 31.08 -21.07 -3.35
N CYS A 380 31.72 -19.93 -2.99
CA CYS A 380 33.06 -19.67 -2.43
C CYS A 380 34.18 -19.79 -3.48
N PHE A 381 33.88 -20.27 -4.69
CA PHE A 381 34.82 -20.21 -5.80
C PHE A 381 34.48 -19.07 -6.76
N LYS A 382 33.82 -18.04 -6.24
CA LYS A 382 33.53 -16.83 -7.01
C LYS A 382 34.79 -16.00 -7.18
N GLU A 383 34.92 -15.42 -8.39
CA GLU A 383 35.91 -14.39 -8.78
C GLU A 383 37.37 -14.86 -8.68
N MET A 384 37.64 -16.16 -8.85
CA MET A 384 38.98 -16.62 -9.19
C MET A 384 39.10 -17.11 -10.62
N LEU A 385 38.27 -18.08 -11.03
CA LEU A 385 38.36 -18.65 -12.36
C LEU A 385 37.58 -17.80 -13.34
N ALA A 386 38.18 -17.55 -14.50
CA ALA A 386 37.51 -16.88 -15.61
C ALA A 386 37.01 -17.85 -16.66
N ASN A 387 37.50 -19.08 -16.67
CA ASN A 387 37.10 -20.08 -17.66
C ASN A 387 35.99 -21.01 -17.15
N PRO A 393 23.39 -28.80 -26.34
CA PRO A 393 22.19 -28.46 -25.57
C PRO A 393 21.05 -28.06 -26.47
N LYS A 394 20.83 -26.76 -26.64
CA LYS A 394 19.76 -26.29 -27.52
C LYS A 394 18.44 -26.90 -27.10
N HIS A 395 17.80 -27.67 -27.98
CA HIS A 395 16.56 -28.33 -27.65
C HIS A 395 16.77 -29.21 -26.44
N LEU A 396 17.93 -29.84 -26.36
CA LEU A 396 18.24 -30.68 -25.20
C LEU A 396 18.25 -29.81 -23.97
N LEU A 397 18.89 -28.65 -24.06
CA LEU A 397 18.88 -27.72 -22.93
C LEU A 397 17.49 -27.18 -22.72
N HIS A 398 16.73 -27.07 -23.80
CA HIS A 398 15.36 -26.58 -23.68
C HIS A 398 14.50 -27.59 -22.93
N SER A 399 14.47 -28.83 -23.38
CA SER A 399 13.64 -29.83 -22.73
C SER A 399 13.81 -29.81 -21.21
N VAL A 400 15.00 -29.43 -20.72
CA VAL A 400 15.32 -29.62 -19.31
C VAL A 400 14.98 -28.42 -18.44
N ASN A 401 14.59 -27.30 -19.02
CA ASN A 401 14.39 -26.08 -18.22
C ASN A 401 13.06 -25.94 -17.50
N GLN A 402 11.97 -26.37 -18.13
CA GLN A 402 10.65 -26.17 -17.57
C GLN A 402 10.48 -26.98 -16.31
N ARG A 403 11.05 -28.18 -16.29
CA ARG A 403 10.96 -29.02 -15.12
C ARG A 403 11.54 -28.26 -13.95
N PHE A 404 12.59 -27.50 -14.21
CA PHE A 404 13.19 -26.69 -13.17
C PHE A 404 12.54 -25.31 -13.18
N GLY A 405 11.89 -24.97 -14.28
CA GLY A 405 11.28 -23.65 -14.38
C GLY A 405 12.34 -22.62 -14.01
N SER A 406 13.58 -22.88 -14.37
CA SER A 406 14.69 -22.00 -14.00
C SER A 406 14.64 -20.62 -14.64
N ASN A 407 14.31 -20.56 -15.93
CA ASN A 407 14.36 -19.27 -16.63
C ASN A 407 13.49 -18.17 -16.06
N ASN A 408 14.03 -16.96 -15.97
CA ASN A 408 13.29 -15.81 -15.47
C ASN A 408 14.12 -14.59 -15.82
N THR A 409 13.69 -13.40 -15.45
CA THR A 409 14.54 -12.24 -15.71
C THR A 409 14.71 -11.42 -14.45
N SER A 410 14.80 -12.10 -13.31
CA SER A 410 14.93 -11.44 -12.02
C SER A 410 16.40 -11.23 -11.68
N GLY A 411 16.66 -10.81 -10.44
CA GLY A 411 18.02 -10.58 -9.98
C GLY A 411 18.66 -9.32 -10.49
N SER A 412 17.85 -8.34 -10.88
CA SER A 412 18.39 -7.09 -11.41
C SER A 412 17.69 -5.87 -10.81
N MET B 1 32.06 -55.13 6.58
CA MET B 1 32.42 -53.73 6.49
C MET B 1 32.64 -53.39 5.01
N ASP B 2 31.92 -52.40 4.52
CA ASP B 2 31.79 -52.17 3.09
C ASP B 2 32.96 -51.35 2.55
N VAL B 3 33.58 -51.86 1.49
CA VAL B 3 34.56 -51.13 0.68
C VAL B 3 34.03 -51.09 -0.74
N PHE B 4 34.58 -50.19 -1.54
CA PHE B 4 33.94 -49.83 -2.80
C PHE B 4 34.99 -49.49 -3.85
N LEU B 5 34.84 -50.07 -5.04
CA LEU B 5 35.89 -50.08 -6.06
C LEU B 5 35.40 -49.52 -7.38
N MET B 6 36.37 -49.04 -8.17
CA MET B 6 36.17 -48.24 -9.39
C MET B 6 37.07 -48.78 -10.50
N ILE B 7 36.96 -50.08 -10.78
CA ILE B 7 37.85 -50.89 -11.60
C ILE B 7 37.87 -50.48 -13.08
N ARG B 8 39.04 -50.12 -13.62
CA ARG B 8 39.12 -49.38 -14.88
C ARG B 8 40.13 -49.98 -15.85
N ARG B 9 39.70 -50.16 -17.11
CA ARG B 9 40.52 -50.71 -18.20
C ARG B 9 39.86 -50.35 -19.53
N HIS B 10 40.62 -49.66 -20.40
CA HIS B 10 40.36 -49.40 -21.85
C HIS B 10 38.96 -48.84 -22.15
N LYS B 11 38.68 -47.68 -21.50
CA LYS B 11 37.36 -47.00 -21.47
C LYS B 11 36.24 -47.92 -20.99
N THR B 12 36.54 -48.76 -20.01
CA THR B 12 35.55 -49.65 -19.42
C THR B 12 35.81 -49.71 -17.92
N THR B 13 34.92 -49.14 -17.13
CA THR B 13 35.14 -49.07 -15.70
C THR B 13 33.86 -49.38 -14.94
N ILE B 14 34.05 -50.07 -13.81
CA ILE B 14 33.00 -50.84 -13.13
C ILE B 14 33.07 -50.44 -11.66
N PHE B 15 31.96 -50.00 -11.09
CA PHE B 15 31.93 -49.70 -9.66
C PHE B 15 31.22 -50.83 -8.93
N THR B 16 31.84 -51.31 -7.86
CA THR B 16 31.40 -52.51 -7.15
C THR B 16 31.63 -52.37 -5.66
N ASP B 17 30.60 -52.65 -4.86
CA ASP B 17 30.75 -52.74 -3.41
C ASP B 17 31.06 -54.18 -3.00
N ALA B 18 31.81 -54.31 -1.91
CA ALA B 18 32.20 -55.62 -1.41
C ALA B 18 32.45 -55.55 0.09
N LYS B 19 32.41 -56.70 0.75
CA LYS B 19 32.84 -56.77 2.13
C LYS B 19 34.36 -56.82 2.21
N GLU B 20 34.89 -56.56 3.42
CA GLU B 20 36.32 -56.41 3.61
C GLU B 20 37.08 -57.73 3.59
N SER B 21 36.40 -58.84 3.82
CA SER B 21 37.02 -60.16 3.78
C SER B 21 36.80 -60.87 2.45
N SER B 22 36.33 -60.15 1.44
CA SER B 22 36.20 -60.72 0.10
C SER B 22 37.56 -60.89 -0.53
N THR B 23 37.78 -62.03 -1.18
CA THR B 23 39.07 -62.26 -1.80
C THR B 23 39.14 -61.59 -3.16
N VAL B 24 40.36 -61.57 -3.72
CA VAL B 24 40.58 -61.16 -5.11
C VAL B 24 39.95 -62.17 -6.05
N PHE B 25 39.99 -63.46 -5.68
CA PHE B 25 39.29 -64.50 -6.44
C PHE B 25 37.78 -64.37 -6.34
N GLU B 26 37.25 -63.83 -5.23
CA GLU B 26 35.82 -63.50 -5.16
C GLU B 26 35.45 -62.37 -6.11
N LEU B 27 36.36 -61.40 -6.30
CA LEU B 27 36.18 -60.40 -7.35
C LEU B 27 36.35 -61.00 -8.75
N LYS B 28 37.08 -62.11 -8.87
CA LYS B 28 37.15 -62.81 -10.16
C LYS B 28 35.86 -63.57 -10.47
N ARG B 29 35.20 -64.14 -9.44
CA ARG B 29 33.83 -64.65 -9.60
C ARG B 29 32.84 -63.53 -9.91
N ILE B 30 33.07 -62.34 -9.35
CA ILE B 30 32.25 -61.16 -9.63
C ILE B 30 32.42 -60.71 -11.09
N VAL B 31 33.65 -60.73 -11.63
CA VAL B 31 33.87 -60.20 -12.97
C VAL B 31 33.44 -61.23 -14.03
N GLU B 32 33.46 -62.53 -13.67
CA GLU B 32 32.78 -63.54 -14.49
C GLU B 32 31.26 -63.41 -14.37
N GLY B 33 30.78 -62.90 -13.23
CA GLY B 33 29.37 -62.58 -13.12
C GLY B 33 28.93 -61.40 -13.97
N ILE B 34 29.81 -60.43 -14.20
CA ILE B 34 29.34 -59.24 -14.92
C ILE B 34 29.51 -59.41 -16.43
N LEU B 35 30.60 -60.07 -16.90
CA LEU B 35 30.82 -60.15 -18.34
C LEU B 35 31.25 -61.54 -18.82
N LYS B 36 30.77 -62.60 -18.16
CA LYS B 36 30.63 -63.97 -18.67
C LYS B 36 31.93 -64.67 -19.10
N ARG B 37 33.06 -64.27 -18.53
CA ARG B 37 34.33 -64.78 -19.01
C ARG B 37 35.17 -65.28 -17.83
N PRO B 38 35.77 -66.48 -17.93
CA PRO B 38 36.43 -67.13 -16.76
C PRO B 38 37.71 -66.42 -16.33
N PRO B 39 38.16 -66.59 -15.07
CA PRO B 39 39.27 -65.77 -14.56
C PRO B 39 40.67 -66.11 -15.07
N ASP B 40 40.85 -66.97 -16.07
CA ASP B 40 42.14 -67.09 -16.74
C ASP B 40 42.31 -66.07 -17.87
N GLU B 41 41.28 -65.26 -18.14
CA GLU B 41 41.36 -64.16 -19.08
C GLU B 41 41.41 -62.80 -18.40
N GLN B 42 41.40 -62.74 -17.07
CA GLN B 42 41.39 -61.49 -16.33
C GLN B 42 42.53 -61.46 -15.32
N ARG B 43 43.32 -60.40 -15.34
CA ARG B 43 44.39 -60.17 -14.35
C ARG B 43 44.17 -58.81 -13.71
N LEU B 44 44.37 -58.72 -12.39
CA LEU B 44 43.98 -57.53 -11.63
C LEU B 44 45.23 -56.89 -11.04
N TYR B 45 45.43 -55.58 -11.31
CA TYR B 45 46.65 -54.86 -10.97
C TYR B 45 46.35 -53.68 -10.06
N LYS B 46 46.73 -53.80 -8.79
CA LYS B 46 46.88 -52.64 -7.92
C LYS B 46 48.29 -52.08 -8.12
N ASP B 47 48.36 -50.82 -8.60
CA ASP B 47 49.52 -49.92 -8.85
C ASP B 47 50.80 -50.61 -9.38
N ASP B 48 50.60 -51.25 -10.55
CA ASP B 48 51.58 -52.10 -11.27
C ASP B 48 52.09 -53.25 -10.40
N GLN B 49 51.16 -53.96 -9.76
CA GLN B 49 51.47 -55.19 -9.03
C GLN B 49 50.25 -56.09 -9.08
N LEU B 50 50.46 -57.36 -9.44
CA LEU B 50 49.35 -58.30 -9.56
C LEU B 50 48.90 -58.78 -8.18
N LEU B 51 47.62 -58.63 -7.88
CA LEU B 51 47.06 -59.06 -6.61
C LEU B 51 46.87 -60.57 -6.62
N ASP B 52 47.33 -61.23 -5.56
CA ASP B 52 47.15 -62.68 -5.44
C ASP B 52 45.70 -63.00 -5.09
N ASP B 53 45.20 -64.11 -5.65
CA ASP B 53 43.77 -64.43 -5.61
C ASP B 53 43.30 -64.87 -4.23
N GLY B 54 44.17 -65.49 -3.44
CA GLY B 54 43.79 -65.94 -2.11
C GLY B 54 43.72 -64.86 -1.05
N LYS B 55 44.28 -63.68 -1.32
CA LYS B 55 44.30 -62.62 -0.33
C LYS B 55 42.98 -61.87 -0.31
N THR B 56 42.49 -61.58 0.90
CA THR B 56 41.43 -60.60 1.05
C THR B 56 42.00 -59.20 0.87
N LEU B 57 41.14 -58.26 0.49
CA LEU B 57 41.60 -56.91 0.16
C LEU B 57 41.82 -56.05 1.38
N GLY B 58 41.42 -56.49 2.58
CA GLY B 58 41.88 -55.86 3.80
C GLY B 58 43.37 -56.06 4.03
N GLU B 59 43.89 -57.23 3.65
CA GLU B 59 45.32 -57.47 3.65
C GLU B 59 46.03 -56.75 2.51
N CYS B 60 45.32 -56.44 1.42
CA CYS B 60 45.91 -55.74 0.29
C CYS B 60 45.95 -54.23 0.48
N GLY B 61 45.34 -53.71 1.55
CA GLY B 61 45.41 -52.30 1.86
C GLY B 61 44.18 -51.49 1.53
N PHE B 62 43.05 -52.12 1.19
CA PHE B 62 41.84 -51.39 0.82
C PHE B 62 40.85 -51.34 1.97
N THR B 63 41.06 -50.36 2.84
CA THR B 63 40.09 -50.04 3.88
C THR B 63 39.03 -49.10 3.32
N SER B 64 38.04 -48.77 4.17
CA SER B 64 37.00 -47.83 3.78
C SER B 64 37.48 -46.39 3.79
N GLN B 65 38.57 -46.09 4.50
CA GLN B 65 39.13 -44.74 4.46
C GLN B 65 39.83 -44.44 3.15
N THR B 66 40.49 -45.44 2.56
CA THR B 66 41.10 -45.29 1.25
C THR B 66 40.15 -45.60 0.11
N ALA B 67 39.01 -46.24 0.41
CA ALA B 67 37.96 -46.50 -0.58
C ALA B 67 36.65 -45.99 0.02
N ARG B 68 36.41 -44.69 -0.14
CA ARG B 68 35.21 -44.04 0.36
C ARG B 68 34.03 -44.36 -0.54
N PRO B 69 32.78 -44.12 -0.06
CA PRO B 69 31.65 -44.06 -0.99
C PRO B 69 31.53 -42.78 -1.79
N GLN B 70 32.42 -41.80 -1.59
CA GLN B 70 32.52 -40.64 -2.46
C GLN B 70 33.88 -40.49 -3.13
N ALA B 71 34.88 -41.25 -2.71
CA ALA B 71 36.25 -41.13 -3.21
C ALA B 71 36.86 -42.52 -3.30
N PRO B 72 36.87 -43.12 -4.49
CA PRO B 72 37.09 -44.57 -4.58
C PRO B 72 38.56 -44.91 -4.68
N ALA B 73 38.82 -46.22 -4.83
CA ALA B 73 40.13 -46.69 -5.22
C ALA B 73 40.10 -47.28 -6.63
N THR B 74 41.06 -46.88 -7.45
CA THR B 74 41.11 -47.29 -8.85
C THR B 74 42.18 -48.38 -9.01
N VAL B 75 41.74 -49.58 -9.37
CA VAL B 75 42.66 -50.68 -9.57
C VAL B 75 42.45 -51.25 -10.96
N GLY B 76 43.47 -51.21 -11.81
CA GLY B 76 43.32 -51.68 -13.17
C GLY B 76 43.11 -53.16 -13.36
N LEU B 77 42.20 -53.54 -14.25
CA LEU B 77 41.97 -54.95 -14.54
C LEU B 77 42.65 -55.30 -15.85
N ALA B 78 42.52 -56.55 -16.29
CA ALA B 78 43.12 -56.96 -17.56
C ALA B 78 42.33 -58.03 -18.28
N PHE B 79 41.41 -57.63 -19.15
CA PHE B 79 40.68 -58.61 -19.95
C PHE B 79 41.54 -59.00 -21.13
N ARG B 80 40.97 -59.76 -22.07
CA ARG B 80 41.79 -60.26 -23.20
C ARG B 80 43.18 -60.71 -22.76
N ALA B 81 43.26 -61.39 -21.63
CA ALA B 81 44.52 -61.73 -20.99
C ALA B 81 44.66 -63.23 -20.79
N ASP B 82 44.16 -64.02 -21.74
CA ASP B 82 44.52 -65.42 -21.79
C ASP B 82 45.97 -65.60 -22.23
N ASP B 83 46.45 -64.71 -23.10
CA ASP B 83 47.83 -64.72 -23.56
C ASP B 83 48.69 -63.87 -22.62
N THR B 84 49.24 -64.54 -21.58
CA THR B 84 50.20 -64.05 -20.58
C THR B 84 49.76 -62.81 -19.80
N PHE B 85 50.45 -61.68 -20.02
CA PHE B 85 50.44 -60.55 -19.08
C PHE B 85 50.16 -59.27 -19.88
N GLU B 86 48.88 -58.94 -20.01
CA GLU B 86 48.45 -57.71 -20.67
C GLU B 86 48.21 -56.63 -19.62
N ALA B 87 49.03 -55.58 -19.66
CA ALA B 87 49.00 -54.55 -18.63
C ALA B 87 47.83 -53.59 -18.83
N LEU B 88 47.59 -52.76 -17.81
CA LEU B 88 46.52 -51.78 -17.87
C LEU B 88 46.93 -50.60 -18.75
N CYS B 89 46.00 -50.17 -19.60
CA CYS B 89 46.21 -49.04 -20.51
C CYS B 89 44.86 -48.36 -20.70
N ILE B 90 44.68 -47.20 -20.10
CA ILE B 90 43.38 -46.55 -20.04
C ILE B 90 43.46 -45.26 -20.85
N GLU B 91 42.60 -45.16 -21.87
CA GLU B 91 42.38 -43.87 -22.51
C GLU B 91 41.65 -42.96 -21.53
N PRO B 92 42.17 -41.76 -21.26
CA PRO B 92 41.78 -41.03 -20.04
C PRO B 92 40.44 -40.33 -20.18
N PHE B 93 39.98 -39.81 -19.05
CA PHE B 93 38.73 -39.07 -18.99
C PHE B 93 38.92 -37.70 -19.63
N SER B 94 38.00 -37.34 -20.52
CA SER B 94 38.16 -36.14 -21.31
C SER B 94 37.82 -34.91 -20.48
N SER B 95 38.63 -33.86 -20.64
CA SER B 95 38.61 -32.71 -19.75
C SER B 95 37.42 -31.80 -20.08
N PRO B 96 36.57 -31.45 -19.11
CA PRO B 96 35.43 -30.58 -19.38
C PRO B 96 35.75 -29.08 -19.28
N MET C 1 19.37 -55.86 -13.88
CA MET C 1 19.97 -55.18 -12.75
C MET C 1 21.08 -54.25 -13.21
N TYR C 2 21.53 -54.41 -14.45
CA TYR C 2 22.60 -53.56 -14.98
C TYR C 2 22.24 -52.87 -16.28
N VAL C 3 22.94 -51.79 -16.59
CA VAL C 3 22.70 -51.02 -17.81
C VAL C 3 24.04 -50.52 -18.34
N LYS C 4 24.32 -50.78 -19.61
CA LYS C 4 25.49 -50.21 -20.28
C LYS C 4 25.19 -48.78 -20.72
N LEU C 5 26.23 -47.94 -20.69
CA LEU C 5 26.12 -46.51 -21.00
C LEU C 5 27.33 -46.08 -21.82
N ILE C 6 27.08 -45.32 -22.88
CA ILE C 6 28.13 -44.78 -23.74
C ILE C 6 28.10 -43.26 -23.63
N SER C 7 29.27 -42.64 -23.47
CA SER C 7 29.40 -41.19 -23.48
C SER C 7 29.67 -40.72 -24.92
N SER C 8 30.04 -39.45 -25.07
CA SER C 8 30.26 -38.89 -26.41
C SER C 8 31.59 -39.33 -27.01
N ASP C 9 32.57 -39.65 -26.18
CA ASP C 9 33.89 -40.08 -26.65
C ASP C 9 34.02 -41.60 -26.72
N GLY C 10 32.90 -42.33 -26.74
CA GLY C 10 32.92 -43.76 -26.89
C GLY C 10 33.25 -44.54 -25.63
N HIS C 11 33.30 -43.88 -24.47
CA HIS C 11 33.68 -44.56 -23.24
C HIS C 11 32.50 -45.35 -22.69
N GLU C 12 32.77 -46.58 -22.29
CA GLU C 12 31.74 -47.50 -21.81
C GLU C 12 31.66 -47.47 -20.28
N PHE C 13 30.44 -47.59 -19.75
CA PHE C 13 30.18 -47.42 -18.33
C PHE C 13 29.02 -48.33 -17.95
N ILE C 14 29.27 -49.30 -17.09
CA ILE C 14 28.17 -50.13 -16.61
C ILE C 14 27.63 -49.47 -15.34
N VAL C 15 26.33 -49.63 -15.09
CA VAL C 15 25.71 -49.03 -13.92
C VAL C 15 24.68 -49.95 -13.30
N LYS C 16 24.53 -49.89 -11.99
CA LYS C 16 23.57 -50.76 -11.31
C LYS C 16 22.21 -50.07 -11.20
N ARG C 17 21.16 -50.76 -11.61
CA ARG C 17 19.82 -50.16 -11.59
C ARG C 17 19.40 -49.79 -10.18
N GLU C 18 19.71 -50.63 -9.20
CA GLU C 18 19.39 -50.31 -7.82
C GLU C 18 19.87 -48.90 -7.51
N HIS C 19 20.98 -48.50 -8.11
CA HIS C 19 21.48 -47.14 -7.92
C HIS C 19 21.06 -46.22 -9.06
N ALA C 20 20.50 -46.77 -10.15
CA ALA C 20 20.02 -45.91 -11.24
C ALA C 20 18.54 -45.58 -11.09
N LEU C 21 17.88 -46.12 -10.06
CA LEU C 21 16.49 -45.76 -9.77
C LEU C 21 16.35 -44.36 -9.17
N THR C 22 17.45 -43.78 -8.69
CA THR C 22 17.47 -42.45 -8.09
C THR C 22 17.11 -41.35 -9.09
N SER C 23 17.71 -41.40 -10.27
CA SER C 23 17.44 -40.38 -11.29
C SER C 23 16.30 -40.79 -12.20
N GLY C 24 15.30 -39.92 -12.37
CA GLY C 24 14.15 -40.24 -13.19
C GLY C 24 14.39 -40.32 -14.69
N THR C 25 15.13 -39.36 -15.25
CA THR C 25 15.34 -39.32 -16.70
C THR C 25 15.86 -40.65 -17.24
N ILE C 26 16.90 -41.19 -16.63
CA ILE C 26 17.47 -42.46 -17.05
C ILE C 26 16.54 -43.62 -16.70
N LYS C 27 15.55 -43.38 -15.84
CA LYS C 27 14.42 -44.29 -15.71
C LYS C 27 13.27 -43.93 -16.65
N ALA C 28 13.28 -42.72 -17.20
CA ALA C 28 12.34 -42.36 -18.27
C ALA C 28 12.75 -42.97 -19.60
N MET C 29 14.06 -43.02 -19.88
CA MET C 29 14.52 -43.62 -21.12
C MET C 29 14.59 -45.14 -21.03
N LEU C 30 15.09 -45.66 -19.91
CA LEU C 30 15.30 -47.09 -19.72
C LEU C 30 14.28 -47.63 -18.72
N SER C 31 13.63 -48.74 -19.11
CA SER C 31 12.59 -49.47 -18.36
C SER C 31 11.41 -48.57 -17.97
N GLY C 32 10.99 -47.76 -18.93
CA GLY C 32 9.88 -46.85 -18.72
C GLY C 32 8.53 -47.46 -19.07
N ASN C 42 19.51 -51.74 -20.91
CA ASN C 42 20.03 -51.79 -22.28
C ASN C 42 21.13 -50.74 -22.48
N GLU C 43 20.95 -49.84 -23.45
CA GLU C 43 21.95 -48.82 -23.71
C GLU C 43 21.29 -47.54 -24.21
N VAL C 44 21.99 -46.43 -23.99
CA VAL C 44 21.57 -45.11 -24.47
C VAL C 44 22.85 -44.29 -24.64
N ASN C 45 22.83 -43.32 -25.55
CA ASN C 45 24.04 -42.55 -25.86
C ASN C 45 23.70 -41.07 -25.90
N PHE C 46 24.47 -40.27 -25.13
CA PHE C 46 24.18 -38.85 -24.99
C PHE C 46 25.43 -38.11 -25.50
N ARG C 47 25.23 -37.21 -26.46
CA ARG C 47 26.30 -36.64 -27.30
C ARG C 47 27.05 -35.44 -26.73
N GLU C 48 26.60 -34.86 -25.61
CA GLU C 48 27.17 -33.58 -25.18
C GLU C 48 27.90 -33.67 -23.86
N ILE C 49 28.48 -34.82 -23.54
CA ILE C 49 28.96 -35.10 -22.19
C ILE C 49 30.40 -35.60 -22.25
N PRO C 50 31.25 -35.27 -21.28
CA PRO C 50 32.49 -36.04 -21.08
C PRO C 50 32.33 -37.12 -20.01
N SER C 51 33.38 -37.93 -19.83
CA SER C 51 33.25 -39.14 -19.01
C SER C 51 33.52 -38.84 -17.53
N HIS C 52 34.28 -37.78 -17.24
CA HIS C 52 34.71 -37.49 -15.87
C HIS C 52 33.55 -36.97 -15.04
N VAL C 53 32.67 -36.19 -15.67
CA VAL C 53 31.48 -35.68 -14.98
C VAL C 53 30.48 -36.81 -14.73
N LEU C 54 30.44 -37.83 -15.61
CA LEU C 54 29.57 -38.97 -15.38
C LEU C 54 30.16 -39.91 -14.32
N SER C 55 31.49 -39.92 -14.19
CA SER C 55 32.16 -40.65 -13.11
C SER C 55 31.85 -40.01 -11.76
N LYS C 56 31.90 -38.67 -11.70
CA LYS C 56 31.63 -37.97 -10.44
C LYS C 56 30.14 -37.99 -10.07
N VAL C 57 29.28 -37.89 -11.08
CA VAL C 57 27.85 -37.97 -10.82
C VAL C 57 27.48 -39.36 -10.33
N CYS C 58 27.92 -40.39 -11.06
CA CYS C 58 27.56 -41.75 -10.67
C CYS C 58 28.22 -42.15 -9.35
N MET C 59 29.35 -41.51 -9.03
CA MET C 59 29.97 -41.66 -7.72
C MET C 59 29.12 -40.96 -6.65
N TYR C 60 28.51 -39.84 -7.00
CA TYR C 60 27.64 -39.16 -6.06
C TYR C 60 26.42 -40.03 -5.81
N PHE C 61 25.99 -40.74 -6.85
CA PHE C 61 24.85 -41.64 -6.70
C PHE C 61 25.18 -42.74 -5.70
N THR C 62 26.25 -43.48 -5.95
CA THR C 62 26.65 -44.51 -5.01
C THR C 62 26.84 -43.95 -3.59
N TYR C 63 27.30 -42.70 -3.50
CA TYR C 63 27.34 -41.91 -2.26
C TYR C 63 25.96 -41.69 -1.65
N LYS C 64 24.98 -41.43 -2.49
CA LYS C 64 23.63 -41.19 -1.98
C LYS C 64 22.97 -42.48 -1.52
N VAL C 65 23.03 -43.54 -2.33
CA VAL C 65 22.35 -44.80 -1.99
C VAL C 65 23.05 -45.48 -0.81
N ARG C 66 24.36 -45.19 -0.63
CA ARG C 66 25.00 -45.51 0.65
C ARG C 66 24.49 -44.61 1.78
N TYR C 67 24.43 -43.31 1.56
CA TYR C 67 24.04 -42.40 2.65
C TYR C 67 22.54 -42.11 2.70
N THR C 68 21.71 -43.14 2.51
CA THR C 68 20.27 -42.96 2.57
C THR C 68 19.62 -43.80 3.66
N ASN C 69 18.69 -43.20 4.41
CA ASN C 69 18.00 -43.92 5.48
C ASN C 69 18.96 -44.56 6.48
N SER C 70 20.06 -43.88 6.77
CA SER C 70 21.02 -44.37 7.75
C SER C 70 21.39 -43.22 8.66
N SER C 71 22.49 -43.33 9.39
CA SER C 71 22.91 -42.18 10.19
C SER C 71 24.42 -42.18 10.45
N THR C 72 25.21 -42.75 9.55
CA THR C 72 26.64 -42.49 9.58
C THR C 72 26.89 -41.06 9.12
N GLU C 73 27.94 -40.44 9.67
CA GLU C 73 28.19 -39.00 9.51
C GLU C 73 28.66 -38.71 8.09
N ILE C 74 27.77 -38.13 7.30
CA ILE C 74 27.97 -37.89 5.88
C ILE C 74 28.91 -36.71 5.70
N PRO C 75 30.06 -36.88 5.05
CA PRO C 75 30.95 -35.74 4.79
C PRO C 75 30.53 -35.02 3.51
N GLU C 76 31.24 -33.95 3.20
CA GLU C 76 31.01 -33.21 1.97
C GLU C 76 31.53 -33.98 0.76
N PHE C 77 30.79 -33.87 -0.34
CA PHE C 77 31.23 -34.47 -1.60
C PHE C 77 32.34 -33.62 -2.19
N PRO C 78 33.51 -34.19 -2.52
CA PRO C 78 34.62 -33.36 -3.03
C PRO C 78 34.41 -32.95 -4.48
N ILE C 79 34.25 -31.63 -4.68
CA ILE C 79 33.98 -31.05 -6.00
C ILE C 79 35.15 -30.14 -6.35
N ALA C 80 35.76 -30.39 -7.53
CA ALA C 80 36.80 -29.54 -8.08
C ALA C 80 36.17 -28.22 -8.56
N PRO C 81 36.93 -27.10 -8.53
CA PRO C 81 36.34 -25.82 -8.98
C PRO C 81 36.16 -25.71 -10.49
N GLU C 82 36.99 -26.38 -11.28
CA GLU C 82 36.95 -26.19 -12.73
C GLU C 82 35.86 -27.04 -13.38
N ILE C 83 35.35 -28.02 -12.64
CA ILE C 83 34.39 -28.97 -13.20
C ILE C 83 32.96 -28.57 -12.85
N ALA C 84 32.80 -27.54 -12.01
CA ALA C 84 31.54 -27.22 -11.33
C ALA C 84 30.45 -26.69 -12.24
N LEU C 85 30.83 -25.87 -13.23
CA LEU C 85 29.83 -25.32 -14.16
C LEU C 85 29.34 -26.38 -15.15
N GLU C 86 30.24 -27.28 -15.55
CA GLU C 86 29.86 -28.35 -16.45
C GLU C 86 28.90 -29.29 -15.76
N LEU C 87 29.27 -29.74 -14.58
CA LEU C 87 28.39 -30.64 -13.82
C LEU C 87 27.10 -29.93 -13.46
N LEU C 88 27.14 -28.60 -13.34
CA LEU C 88 25.93 -27.85 -13.04
C LEU C 88 24.98 -27.90 -14.23
N MET C 89 25.49 -27.61 -15.42
CA MET C 89 24.65 -27.72 -16.62
C MET C 89 24.26 -29.18 -16.89
N ALA C 90 25.11 -30.13 -16.48
CA ALA C 90 24.69 -31.53 -16.47
C ALA C 90 23.73 -31.82 -15.33
N ALA C 91 23.78 -31.02 -14.28
CA ALA C 91 22.85 -31.19 -13.19
C ALA C 91 21.46 -30.88 -13.71
N ASN C 92 21.36 -29.81 -14.49
CA ASN C 92 20.08 -29.44 -15.07
C ASN C 92 19.59 -30.61 -15.91
N PHE C 93 20.46 -31.15 -16.74
CA PHE C 93 20.08 -32.28 -17.58
C PHE C 93 19.78 -33.51 -16.73
N LEU C 94 20.55 -33.72 -15.68
CA LEU C 94 20.36 -34.88 -14.81
C LEU C 94 19.09 -34.77 -13.98
N ASP C 95 18.60 -33.54 -13.79
CA ASP C 95 17.39 -33.32 -13.00
C ASP C 95 17.36 -34.24 -11.77
N CYS C 96 18.46 -34.28 -11.03
CA CYS C 96 18.53 -35.13 -9.84
C CYS C 96 19.31 -34.46 -8.72
N MET D 1 -55.23 27.23 -12.08
CA MET D 1 -54.02 27.08 -11.28
C MET D 1 -54.40 26.43 -9.94
N ASP D 2 -53.54 26.52 -8.94
CA ASP D 2 -53.72 25.76 -7.70
C ASP D 2 -53.48 26.66 -6.51
N VAL D 3 -54.48 26.80 -5.64
CA VAL D 3 -54.40 27.69 -4.49
C VAL D 3 -54.62 26.86 -3.21
N PHE D 4 -53.75 27.06 -2.23
CA PHE D 4 -53.79 26.18 -1.07
C PHE D 4 -54.08 27.00 0.18
N LEU D 5 -54.86 26.43 1.09
CA LEU D 5 -55.57 27.20 2.13
C LEU D 5 -55.14 26.80 3.53
N MET D 6 -54.84 27.83 4.33
CA MET D 6 -54.78 27.77 5.79
C MET D 6 -56.12 28.15 6.39
N ILE D 7 -56.58 27.35 7.37
CA ILE D 7 -57.78 27.75 8.12
C ILE D 7 -57.43 27.62 9.61
N ARG D 8 -57.26 28.76 10.30
CA ARG D 8 -56.77 28.74 11.68
C ARG D 8 -57.78 29.32 12.67
N ARG D 9 -58.20 28.50 13.63
CA ARG D 9 -58.92 28.94 14.82
C ARG D 9 -58.72 28.00 16.02
N HIS D 10 -58.35 28.59 17.17
CA HIS D 10 -58.48 28.02 18.53
C HIS D 10 -57.69 26.73 18.75
N LYS D 11 -56.39 26.82 18.39
CA LYS D 11 -55.41 25.72 18.31
C LYS D 11 -55.86 24.58 17.39
N THR D 12 -56.55 24.93 16.29
CA THR D 12 -56.85 23.99 15.21
C THR D 12 -56.60 24.70 13.89
N THR D 13 -55.81 24.11 13.01
CA THR D 13 -55.68 24.62 11.65
C THR D 13 -55.81 23.53 10.60
N ILE D 14 -56.34 23.92 9.44
CA ILE D 14 -56.91 23.03 8.43
C ILE D 14 -56.23 23.35 7.10
N PHE D 15 -55.63 22.33 6.51
CA PHE D 15 -54.92 22.52 5.25
C PHE D 15 -55.83 22.01 4.17
N THR D 16 -56.09 22.84 3.18
CA THR D 16 -57.06 22.42 2.16
C THR D 16 -56.72 22.98 0.78
N ASP D 17 -56.67 22.11 -0.24
CA ASP D 17 -56.32 22.53 -1.59
C ASP D 17 -57.58 22.86 -2.40
N ALA D 18 -57.46 23.83 -3.31
CA ALA D 18 -58.58 24.26 -4.14
C ALA D 18 -58.04 24.89 -5.41
N LYS D 19 -58.97 25.29 -6.28
CA LYS D 19 -58.64 25.96 -7.54
C LYS D 19 -59.03 27.44 -7.47
N GLU D 20 -58.65 28.18 -8.51
CA GLU D 20 -58.85 29.63 -8.52
C GLU D 20 -60.31 30.00 -8.76
N SER D 21 -61.03 29.21 -9.54
CA SER D 21 -62.42 29.48 -9.86
C SER D 21 -63.39 28.84 -8.87
N SER D 22 -62.86 28.21 -7.82
CA SER D 22 -63.72 27.69 -6.75
C SER D 22 -64.29 28.83 -5.92
N THR D 23 -65.56 28.69 -5.56
CA THR D 23 -66.20 29.68 -4.71
C THR D 23 -65.92 29.38 -3.25
N VAL D 24 -66.44 30.26 -2.38
CA VAL D 24 -66.33 30.06 -0.94
C VAL D 24 -67.32 28.98 -0.47
N PHE D 25 -68.40 28.78 -1.25
CA PHE D 25 -69.36 27.70 -1.01
C PHE D 25 -68.74 26.31 -1.13
N GLU D 26 -67.82 26.12 -2.09
CA GLU D 26 -67.24 24.80 -2.33
C GLU D 26 -66.24 24.41 -1.24
N LEU D 27 -65.47 25.39 -0.75
CA LEU D 27 -64.60 25.14 0.40
C LEU D 27 -65.41 24.99 1.69
N LYS D 28 -66.58 25.65 1.76
CA LYS D 28 -67.53 25.41 2.85
C LYS D 28 -68.09 24.00 2.83
N ARG D 29 -68.35 23.46 1.61
CA ARG D 29 -68.81 22.07 1.46
C ARG D 29 -67.74 21.08 1.88
N ILE D 30 -66.48 21.38 1.54
CA ILE D 30 -65.43 20.41 1.84
C ILE D 30 -65.02 20.48 3.33
N VAL D 31 -65.19 21.64 3.99
CA VAL D 31 -64.89 21.68 5.43
C VAL D 31 -66.07 21.12 6.23
N GLU D 32 -67.28 21.17 5.63
CA GLU D 32 -68.43 20.43 6.15
C GLU D 32 -68.21 18.92 6.02
N GLY D 33 -67.59 18.49 4.92
CA GLY D 33 -67.31 17.08 4.72
C GLY D 33 -66.15 16.57 5.56
N ILE D 34 -65.25 17.46 5.98
CA ILE D 34 -64.20 17.02 6.90
C ILE D 34 -64.73 16.94 8.33
N LEU D 35 -65.16 18.08 8.89
CA LEU D 35 -65.34 18.12 10.34
C LEU D 35 -66.72 17.69 10.83
N LYS D 36 -67.61 17.23 9.91
CA LYS D 36 -68.89 16.52 10.19
C LYS D 36 -69.88 17.36 11.02
N ARG D 37 -70.28 18.49 10.45
CA ARG D 37 -71.19 19.40 11.15
C ARG D 37 -71.66 20.45 10.14
N PRO D 38 -72.61 21.30 10.53
CA PRO D 38 -73.06 22.37 9.62
C PRO D 38 -71.93 23.34 9.26
N PRO D 39 -71.81 23.71 7.98
CA PRO D 39 -70.80 24.67 7.56
C PRO D 39 -71.39 26.05 7.37
N ASP D 40 -72.71 26.17 7.47
CA ASP D 40 -73.36 27.47 7.26
C ASP D 40 -73.25 28.37 8.47
N GLU D 41 -72.79 27.81 9.59
CA GLU D 41 -72.70 28.59 10.82
C GLU D 41 -71.31 29.18 11.03
N GLN D 42 -70.48 29.14 10.00
CA GLN D 42 -69.11 29.63 10.15
C GLN D 42 -68.80 30.89 9.35
N ARG D 43 -67.83 31.65 9.83
CA ARG D 43 -67.42 32.87 9.13
C ARG D 43 -65.94 32.86 8.82
N LEU D 44 -65.58 33.29 7.63
CA LEU D 44 -64.19 33.36 7.19
C LEU D 44 -63.66 34.77 7.37
N TYR D 45 -62.36 34.89 7.66
CA TYR D 45 -61.75 36.19 7.92
C TYR D 45 -60.38 36.39 7.29
N LYS D 46 -60.32 37.20 6.24
CA LYS D 46 -59.04 37.54 5.59
C LYS D 46 -58.37 38.64 6.41
N ASP D 47 -57.80 38.21 7.55
CA ASP D 47 -57.32 39.03 8.68
C ASP D 47 -58.42 39.99 9.14
N ASP D 48 -59.49 39.37 9.67
CA ASP D 48 -60.77 39.99 10.06
C ASP D 48 -61.42 40.75 8.90
N GLN D 49 -61.78 40.00 7.85
CA GLN D 49 -62.49 40.57 6.71
C GLN D 49 -63.43 39.52 6.15
N LEU D 50 -64.72 39.81 6.15
CA LEU D 50 -65.72 38.87 5.64
C LEU D 50 -65.71 38.85 4.12
N LEU D 51 -65.70 37.66 3.54
CA LEU D 51 -65.79 37.52 2.10
C LEU D 51 -67.21 37.16 1.70
N ASP D 52 -67.59 37.57 0.50
CA ASP D 52 -68.84 37.10 -0.09
C ASP D 52 -68.70 35.63 -0.48
N ASP D 53 -69.78 34.87 -0.21
CA ASP D 53 -69.72 33.42 -0.38
C ASP D 53 -69.78 33.00 -1.85
N GLY D 54 -70.43 33.79 -2.70
CA GLY D 54 -70.45 33.48 -4.12
C GLY D 54 -69.24 33.91 -4.91
N LYS D 55 -68.27 34.55 -4.27
CA LYS D 55 -67.08 35.05 -4.97
C LYS D 55 -66.08 33.92 -5.20
N THR D 56 -65.55 33.85 -6.42
CA THR D 56 -64.47 32.95 -6.73
C THR D 56 -63.16 33.49 -6.16
N LEU D 57 -62.19 32.58 -5.96
CA LEU D 57 -60.94 32.92 -5.27
C LEU D 57 -59.96 33.72 -6.13
N GLY D 58 -60.20 33.84 -7.45
CA GLY D 58 -59.48 34.82 -8.23
C GLY D 58 -59.89 36.24 -7.87
N GLU D 59 -61.17 36.45 -7.54
CA GLU D 59 -61.64 37.74 -7.09
C GLU D 59 -61.38 37.98 -5.61
N CYS D 60 -61.06 36.94 -4.84
CA CYS D 60 -60.83 37.08 -3.41
C CYS D 60 -59.41 37.49 -3.06
N GLY D 61 -58.51 37.57 -4.04
CA GLY D 61 -57.14 37.93 -3.80
C GLY D 61 -56.22 36.80 -3.42
N PHE D 62 -56.72 35.55 -3.41
CA PHE D 62 -55.90 34.38 -3.10
C PHE D 62 -55.43 33.78 -4.41
N THR D 63 -54.19 34.11 -4.79
CA THR D 63 -53.56 33.57 -5.99
C THR D 63 -52.63 32.42 -5.61
N SER D 64 -51.97 31.86 -6.62
CA SER D 64 -51.08 30.74 -6.39
C SER D 64 -49.75 31.19 -5.82
N GLN D 65 -49.27 32.37 -6.21
CA GLN D 65 -48.00 32.87 -5.69
C GLN D 65 -48.18 33.46 -4.29
N THR D 66 -49.36 34.02 -4.00
CA THR D 66 -49.63 34.54 -2.66
C THR D 66 -49.86 33.39 -1.68
N ALA D 67 -50.50 32.32 -2.15
CA ALA D 67 -50.81 31.17 -1.32
C ALA D 67 -50.07 29.96 -1.86
N ARG D 68 -48.75 30.12 -2.00
CA ARG D 68 -47.81 29.03 -2.27
C ARG D 68 -47.91 27.95 -1.19
N PRO D 69 -47.76 26.67 -1.57
CA PRO D 69 -47.78 25.68 -0.50
C PRO D 69 -46.71 25.97 0.54
N GLN D 70 -45.49 26.26 0.10
CA GLN D 70 -44.40 26.48 1.05
C GLN D 70 -44.45 27.87 1.71
N ALA D 71 -45.36 28.73 1.26
CA ALA D 71 -45.48 30.04 1.90
C ALA D 71 -46.88 30.63 1.69
N PRO D 72 -47.89 30.14 2.44
CA PRO D 72 -49.23 30.63 2.09
C PRO D 72 -49.94 31.63 3.02
N ALA D 73 -50.86 32.42 2.47
CA ALA D 73 -51.67 33.34 3.26
C ALA D 73 -52.81 32.58 3.93
N THR D 74 -53.38 33.18 4.96
CA THR D 74 -54.34 32.49 5.83
C THR D 74 -55.72 33.14 5.79
N VAL D 75 -56.71 32.39 6.27
CA VAL D 75 -57.97 32.94 6.76
C VAL D 75 -58.22 32.38 8.16
N GLY D 76 -58.92 33.16 8.98
CA GLY D 76 -59.44 32.64 10.23
C GLY D 76 -60.87 32.19 10.08
N LEU D 77 -61.34 31.37 11.03
CA LEU D 77 -62.67 30.78 10.97
C LEU D 77 -63.39 31.07 12.28
N ALA D 78 -64.71 31.13 12.23
CA ALA D 78 -65.49 31.41 13.43
C ALA D 78 -66.82 30.68 13.34
N PHE D 79 -66.92 29.55 14.02
CA PHE D 79 -68.16 28.78 14.00
C PHE D 79 -69.28 29.52 14.70
N ARG D 80 -70.50 29.01 14.61
CA ARG D 80 -71.66 29.66 15.23
C ARG D 80 -71.72 31.15 14.89
N ALA D 81 -71.04 31.55 13.82
CA ALA D 81 -71.01 32.95 13.45
C ALA D 81 -72.42 33.45 13.29
N ASP D 82 -73.20 32.78 12.46
CA ASP D 82 -74.60 33.17 12.29
C ASP D 82 -74.70 34.68 12.25
N ASP D 83 -75.51 35.26 13.12
CA ASP D 83 -75.60 36.70 13.19
C ASP D 83 -74.47 37.24 14.05
N THR D 84 -74.25 36.61 15.20
CA THR D 84 -73.17 37.03 16.08
C THR D 84 -71.88 36.37 15.67
N PHE D 85 -71.36 36.75 14.51
CA PHE D 85 -70.15 36.13 14.00
C PHE D 85 -69.11 36.04 15.10
N GLU D 86 -68.61 34.84 15.35
CA GLU D 86 -67.64 34.65 16.43
C GLU D 86 -66.44 35.56 16.24
N ALA D 87 -66.14 36.35 17.25
CA ALA D 87 -64.96 37.23 17.18
C ALA D 87 -63.74 36.34 17.00
N LEU D 88 -62.80 36.76 16.15
CA LEU D 88 -61.68 35.89 15.88
C LEU D 88 -60.68 35.91 17.04
N CYS D 89 -60.28 34.70 17.47
CA CYS D 89 -59.26 34.53 18.49
C CYS D 89 -58.36 33.38 18.04
N ILE D 90 -57.33 33.70 17.28
CA ILE D 90 -56.37 32.70 16.84
C ILE D 90 -55.26 32.61 17.88
N GLU D 91 -55.18 31.48 18.55
CA GLU D 91 -54.03 31.21 19.40
C GLU D 91 -52.84 30.86 18.52
N PRO D 92 -51.75 31.62 18.56
CA PRO D 92 -50.63 31.35 17.65
C PRO D 92 -49.73 30.24 18.17
N PHE D 93 -48.68 29.97 17.41
CA PHE D 93 -47.73 28.93 17.79
C PHE D 93 -46.78 29.47 18.87
N SER D 94 -46.03 28.54 19.46
CA SER D 94 -45.18 28.88 20.60
C SER D 94 -43.89 29.54 20.13
N SER D 95 -43.10 29.98 21.13
CA SER D 95 -41.86 30.67 20.85
C SER D 95 -40.77 29.68 20.41
N PRO D 96 -39.92 30.08 19.44
CA PRO D 96 -38.82 29.20 19.03
C PRO D 96 -37.66 29.18 20.04
N MET E 1 -58.79 9.81 5.90
CA MET E 1 -58.67 10.92 4.97
C MET E 1 -58.05 12.12 5.68
N TYR E 2 -58.47 12.35 6.92
CA TYR E 2 -58.01 13.49 7.71
C TYR E 2 -57.79 13.01 9.13
N VAL E 3 -56.53 13.13 9.60
CA VAL E 3 -56.03 12.47 10.81
C VAL E 3 -55.65 13.54 11.84
N LYS E 4 -55.98 13.33 13.12
CA LYS E 4 -55.72 14.33 14.15
C LYS E 4 -54.36 14.08 14.80
N LEU E 5 -53.66 15.17 15.11
CA LEU E 5 -52.30 15.20 15.66
C LEU E 5 -52.21 16.28 16.73
N ILE E 6 -51.52 15.98 17.83
CA ILE E 6 -51.37 16.91 18.95
C ILE E 6 -49.89 17.25 19.09
N SER E 7 -49.59 18.54 19.23
CA SER E 7 -48.22 19.02 19.44
C SER E 7 -47.85 18.97 20.92
N SER E 8 -46.73 19.60 21.28
CA SER E 8 -46.25 19.57 22.66
C SER E 8 -47.06 20.52 23.55
N ASP E 9 -47.46 21.68 23.01
CA ASP E 9 -48.20 22.67 23.78
C ASP E 9 -49.71 22.53 23.61
N GLY E 10 -50.18 21.42 23.05
CA GLY E 10 -51.60 21.14 22.98
C GLY E 10 -52.32 21.62 21.74
N HIS E 11 -51.60 22.05 20.71
CA HIS E 11 -52.24 22.47 19.47
C HIS E 11 -52.71 21.26 18.68
N GLU E 12 -54.02 21.15 18.49
CA GLU E 12 -54.61 20.09 17.69
C GLU E 12 -54.41 20.40 16.22
N PHE E 13 -54.41 19.36 15.39
CA PHE E 13 -54.10 19.47 13.97
C PHE E 13 -54.76 18.34 13.20
N ILE E 14 -55.12 18.60 11.95
CA ILE E 14 -55.85 17.65 11.11
C ILE E 14 -55.12 17.56 9.76
N VAL E 15 -54.92 16.34 9.26
CA VAL E 15 -53.90 16.04 8.25
C VAL E 15 -54.57 15.34 7.06
N LYS E 16 -54.27 15.77 5.83
CA LYS E 16 -54.53 14.96 4.65
C LYS E 16 -53.65 13.70 4.66
N ARG E 17 -54.30 12.54 4.47
CA ARG E 17 -53.65 11.24 4.62
C ARG E 17 -52.71 10.91 3.45
N GLU E 18 -53.10 11.31 2.23
CA GLU E 18 -52.22 11.14 1.08
C GLU E 18 -51.08 12.15 1.07
N HIS E 19 -51.20 13.23 1.84
CA HIS E 19 -50.05 14.07 2.13
C HIS E 19 -49.22 13.50 3.27
N ALA E 20 -49.81 12.59 4.05
CA ALA E 20 -49.16 11.98 5.21
C ALA E 20 -48.50 10.65 4.89
N LEU E 21 -48.62 10.14 3.66
CA LEU E 21 -48.01 8.86 3.34
C LEU E 21 -46.49 8.92 3.14
N THR E 22 -45.88 10.11 3.09
CA THR E 22 -44.45 10.21 2.77
C THR E 22 -43.57 9.82 3.96
N SER E 23 -43.82 10.40 5.13
CA SER E 23 -42.95 10.20 6.28
C SER E 23 -43.21 8.85 6.95
N GLY E 24 -42.14 8.12 7.24
CA GLY E 24 -42.24 6.76 7.75
C GLY E 24 -42.42 6.62 9.24
N THR E 25 -42.03 7.64 10.01
CA THR E 25 -42.14 7.58 11.47
C THR E 25 -43.61 7.70 11.91
N ILE E 26 -44.35 8.63 11.29
CA ILE E 26 -45.78 8.74 11.56
C ILE E 26 -46.58 7.57 10.97
N LYS E 27 -46.21 7.05 9.79
CA LYS E 27 -46.94 5.92 9.22
C LYS E 27 -46.59 4.59 9.90
N ALA E 28 -45.46 4.53 10.60
CA ALA E 28 -45.22 3.42 11.52
C ALA E 28 -45.80 3.70 12.90
N MET E 29 -46.15 4.96 13.19
CA MET E 29 -46.72 5.30 14.49
C MET E 29 -48.24 5.33 14.46
N LEU E 30 -48.84 5.94 13.45
CA LEU E 30 -50.27 5.86 13.21
C LEU E 30 -50.50 4.96 12.00
N SER E 31 -51.47 4.03 12.15
CA SER E 31 -51.77 2.91 11.23
C SER E 31 -50.52 2.07 10.92
N GLY E 32 -49.76 1.75 11.96
CA GLY E 32 -48.56 0.95 11.81
C GLY E 32 -48.49 -0.20 12.80
N ASN E 39 -60.92 7.60 5.27
CA ASN E 39 -60.16 6.41 5.63
C ASN E 39 -60.11 6.25 7.15
N GLU E 40 -58.91 6.06 7.71
CA GLU E 40 -58.73 5.82 9.14
C GLU E 40 -58.19 7.10 9.78
N THR E 41 -58.97 7.68 10.69
CA THR E 41 -58.56 8.86 11.43
C THR E 41 -57.96 8.42 12.76
N ASN E 42 -56.72 8.81 13.02
CA ASN E 42 -56.01 8.44 14.23
C ASN E 42 -55.90 9.63 15.17
N GLU E 43 -55.70 9.32 16.45
CA GLU E 43 -55.59 10.34 17.50
C GLU E 43 -54.26 10.12 18.22
N VAL E 44 -53.23 10.85 17.81
CA VAL E 44 -51.88 10.67 18.31
C VAL E 44 -51.39 11.98 18.91
N ASN E 45 -50.28 11.90 19.65
CA ASN E 45 -49.88 13.00 20.51
C ASN E 45 -48.35 13.06 20.51
N PHE E 46 -47.82 14.27 20.72
CA PHE E 46 -46.39 14.52 20.91
C PHE E 46 -46.16 15.26 22.22
N ARG E 47 -44.99 15.05 22.82
CA ARG E 47 -44.68 15.69 24.09
C ARG E 47 -43.63 16.79 23.98
N GLU E 48 -42.82 16.82 22.93
CA GLU E 48 -41.58 17.59 22.90
C GLU E 48 -41.53 18.59 21.75
N ILE E 49 -42.00 18.22 20.57
CA ILE E 49 -41.84 19.07 19.39
C ILE E 49 -42.93 20.14 19.34
N PRO E 50 -42.59 21.45 19.22
CA PRO E 50 -43.60 22.50 19.25
C PRO E 50 -44.42 22.65 17.97
N SER E 51 -45.31 23.64 17.94
CA SER E 51 -46.32 23.72 16.90
C SER E 51 -45.82 24.43 15.65
N HIS E 52 -44.86 25.35 15.79
CA HIS E 52 -44.40 26.15 14.65
C HIS E 52 -43.53 25.33 13.71
N VAL E 53 -42.62 24.52 14.26
CA VAL E 53 -41.76 23.67 13.45
C VAL E 53 -42.56 22.48 12.88
N LEU E 54 -43.60 22.03 13.60
CA LEU E 54 -44.54 21.04 13.08
C LEU E 54 -45.39 21.60 11.94
N SER E 55 -45.80 22.86 12.06
CA SER E 55 -46.57 23.48 11.00
C SER E 55 -45.75 23.44 9.73
N LYS E 56 -44.46 23.71 9.85
CA LYS E 56 -43.58 23.66 8.69
C LYS E 56 -43.58 22.25 8.12
N VAL E 57 -43.60 21.25 8.99
CA VAL E 57 -43.56 19.87 8.54
C VAL E 57 -44.73 19.54 7.62
N CYS E 58 -45.95 19.85 8.06
CA CYS E 58 -47.13 19.57 7.26
C CYS E 58 -47.13 20.45 6.02
N MET E 59 -46.73 21.71 6.17
CA MET E 59 -46.65 22.60 5.03
C MET E 59 -45.66 22.02 4.04
N TYR E 60 -44.55 21.51 4.55
CA TYR E 60 -43.54 20.91 3.68
C TYR E 60 -44.14 19.75 2.93
N PHE E 61 -44.95 18.95 3.61
CA PHE E 61 -45.59 17.80 2.97
C PHE E 61 -46.51 18.22 1.82
N THR E 62 -47.33 19.24 2.05
CA THR E 62 -48.20 19.73 0.99
C THR E 62 -47.35 20.17 -0.18
N TYR E 63 -46.32 20.95 0.10
CA TYR E 63 -45.40 21.37 -0.94
C TYR E 63 -44.87 20.11 -1.58
N LYS E 64 -44.23 19.27 -0.79
CA LYS E 64 -43.74 17.97 -1.28
C LYS E 64 -44.75 17.28 -2.18
N VAL E 65 -46.04 17.33 -1.82
CA VAL E 65 -47.05 16.65 -2.62
C VAL E 65 -47.36 17.43 -3.90
N ARG E 66 -47.45 18.78 -3.81
CA ARG E 66 -47.78 19.60 -4.98
C ARG E 66 -46.63 19.66 -6.00
N TYR E 67 -45.38 19.75 -5.52
CA TYR E 67 -44.28 19.89 -6.47
C TYR E 67 -43.67 18.56 -6.90
N THR E 68 -44.27 17.43 -6.52
CA THR E 68 -43.85 16.13 -7.04
C THR E 68 -44.30 15.97 -8.49
N ASN E 69 -43.34 15.62 -9.36
CA ASN E 69 -43.52 15.15 -10.75
C ASN E 69 -44.13 16.23 -11.65
N SER E 70 -43.63 17.46 -11.53
CA SER E 70 -44.01 18.54 -12.43
C SER E 70 -42.75 19.31 -12.82
N SER E 71 -42.81 19.97 -13.97
CA SER E 71 -41.68 20.77 -14.46
C SER E 71 -41.84 22.24 -14.14
N THR E 72 -42.57 22.58 -13.08
CA THR E 72 -42.54 23.94 -12.56
C THR E 72 -41.22 24.18 -11.85
N GLU E 73 -40.86 25.46 -11.70
CA GLU E 73 -39.65 25.84 -11.00
C GLU E 73 -39.86 25.62 -9.50
N ILE E 74 -39.19 24.61 -8.95
CA ILE E 74 -39.28 24.28 -7.53
C ILE E 74 -38.54 25.36 -6.76
N PRO E 75 -39.20 26.13 -5.90
CA PRO E 75 -38.54 27.27 -5.27
C PRO E 75 -37.79 26.86 -4.01
N GLU E 76 -36.88 27.74 -3.59
CA GLU E 76 -36.20 27.58 -2.33
C GLU E 76 -37.13 27.91 -1.17
N PHE E 77 -37.02 27.19 -0.07
CA PHE E 77 -37.86 27.47 1.09
C PHE E 77 -37.08 28.26 2.13
N PRO E 78 -37.60 29.43 2.51
CA PRO E 78 -36.92 30.24 3.53
C PRO E 78 -37.03 29.61 4.91
N ILE E 79 -35.87 29.37 5.53
CA ILE E 79 -35.79 28.88 6.90
C ILE E 79 -35.30 30.03 7.76
N ALA E 80 -36.08 30.39 8.79
CA ALA E 80 -35.61 31.38 9.74
C ALA E 80 -34.52 30.78 10.64
N PRO E 81 -33.52 31.56 11.05
CA PRO E 81 -32.42 30.99 11.86
C PRO E 81 -32.80 30.64 13.29
N GLU E 82 -33.88 31.21 13.83
CA GLU E 82 -34.31 30.84 15.17
C GLU E 82 -35.03 29.49 15.20
N ILE E 83 -35.71 29.13 14.11
CA ILE E 83 -36.42 27.84 14.05
C ILE E 83 -35.58 26.76 13.40
N ALA E 84 -34.35 27.08 12.97
CA ALA E 84 -33.52 26.09 12.27
C ALA E 84 -32.93 25.04 13.20
N LEU E 85 -32.67 25.40 14.46
CA LEU E 85 -32.21 24.44 15.47
C LEU E 85 -33.32 23.45 15.82
N GLU E 86 -34.55 23.93 15.95
CA GLU E 86 -35.68 23.04 16.14
C GLU E 86 -36.06 22.30 14.86
N LEU E 87 -35.67 22.82 13.68
CA LEU E 87 -35.85 22.06 12.45
C LEU E 87 -34.86 20.90 12.36
N LEU E 88 -33.64 21.10 12.85
CA LEU E 88 -32.68 20.00 12.91
C LEU E 88 -33.05 18.99 14.00
N MET E 89 -33.64 19.48 15.09
CA MET E 89 -34.29 18.65 16.11
C MET E 89 -35.48 17.85 15.55
N ALA E 90 -36.30 18.47 14.71
CA ALA E 90 -37.46 17.80 14.13
C ALA E 90 -37.05 16.81 13.06
N ALA E 91 -35.96 17.12 12.34
CA ALA E 91 -35.37 16.18 11.41
C ALA E 91 -34.77 14.98 12.10
N ASN E 92 -34.12 15.19 13.26
CA ASN E 92 -33.63 14.10 14.09
C ASN E 92 -34.75 13.24 14.64
N PHE E 93 -35.86 13.85 15.02
CA PHE E 93 -36.91 13.10 15.67
C PHE E 93 -38.02 12.70 14.69
N LEU E 94 -37.82 12.93 13.39
CA LEU E 94 -38.73 12.44 12.36
C LEU E 94 -38.07 11.52 11.34
N ASP E 95 -36.89 11.90 10.83
CA ASP E 95 -36.14 11.22 9.74
C ASP E 95 -36.97 11.02 8.47
N CYS E 96 -37.59 12.09 7.98
CA CYS E 96 -38.30 12.00 6.70
C CYS E 96 -37.33 12.21 5.55
N MET F 1 28.42 17.31 32.33
CA MET F 1 27.86 15.98 32.56
C MET F 1 28.39 15.53 33.91
N ASP F 2 27.47 15.21 34.83
CA ASP F 2 27.84 14.86 36.19
C ASP F 2 28.23 13.38 36.29
N VAL F 3 29.33 13.12 36.99
CA VAL F 3 29.77 11.77 37.32
C VAL F 3 29.66 11.58 38.83
N PHE F 4 29.20 10.40 39.24
CA PHE F 4 29.01 10.13 40.67
C PHE F 4 29.94 9.02 41.14
N LEU F 5 30.48 9.17 42.33
CA LEU F 5 31.40 8.16 42.86
C LEU F 5 31.51 8.28 44.37
N MET F 6 31.73 7.16 45.05
CA MET F 6 31.94 7.20 46.49
C MET F 6 33.41 7.00 46.79
N ILE F 7 33.96 7.80 47.70
CA ILE F 7 35.36 7.69 48.03
C ILE F 7 35.41 6.84 49.29
N ARG F 8 36.26 5.81 49.31
CA ARG F 8 36.26 4.91 50.47
C ARG F 8 37.61 4.67 51.12
N ARG F 9 37.61 4.54 52.44
CA ARG F 9 38.85 4.24 53.16
C ARG F 9 38.54 3.65 54.53
N HIS F 10 38.79 2.35 54.70
CA HIS F 10 38.59 1.73 56.00
C HIS F 10 37.19 1.98 56.57
N LYS F 11 36.16 1.45 55.92
CA LYS F 11 34.78 1.60 56.40
C LYS F 11 34.20 3.00 56.21
N THR F 12 34.99 3.91 55.67
CA THR F 12 34.52 5.27 55.45
C THR F 12 34.09 5.44 54.00
N THR F 13 32.81 5.71 53.79
CA THR F 13 32.31 5.83 52.42
C THR F 13 31.62 7.19 52.27
N ILE F 14 32.18 8.07 51.44
CA ILE F 14 31.65 9.41 51.24
C ILE F 14 31.12 9.49 49.81
N PHE F 15 29.80 9.64 49.67
CA PHE F 15 29.21 9.80 48.36
C PHE F 15 29.44 11.23 47.89
N THR F 16 29.64 11.41 46.60
CA THR F 16 29.92 12.73 46.05
C THR F 16 29.59 12.77 44.57
N ASP F 17 29.48 14.00 44.06
CA ASP F 17 29.16 14.32 42.68
C ASP F 17 30.25 15.23 42.13
N ALA F 18 30.62 15.03 40.87
CA ALA F 18 31.65 15.83 40.24
C ALA F 18 31.32 15.96 38.75
N LYS F 19 32.22 16.58 38.01
CA LYS F 19 32.02 16.82 36.58
C LYS F 19 33.00 15.98 35.77
N GLU F 20 32.76 15.95 34.45
CA GLU F 20 33.65 15.23 33.54
C GLU F 20 34.98 15.96 33.38
N SER F 21 34.93 17.28 33.27
CA SER F 21 36.14 18.10 33.16
C SER F 21 36.68 18.53 34.52
N SER F 22 36.06 18.08 35.61
CA SER F 22 36.59 18.34 36.94
C SER F 22 37.84 17.50 37.18
N THR F 23 38.81 18.08 37.90
CA THR F 23 40.11 17.46 38.06
C THR F 23 40.20 16.78 39.42
N VAL F 24 41.41 16.31 39.76
CA VAL F 24 41.67 15.76 41.08
C VAL F 24 41.79 16.88 42.13
N PHE F 25 42.09 18.11 41.70
CA PHE F 25 42.05 19.28 42.57
C PHE F 25 40.63 19.60 43.04
N GLU F 26 39.61 19.33 42.21
CA GLU F 26 38.22 19.55 42.60
C GLU F 26 37.77 18.54 43.66
N LEU F 27 38.15 17.26 43.49
CA LEU F 27 37.84 16.24 44.49
C LEU F 27 38.64 16.44 45.78
N LYS F 28 39.88 16.93 45.66
CA LYS F 28 40.67 17.26 46.84
C LYS F 28 40.15 18.51 47.54
N ARG F 29 39.52 19.43 46.81
CA ARG F 29 38.84 20.56 47.44
C ARG F 29 37.54 20.11 48.11
N ILE F 30 36.89 19.05 47.60
CA ILE F 30 35.73 18.46 48.25
C ILE F 30 36.12 17.78 49.56
N VAL F 31 37.23 17.02 49.56
CA VAL F 31 37.74 16.36 50.76
C VAL F 31 38.33 17.39 51.75
N GLU F 32 38.83 18.51 51.23
CA GLU F 32 39.14 19.70 52.03
C GLU F 32 37.88 20.29 52.68
N GLY F 33 36.75 20.25 51.95
CA GLY F 33 35.49 20.73 52.50
C GLY F 33 34.91 19.87 53.62
N ILE F 34 35.01 18.55 53.50
CA ILE F 34 34.42 17.66 54.52
C ILE F 34 35.42 17.30 55.63
N LEU F 35 36.57 16.71 55.31
CA LEU F 35 37.52 16.21 56.35
C LEU F 35 38.44 17.25 56.98
N LYS F 36 38.38 18.48 56.53
CA LYS F 36 39.21 19.61 57.02
C LYS F 36 40.69 19.25 57.05
N ARG F 37 41.18 18.63 55.99
CA ARG F 37 42.59 18.28 55.83
C ARG F 37 43.12 18.85 54.52
N PRO F 38 44.39 19.28 54.47
CA PRO F 38 44.95 19.91 53.24
C PRO F 38 45.13 18.91 52.11
N PRO F 39 45.09 19.35 50.84
CA PRO F 39 45.07 18.39 49.71
C PRO F 39 46.36 17.65 49.44
N ASP F 40 47.49 18.05 50.02
CA ASP F 40 48.71 17.25 49.89
C ASP F 40 48.72 16.07 50.85
N GLU F 41 47.84 16.07 51.86
CA GLU F 41 47.76 14.94 52.78
C GLU F 41 47.02 13.76 52.16
N GLN F 42 45.80 14.00 51.67
CA GLN F 42 45.02 12.93 51.07
C GLN F 42 45.51 12.61 49.66
N ARG F 43 45.28 11.38 49.24
CA ARG F 43 45.70 10.92 47.92
C ARG F 43 44.72 9.84 47.49
N LEU F 44 44.33 9.86 46.21
CA LEU F 44 43.30 8.98 45.70
C LEU F 44 43.85 8.10 44.58
N TYR F 45 43.39 6.84 44.58
CA TYR F 45 43.86 5.89 43.61
C TYR F 45 42.71 5.14 43.00
N LYS F 46 42.88 4.65 41.80
CA LYS F 46 41.86 3.91 41.07
C LYS F 46 42.31 2.46 40.91
N ASP F 47 42.00 1.65 41.94
CA ASP F 47 42.20 0.19 42.03
C ASP F 47 43.69 -0.19 41.88
N ASP F 48 44.49 0.22 42.86
CA ASP F 48 45.92 -0.07 42.81
C ASP F 48 46.58 0.60 41.62
N GLN F 49 46.20 1.84 41.31
CA GLN F 49 46.86 2.55 40.23
C GLN F 49 46.92 4.03 40.58
N LEU F 50 48.07 4.65 40.32
CA LEU F 50 48.29 6.05 40.69
C LEU F 50 47.72 6.97 39.62
N LEU F 51 46.67 7.72 39.98
CA LEU F 51 46.17 8.80 39.14
C LEU F 51 46.95 10.07 39.44
N ASP F 52 47.37 10.77 38.40
CA ASP F 52 48.12 12.00 38.57
C ASP F 52 47.15 13.11 38.97
N ASP F 53 47.69 14.12 39.68
CA ASP F 53 46.89 15.18 40.27
C ASP F 53 46.35 16.16 39.23
N GLY F 54 47.02 16.30 38.09
CA GLY F 54 46.65 17.26 37.08
C GLY F 54 45.75 16.76 35.97
N LYS F 55 45.15 15.58 36.12
CA LYS F 55 44.32 14.98 35.07
C LYS F 55 42.84 15.16 35.40
N THR F 56 42.03 15.36 34.37
CA THR F 56 40.59 15.48 34.53
C THR F 56 39.96 14.11 34.75
N LEU F 57 38.72 14.12 35.23
CA LEU F 57 38.00 12.87 35.49
C LEU F 57 37.50 12.19 34.23
N GLY F 58 37.36 12.93 33.12
CA GLY F 58 37.01 12.30 31.86
C GLY F 58 38.17 11.57 31.22
N GLU F 59 39.40 11.98 31.54
CA GLU F 59 40.59 11.28 31.07
C GLU F 59 40.81 9.98 31.83
N CYS F 60 40.40 9.92 33.10
CA CYS F 60 40.68 8.79 33.96
C CYS F 60 39.70 7.62 33.79
N GLY F 61 38.70 7.81 32.93
CA GLY F 61 37.72 6.76 32.72
C GLY F 61 36.48 6.92 33.57
N PHE F 62 36.21 8.14 34.00
CA PHE F 62 35.02 8.40 34.82
C PHE F 62 33.91 9.00 33.97
N THR F 63 32.92 8.19 33.62
CA THR F 63 31.81 8.66 32.80
C THR F 63 30.49 8.39 33.50
N SER F 64 29.38 8.65 32.82
CA SER F 64 28.08 8.41 33.40
C SER F 64 27.97 6.95 33.82
N GLN F 65 28.37 6.04 32.94
CA GLN F 65 28.26 4.62 33.23
C GLN F 65 29.16 4.20 34.39
N THR F 66 30.44 4.53 34.30
CA THR F 66 31.37 4.18 35.36
C THR F 66 31.02 4.93 36.62
N ALA F 67 30.71 6.22 36.48
CA ALA F 67 30.34 7.03 37.64
C ALA F 67 28.88 7.42 37.54
N ARG F 68 27.99 6.61 38.09
CA ARG F 68 26.57 6.88 37.99
C ARG F 68 25.93 7.04 39.36
N PRO F 69 24.92 7.92 39.48
CA PRO F 69 24.25 8.02 40.77
C PRO F 69 23.82 6.63 41.23
N GLN F 70 23.30 5.83 40.30
CA GLN F 70 22.88 4.47 40.63
C GLN F 70 24.07 3.63 41.06
N ALA F 71 25.14 3.69 40.28
CA ALA F 71 26.35 2.93 40.61
C ALA F 71 27.59 3.81 40.60
N PRO F 72 27.79 4.56 41.69
CA PRO F 72 28.99 5.39 41.78
C PRO F 72 30.23 4.50 41.83
N ALA F 73 31.26 4.83 41.05
CA ALA F 73 32.49 4.04 41.05
C ALA F 73 33.11 4.04 42.44
N THR F 74 33.99 3.07 42.70
CA THR F 74 34.65 3.04 44.00
C THR F 74 36.16 3.21 43.81
N VAL F 75 36.70 4.33 44.27
CA VAL F 75 38.12 4.63 44.27
C VAL F 75 38.54 5.01 45.69
N GLY F 76 39.81 4.79 46.00
CA GLY F 76 40.29 4.88 47.36
C GLY F 76 41.08 6.15 47.65
N LEU F 77 41.18 6.51 48.93
CA LEU F 77 41.89 7.73 49.30
C LEU F 77 42.72 7.54 50.57
N ALA F 78 43.53 8.53 50.91
CA ALA F 78 44.36 8.44 52.10
C ALA F 78 43.97 9.46 53.15
N PHE F 79 44.00 9.08 54.42
CA PHE F 79 43.65 10.00 55.50
C PHE F 79 44.88 10.78 55.94
N ARG F 80 46.03 10.11 55.99
CA ARG F 80 47.29 10.80 56.37
C ARG F 80 47.22 11.38 57.79
N ALA F 81 47.13 10.48 58.78
CA ALA F 81 47.16 10.90 60.18
C ALA F 81 48.54 11.40 60.59
N ASP F 82 49.59 10.86 59.98
CA ASP F 82 50.95 11.30 60.24
C ASP F 82 51.23 12.66 59.63
N GLU F 86 46.62 2.63 54.79
CA GLU F 86 45.62 3.66 54.55
C GLU F 86 45.41 3.90 53.06
N ALA F 87 46.51 4.12 52.34
CA ALA F 87 46.41 4.37 50.91
C ALA F 87 45.66 3.24 50.23
N LEU F 88 44.63 3.58 49.46
CA LEU F 88 43.84 2.57 48.76
C LEU F 88 43.57 1.35 49.64
N CYS F 89 43.20 1.59 50.89
CA CYS F 89 42.87 0.48 51.79
C CYS F 89 41.46 0.68 52.29
N ILE F 90 40.57 -0.27 52.03
CA ILE F 90 39.17 -0.08 52.41
C ILE F 90 38.48 -1.30 53.00
N GLU F 91 38.40 -1.39 54.32
CA GLU F 91 37.64 -2.45 54.95
C GLU F 91 36.39 -2.72 54.13
N PRO F 92 36.16 -3.95 53.68
CA PRO F 92 35.07 -4.18 52.72
C PRO F 92 33.72 -4.30 53.40
N PHE F 93 32.70 -4.56 52.58
CA PHE F 93 31.34 -4.68 53.07
C PHE F 93 31.14 -6.05 53.72
N SER F 94 29.99 -6.21 54.37
CA SER F 94 29.71 -7.39 55.17
C SER F 94 29.37 -8.59 54.29
N SER F 95 29.33 -9.76 54.93
CA SER F 95 29.08 -11.02 54.23
C SER F 95 27.61 -11.15 53.88
N PRO F 96 27.27 -11.37 52.61
CA PRO F 96 25.85 -11.47 52.23
C PRO F 96 25.28 -12.84 52.58
N PRO F 97 24.00 -12.93 52.89
CA PRO F 97 23.36 -14.24 53.08
C PRO F 97 22.91 -14.82 51.75
N GLU F 98 22.39 -16.06 51.82
CA GLU F 98 21.85 -16.88 50.71
C GLU F 98 22.82 -17.07 49.54
N MET G 1 26.23 20.01 55.51
CA MET G 1 26.26 19.77 54.07
C MET G 1 26.33 18.25 53.89
N TYR G 2 26.79 17.56 54.93
CA TYR G 2 26.94 16.11 54.90
C TYR G 2 26.39 15.50 56.19
N VAL G 3 25.84 14.29 56.08
CA VAL G 3 25.42 13.51 57.24
C VAL G 3 26.32 12.29 57.35
N LYS G 4 26.15 11.55 58.45
CA LYS G 4 26.91 10.32 58.69
C LYS G 4 25.97 9.22 59.16
N LEU G 5 26.08 8.04 58.55
CA LEU G 5 25.28 6.88 58.89
C LEU G 5 26.22 5.78 59.37
N ILE G 6 25.99 5.31 60.59
CA ILE G 6 26.83 4.27 61.20
C ILE G 6 25.99 3.00 61.26
N SER G 7 26.51 1.93 60.64
CA SER G 7 25.80 0.65 60.60
C SER G 7 26.06 -0.15 61.88
N SER G 8 25.64 -1.42 61.84
CA SER G 8 25.73 -2.29 63.01
C SER G 8 27.16 -2.74 63.29
N ASP G 9 27.91 -3.11 62.25
CA ASP G 9 29.31 -3.45 62.44
C ASP G 9 30.18 -2.20 62.58
N GLY G 10 29.74 -1.07 62.03
CA GLY G 10 30.43 0.19 62.22
C GLY G 10 30.88 0.88 60.94
N HIS G 11 30.27 0.63 59.79
CA HIS G 11 30.67 1.33 58.58
C HIS G 11 30.02 2.70 58.50
N GLU G 12 30.78 3.68 58.01
CA GLU G 12 30.33 5.05 57.90
C GLU G 12 29.94 5.37 56.46
N PHE G 13 28.71 5.84 56.27
CA PHE G 13 28.20 6.23 54.96
C PHE G 13 27.79 7.69 54.98
N ILE G 14 28.30 8.46 54.03
CA ILE G 14 28.18 9.91 54.05
C ILE G 14 27.49 10.34 52.75
N VAL G 15 26.31 10.93 52.88
CA VAL G 15 25.62 11.56 51.77
C VAL G 15 25.30 13.01 52.13
N LYS G 16 24.71 13.72 51.19
CA LYS G 16 24.26 15.09 51.39
C LYS G 16 22.96 15.10 52.19
N ARG G 17 22.64 16.25 52.80
CA ARG G 17 21.37 16.41 53.49
C ARG G 17 20.19 16.42 52.51
N GLU G 18 20.32 17.18 51.42
CA GLU G 18 19.29 17.31 50.40
C GLU G 18 19.12 16.00 49.61
N HIS G 19 20.19 15.21 49.51
CA HIS G 19 20.08 13.86 48.98
C HIS G 19 19.40 12.92 49.97
N ALA G 20 19.42 13.24 51.26
CA ALA G 20 18.77 12.42 52.29
C ALA G 20 17.43 12.98 52.75
N LEU G 21 16.88 14.01 52.08
CA LEU G 21 15.53 14.50 52.41
C LEU G 21 14.38 13.68 51.78
N THR G 22 14.62 12.48 51.24
CA THR G 22 13.53 11.74 50.60
C THR G 22 12.74 10.87 51.56
N SER G 23 13.40 10.33 52.58
CA SER G 23 12.70 9.53 53.59
C SER G 23 12.47 10.34 54.85
N GLY G 24 11.21 10.41 55.29
CA GLY G 24 10.89 11.18 56.47
C GLY G 24 11.57 10.67 57.72
N THR G 25 11.60 9.35 57.89
CA THR G 25 12.25 8.76 59.05
C THR G 25 13.66 9.29 59.19
N ILE G 26 14.46 9.15 58.15
CA ILE G 26 15.85 9.60 58.21
C ILE G 26 15.91 11.13 58.21
N LYS G 27 14.82 11.80 57.83
CA LYS G 27 14.71 13.25 58.02
C LYS G 27 14.54 13.60 59.49
N ALA G 28 13.84 12.76 60.24
CA ALA G 28 13.74 12.94 61.68
C ALA G 28 15.03 12.53 62.37
N MET G 29 15.78 11.63 61.74
CA MET G 29 17.06 11.20 62.29
C MET G 29 18.15 12.22 62.00
N LEU G 30 18.24 12.66 60.74
CA LEU G 30 19.26 13.63 60.37
C LEU G 30 19.03 14.95 61.08
N SER G 31 20.11 15.69 61.34
CA SER G 31 19.99 16.96 62.05
C SER G 31 19.03 16.86 63.23
N ASN G 42 25.10 15.42 61.00
CA ASN G 42 25.27 14.75 62.28
C ASN G 42 25.62 13.27 62.09
N GLU G 43 25.65 12.53 63.19
CA GLU G 43 25.99 11.11 63.19
C GLU G 43 24.74 10.31 63.56
N VAL G 44 24.34 9.40 62.69
CA VAL G 44 23.19 8.53 62.91
C VAL G 44 23.70 7.10 63.04
N ASN G 45 23.41 6.46 64.17
CA ASN G 45 23.90 5.13 64.47
C ASN G 45 22.77 4.12 64.34
N PHE G 46 23.07 3.00 63.68
CA PHE G 46 22.14 1.89 63.55
C PHE G 46 22.74 0.68 64.25
N ARG G 47 21.88 -0.17 64.82
CA ARG G 47 22.32 -1.29 65.63
C ARG G 47 21.73 -2.63 65.17
N GLU G 48 21.13 -2.67 63.99
CA GLU G 48 20.46 -3.90 63.57
C GLU G 48 20.47 -4.13 62.06
N ILE G 49 21.39 -3.48 61.35
CA ILE G 49 21.37 -3.61 59.89
C ILE G 49 22.78 -3.47 59.33
N PRO G 50 23.23 -4.34 58.41
CA PRO G 50 24.64 -4.30 57.98
C PRO G 50 24.95 -3.21 56.95
N SER G 51 26.17 -3.29 56.43
CA SER G 51 26.76 -2.20 55.65
C SER G 51 26.34 -2.27 54.18
N HIS G 52 26.15 -3.49 53.66
CA HIS G 52 25.81 -3.64 52.24
C HIS G 52 24.34 -3.31 51.97
N VAL G 53 23.52 -3.26 53.01
CA VAL G 53 22.18 -2.69 52.89
C VAL G 53 22.27 -1.18 52.71
N LEU G 54 23.06 -0.53 53.56
CA LEU G 54 23.07 0.93 53.67
C LEU G 54 23.79 1.58 52.51
N SER G 55 24.86 0.95 52.02
CA SER G 55 25.55 1.48 50.86
C SER G 55 24.57 1.55 49.72
N LYS G 56 23.81 0.49 49.52
CA LYS G 56 22.87 0.45 48.41
C LYS G 56 21.80 1.53 48.54
N VAL G 57 21.20 1.66 49.71
CA VAL G 57 20.13 2.63 49.88
C VAL G 57 20.66 4.04 49.64
N CYS G 58 21.88 4.31 50.11
CA CYS G 58 22.46 5.63 49.93
C CYS G 58 22.66 5.96 48.46
N MET G 59 23.23 5.03 47.70
CA MET G 59 23.41 5.24 46.28
C MET G 59 22.04 5.32 45.61
N TYR G 60 21.09 4.54 46.12
CA TYR G 60 19.73 4.59 45.59
C TYR G 60 19.16 5.99 45.78
N PHE G 61 19.41 6.58 46.94
CA PHE G 61 18.91 7.92 47.22
C PHE G 61 19.48 8.90 46.21
N THR G 62 20.78 8.82 45.96
CA THR G 62 21.40 9.72 45.00
C THR G 62 20.76 9.54 43.65
N TYR G 63 20.60 8.29 43.22
CA TYR G 63 19.94 8.02 41.95
C TYR G 63 18.57 8.63 41.98
N LYS G 64 17.79 8.28 42.99
CA LYS G 64 16.44 8.83 43.14
C LYS G 64 16.44 10.35 43.15
N VAL G 65 17.45 10.98 43.76
CA VAL G 65 17.54 12.43 43.77
C VAL G 65 17.93 12.97 42.38
N ARG G 66 18.76 12.22 41.65
CA ARG G 66 19.14 12.65 40.30
C ARG G 66 18.01 12.45 39.29
N TYR G 67 17.32 11.31 39.31
CA TYR G 67 16.45 10.98 38.18
C TYR G 67 14.98 11.37 38.35
N THR G 68 14.58 11.91 39.50
CA THR G 68 13.21 12.39 39.66
C THR G 68 13.05 13.72 38.93
N ASN G 69 11.87 13.89 38.29
CA ASN G 69 11.49 15.02 37.42
C ASN G 69 12.46 15.17 36.24
N SER G 70 12.83 14.04 35.63
CA SER G 70 13.71 14.02 34.47
C SER G 70 12.94 13.56 33.24
N SER G 71 13.20 14.23 32.12
CA SER G 71 12.54 13.94 30.85
C SER G 71 13.11 12.71 30.14
N THR G 72 14.29 12.25 30.54
CA THR G 72 15.01 11.23 29.79
C THR G 72 14.45 9.83 30.07
N GLU G 73 15.02 8.86 29.36
CA GLU G 73 14.74 7.45 29.63
C GLU G 73 15.36 7.07 30.97
N ILE G 74 14.55 6.49 31.85
CA ILE G 74 15.04 6.04 33.15
C ILE G 74 15.88 4.77 32.95
N PRO G 75 17.11 4.73 33.44
CA PRO G 75 17.84 3.44 33.47
C PRO G 75 17.23 2.52 34.52
N GLU G 76 17.32 1.23 34.24
CA GLU G 76 16.78 0.23 35.15
C GLU G 76 17.76 0.03 36.32
N PHE G 77 17.29 -0.62 37.38
CA PHE G 77 18.07 -0.85 38.58
C PHE G 77 18.18 -2.36 38.79
N PRO G 78 19.23 -3.01 38.27
CA PRO G 78 19.39 -4.46 38.48
C PRO G 78 19.80 -4.78 39.91
N ILE G 79 19.17 -5.80 40.47
CA ILE G 79 19.41 -6.20 41.85
C ILE G 79 20.03 -7.59 41.88
N ALA G 80 20.70 -7.89 42.97
CA ALA G 80 21.15 -9.24 43.25
C ALA G 80 19.99 -10.07 43.80
N PRO G 81 20.04 -11.40 43.67
CA PRO G 81 19.10 -12.24 44.43
C PRO G 81 19.30 -12.20 45.92
N GLU G 82 20.51 -11.96 46.40
CA GLU G 82 20.77 -11.87 47.83
C GLU G 82 20.29 -10.56 48.44
N ILE G 83 20.15 -9.49 47.66
CA ILE G 83 19.90 -8.16 48.22
C ILE G 83 18.41 -7.89 48.47
N ALA G 84 17.54 -8.75 47.93
CA ALA G 84 16.10 -8.53 48.07
C ALA G 84 15.66 -8.18 49.48
N LEU G 85 16.00 -9.02 50.46
CA LEU G 85 15.51 -8.80 51.83
C LEU G 85 15.88 -7.42 52.37
N GLU G 86 17.12 -6.99 52.17
CA GLU G 86 17.54 -5.70 52.70
C GLU G 86 16.85 -4.54 51.99
N LEU G 87 16.71 -4.62 50.68
CA LEU G 87 16.00 -3.58 49.96
C LEU G 87 14.55 -3.58 50.42
N LEU G 88 14.02 -4.75 50.73
CA LEU G 88 12.65 -4.84 51.24
C LEU G 88 12.51 -4.12 52.56
N MET G 89 13.42 -4.38 53.49
CA MET G 89 13.38 -3.71 54.78
C MET G 89 13.69 -2.23 54.60
N ALA G 90 14.44 -1.90 53.56
CA ALA G 90 14.74 -0.50 53.30
C ALA G 90 13.45 0.25 53.04
N ALA G 91 12.60 -0.32 52.20
CA ALA G 91 11.31 0.31 51.91
C ALA G 91 10.42 0.28 53.13
N ASN G 92 10.74 -0.58 54.08
CA ASN G 92 9.93 -0.70 55.28
C ASN G 92 10.47 0.15 56.41
N PHE G 93 11.66 -0.19 56.92
CA PHE G 93 12.24 0.55 58.03
C PHE G 93 12.39 2.03 57.69
N LEU G 94 12.96 2.31 56.53
CA LEU G 94 13.16 3.71 56.14
C LEU G 94 11.97 4.20 55.37
N ASP G 95 10.96 3.35 55.20
CA ASP G 95 9.74 3.75 54.51
C ASP G 95 10.04 4.65 53.32
N CYS G 96 10.94 4.19 52.45
CA CYS G 96 11.30 4.97 51.27
C CYS G 96 10.83 4.27 50.00
N MET H 1 18.27 38.58 -19.90
CA MET H 1 16.99 38.08 -20.38
C MET H 1 16.88 38.57 -21.83
N ASP H 2 16.74 37.63 -22.76
CA ASP H 2 16.86 37.93 -24.18
C ASP H 2 15.55 38.38 -24.80
N VAL H 3 15.68 39.26 -25.80
CA VAL H 3 14.58 39.72 -26.64
C VAL H 3 14.95 39.47 -28.10
N PHE H 4 13.93 39.28 -28.94
CA PHE H 4 14.08 38.73 -30.28
C PHE H 4 13.27 39.57 -31.24
N LEU H 5 13.93 40.19 -32.23
CA LEU H 5 13.33 41.33 -32.90
C LEU H 5 13.57 41.25 -34.41
N MET H 6 12.65 41.85 -35.16
CA MET H 6 12.73 41.97 -36.61
C MET H 6 12.66 43.45 -37.00
N ILE H 7 13.52 43.83 -37.95
CA ILE H 7 13.70 45.23 -38.34
C ILE H 7 13.56 45.33 -39.86
N ARG H 8 12.75 46.28 -40.32
CA ARG H 8 12.41 46.43 -41.75
C ARG H 8 12.87 47.79 -42.29
N ARG H 9 13.40 47.77 -43.51
CA ARG H 9 13.73 48.96 -44.31
C ARG H 9 13.85 48.56 -45.77
N HIS H 10 12.96 49.11 -46.62
CA HIS H 10 13.05 49.16 -48.11
C HIS H 10 13.22 47.79 -48.77
N LYS H 11 12.20 46.95 -48.58
CA LYS H 11 12.19 45.50 -48.88
C LYS H 11 13.36 44.76 -48.21
N THR H 12 13.69 45.14 -46.98
CA THR H 12 14.76 44.50 -46.22
C THR H 12 14.23 44.15 -44.83
N THR H 13 14.19 42.87 -44.50
CA THR H 13 13.69 42.41 -43.21
C THR H 13 14.76 41.54 -42.55
N ILE H 14 15.36 42.03 -41.47
CA ILE H 14 16.45 41.35 -40.79
C ILE H 14 15.97 40.92 -39.40
N PHE H 15 16.23 39.65 -39.08
CA PHE H 15 15.83 39.12 -37.78
C PHE H 15 17.07 38.88 -36.94
N THR H 16 17.05 39.36 -35.71
CA THR H 16 18.18 39.19 -34.80
C THR H 16 17.66 39.16 -33.37
N ASP H 17 18.60 39.22 -32.42
CA ASP H 17 18.27 39.16 -31.00
C ASP H 17 19.22 40.03 -30.20
N ALA H 18 18.75 40.45 -29.02
CA ALA H 18 19.54 41.22 -28.07
C ALA H 18 19.10 40.79 -26.67
N LYS H 19 19.50 41.55 -25.65
CA LYS H 19 19.06 41.29 -24.29
C LYS H 19 18.20 42.45 -23.79
N GLU H 20 17.72 42.32 -22.55
CA GLU H 20 16.82 43.32 -21.99
C GLU H 20 17.58 44.58 -21.57
N SER H 21 18.83 44.43 -21.11
CA SER H 21 19.67 45.55 -20.74
C SER H 21 20.47 46.10 -21.92
N SER H 22 20.27 45.57 -23.12
CA SER H 22 20.90 46.10 -24.31
C SER H 22 20.32 47.46 -24.68
N THR H 23 21.13 48.28 -25.34
CA THR H 23 20.71 49.60 -25.79
C THR H 23 20.37 49.57 -27.27
N VAL H 24 20.05 50.76 -27.78
CA VAL H 24 19.80 50.93 -29.21
C VAL H 24 21.15 50.94 -29.96
N PHE H 25 22.22 51.36 -29.27
CA PHE H 25 23.57 51.36 -29.82
C PHE H 25 24.11 49.96 -30.10
N GLU H 26 23.69 48.96 -29.32
CA GLU H 26 24.13 47.59 -29.55
C GLU H 26 23.47 47.00 -30.80
N LEU H 27 22.19 47.33 -31.03
CA LEU H 27 21.53 47.01 -32.29
C LEU H 27 22.10 47.81 -33.46
N LYS H 28 22.61 49.02 -33.20
CA LYS H 28 23.31 49.79 -34.22
C LYS H 28 24.65 49.16 -34.58
N ARG H 29 25.33 48.54 -33.60
CA ARG H 29 26.53 47.75 -33.89
C ARG H 29 26.19 46.45 -34.62
N ILE H 30 25.00 45.89 -34.36
CA ILE H 30 24.55 44.69 -35.07
C ILE H 30 24.26 44.99 -36.54
N VAL H 31 23.56 46.09 -36.82
CA VAL H 31 23.30 46.52 -38.20
C VAL H 31 24.57 47.09 -38.86
N GLU H 32 25.54 47.57 -38.06
CA GLU H 32 26.90 47.84 -38.54
C GLU H 32 27.61 46.57 -39.00
N GLY H 33 27.34 45.46 -38.32
CA GLY H 33 27.93 44.20 -38.73
C GLY H 33 27.21 43.63 -39.94
N ILE H 34 25.93 43.96 -40.10
CA ILE H 34 25.15 43.44 -41.22
C ILE H 34 25.44 44.21 -42.50
N LEU H 35 25.21 45.53 -42.51
CA LEU H 35 25.14 46.30 -43.74
C LEU H 35 26.41 47.07 -44.06
N LYS H 36 27.45 46.92 -43.23
CA LYS H 36 28.82 47.48 -43.39
C LYS H 36 28.82 49.02 -43.49
N ARG H 37 27.95 49.66 -42.72
CA ARG H 37 27.80 51.10 -42.66
C ARG H 37 28.03 51.56 -41.23
N PRO H 38 28.45 52.82 -41.00
CA PRO H 38 28.65 53.33 -39.61
C PRO H 38 27.35 53.41 -38.82
N PRO H 39 27.41 53.19 -37.49
CA PRO H 39 26.17 52.91 -36.73
C PRO H 39 25.28 54.11 -36.47
N ASP H 40 25.79 55.33 -36.60
CA ASP H 40 24.97 56.50 -36.33
C ASP H 40 24.21 56.98 -37.56
N GLU H 41 24.39 56.29 -38.70
CA GLU H 41 23.68 56.67 -39.92
C GLU H 41 22.22 56.22 -39.87
N GLN H 42 21.95 55.08 -39.24
CA GLN H 42 20.61 54.47 -39.24
C GLN H 42 19.79 55.06 -38.09
N ARG H 43 18.48 55.07 -38.28
CA ARG H 43 17.55 55.41 -37.21
C ARG H 43 16.55 54.28 -37.02
N LEU H 44 16.21 54.00 -35.76
CA LEU H 44 15.28 52.92 -35.43
C LEU H 44 13.98 53.51 -34.92
N TYR H 45 12.88 53.11 -35.53
CA TYR H 45 11.55 53.63 -35.21
C TYR H 45 10.66 52.49 -34.71
N LYS H 46 9.93 52.77 -33.63
CA LYS H 46 9.01 51.80 -33.04
C LYS H 46 7.62 52.43 -33.06
N ASP H 47 6.90 52.18 -34.17
CA ASP H 47 5.51 52.60 -34.45
C ASP H 47 5.34 54.12 -34.38
N ASP H 48 6.00 54.79 -35.35
CA ASP H 48 6.07 56.26 -35.51
C ASP H 48 6.62 56.97 -34.28
N GLN H 49 7.63 56.36 -33.63
CA GLN H 49 8.31 56.96 -32.49
C GLN H 49 9.81 56.76 -32.69
N LEU H 50 10.55 57.87 -32.77
CA LEU H 50 12.00 57.80 -32.89
C LEU H 50 12.61 57.50 -31.52
N LEU H 51 13.23 56.33 -31.40
CA LEU H 51 13.83 55.91 -30.15
C LEU H 51 15.16 56.63 -29.97
N ASP H 52 15.39 57.16 -28.77
CA ASP H 52 16.70 57.73 -28.43
C ASP H 52 17.72 56.61 -28.27
N ASP H 53 18.95 56.88 -28.70
CA ASP H 53 19.96 55.83 -28.81
C ASP H 53 20.53 55.42 -27.46
N GLY H 54 20.46 56.30 -26.46
CA GLY H 54 20.98 55.96 -25.14
C GLY H 54 20.06 55.13 -24.27
N LYS H 55 18.79 54.98 -24.65
CA LYS H 55 17.84 54.24 -23.83
C LYS H 55 17.98 52.74 -24.04
N THR H 56 17.61 51.98 -23.02
CA THR H 56 17.60 50.53 -23.09
C THR H 56 16.31 50.03 -23.75
N LEU H 57 16.30 48.73 -24.06
CA LEU H 57 15.14 48.13 -24.70
C LEU H 57 13.97 47.91 -23.75
N GLY H 58 14.23 47.79 -22.44
CA GLY H 58 13.15 47.70 -21.48
C GLY H 58 12.43 49.00 -21.26
N GLU H 59 13.11 50.12 -21.48
CA GLU H 59 12.46 51.43 -21.43
C GLU H 59 11.59 51.65 -22.67
N CYS H 60 12.07 51.18 -23.83
CA CYS H 60 11.37 51.40 -25.10
C CYS H 60 10.12 50.53 -25.24
N GLY H 61 10.04 49.41 -24.52
CA GLY H 61 8.86 48.58 -24.56
C GLY H 61 9.08 47.22 -25.18
N PHE H 62 10.32 46.72 -25.13
CA PHE H 62 10.67 45.43 -25.70
C PHE H 62 10.85 44.42 -24.58
N THR H 63 9.77 43.74 -24.23
CA THR H 63 9.79 42.62 -23.30
C THR H 63 9.70 41.32 -24.09
N SER H 64 10.06 40.22 -23.42
CA SER H 64 10.15 38.91 -24.07
C SER H 64 8.81 38.30 -24.41
N GLN H 65 7.72 38.73 -23.77
CA GLN H 65 6.39 38.33 -24.21
C GLN H 65 6.00 39.01 -25.51
N THR H 66 6.46 40.23 -25.74
CA THR H 66 6.23 40.91 -27.00
C THR H 66 7.31 40.61 -28.04
N ALA H 67 8.55 40.41 -27.60
CA ALA H 67 9.66 40.05 -28.48
C ALA H 67 9.95 38.57 -28.28
N ARG H 68 9.35 37.74 -29.13
CA ARG H 68 9.41 36.30 -29.11
C ARG H 68 10.27 35.79 -30.26
N PRO H 69 10.84 34.57 -30.13
CA PRO H 69 11.60 34.05 -31.27
C PRO H 69 10.68 33.63 -32.41
N GLN H 70 9.41 33.38 -32.10
CA GLN H 70 8.46 32.93 -33.12
C GLN H 70 7.50 34.04 -33.51
N ALA H 71 7.25 34.98 -32.62
CA ALA H 71 6.38 36.11 -32.96
C ALA H 71 7.03 37.42 -32.52
N PRO H 72 7.93 37.97 -33.36
CA PRO H 72 8.60 39.18 -32.88
C PRO H 72 7.78 40.45 -32.99
N ALA H 73 8.41 41.60 -32.75
CA ALA H 73 7.75 42.90 -32.82
C ALA H 73 8.25 43.75 -33.98
N THR H 74 7.41 44.71 -34.39
CA THR H 74 7.63 45.47 -35.62
C THR H 74 8.43 46.74 -35.35
N VAL H 75 9.67 46.79 -35.85
CA VAL H 75 10.56 47.95 -35.80
C VAL H 75 10.91 48.32 -37.23
N GLY H 76 10.85 49.61 -37.56
CA GLY H 76 11.31 50.11 -38.85
C GLY H 76 12.70 50.72 -38.72
N LEU H 77 13.42 50.77 -39.84
CA LEU H 77 14.75 51.35 -39.88
C LEU H 77 14.81 52.41 -40.99
N ALA H 78 15.73 53.35 -40.82
CA ALA H 78 15.97 54.39 -41.80
C ALA H 78 17.46 54.62 -41.95
N PHE H 79 17.87 55.15 -43.10
CA PHE H 79 19.25 55.60 -43.30
C PHE H 79 19.27 57.04 -43.79
N GLU H 86 16.61 59.64 -43.56
CA GLU H 86 15.23 59.61 -44.02
C GLU H 86 14.27 59.30 -42.86
N ALA H 87 12.98 59.32 -43.16
CA ALA H 87 11.94 59.09 -42.16
C ALA H 87 11.59 57.60 -42.12
N LEU H 88 10.49 57.27 -41.45
CA LEU H 88 10.06 55.88 -41.34
C LEU H 88 9.41 55.43 -42.64
N CYS H 89 10.02 54.45 -43.29
CA CYS H 89 9.50 53.88 -44.53
C CYS H 89 9.53 52.36 -44.40
N ILE H 90 8.36 51.75 -44.24
CA ILE H 90 8.23 50.30 -44.12
C ILE H 90 7.50 49.81 -45.35
N GLU H 91 8.15 48.93 -46.11
CA GLU H 91 7.45 48.21 -47.15
C GLU H 91 6.76 46.99 -46.54
N PRO H 92 5.45 46.84 -46.70
CA PRO H 92 4.75 45.70 -46.10
C PRO H 92 4.98 44.42 -46.90
N PHE H 93 4.53 43.32 -46.32
CA PHE H 93 4.60 42.02 -47.00
C PHE H 93 3.52 41.93 -48.07
N SER H 94 3.66 40.94 -48.94
CA SER H 94 2.74 40.74 -50.05
C SER H 94 1.41 40.17 -49.55
N SER H 95 0.37 40.34 -50.37
CA SER H 95 -0.99 39.98 -49.99
C SER H 95 -1.19 38.47 -50.11
N PRO H 96 -1.59 37.78 -49.03
CA PRO H 96 -1.91 36.36 -49.14
C PRO H 96 -3.26 36.17 -49.81
N PRO H 97 -3.51 35.00 -50.43
CA PRO H 97 -4.83 34.76 -51.05
C PRO H 97 -5.91 34.38 -50.03
N GLU H 98 -7.12 34.12 -50.56
CA GLU H 98 -8.35 33.73 -49.83
C GLU H 98 -8.76 34.71 -48.73
N MET I 1 28.85 35.29 -43.02
CA MET I 1 28.06 35.68 -41.87
C MET I 1 26.62 36.00 -42.28
N TYR I 2 26.46 36.65 -43.42
CA TYR I 2 25.12 37.00 -43.90
C TYR I 2 24.95 36.64 -45.37
N VAL I 3 23.71 36.35 -45.76
CA VAL I 3 23.44 35.99 -47.14
C VAL I 3 22.15 36.66 -47.61
N LYS I 4 22.20 37.27 -48.79
CA LYS I 4 21.02 37.97 -49.30
C LYS I 4 20.23 37.04 -50.20
N LEU I 5 18.93 36.92 -49.92
CA LEU I 5 18.05 36.08 -50.70
C LEU I 5 16.86 36.89 -51.20
N ILE I 6 16.48 36.66 -52.45
CA ILE I 6 15.50 37.49 -53.15
C ILE I 6 14.19 36.70 -53.24
N SER I 7 13.07 37.37 -52.97
CA SER I 7 11.77 36.73 -53.03
C SER I 7 11.22 36.73 -54.47
N SER I 8 9.97 36.31 -54.60
CA SER I 8 9.32 36.30 -55.92
C SER I 8 8.96 37.70 -56.36
N ASP I 9 8.53 38.56 -55.42
CA ASP I 9 8.23 39.94 -55.75
C ASP I 9 9.43 40.88 -55.60
N GLY I 10 10.55 40.39 -55.06
CA GLY I 10 11.77 41.16 -55.03
C GLY I 10 12.22 41.65 -53.68
N HIS I 11 11.73 41.08 -52.58
CA HIS I 11 12.20 41.48 -51.25
C HIS I 11 13.55 40.83 -50.96
N GLU I 12 14.52 41.65 -50.58
CA GLU I 12 15.88 41.18 -50.30
C GLU I 12 16.04 40.99 -48.79
N PHE I 13 16.13 39.73 -48.38
CA PHE I 13 16.30 39.38 -46.98
C PHE I 13 17.78 39.08 -46.73
N ILE I 14 18.40 39.85 -45.85
CA ILE I 14 19.79 39.60 -45.44
C ILE I 14 19.72 38.82 -44.14
N VAL I 15 20.12 37.55 -44.22
CA VAL I 15 19.92 36.54 -43.19
C VAL I 15 21.32 36.18 -42.68
N LYS I 16 21.41 35.86 -41.38
CA LYS I 16 22.60 35.26 -40.81
C LYS I 16 22.84 33.88 -41.43
N ARG I 17 24.10 33.58 -41.71
CA ARG I 17 24.41 32.36 -42.46
C ARG I 17 23.88 31.07 -41.87
N GLU I 18 24.22 30.79 -40.63
CA GLU I 18 23.85 29.50 -40.07
C GLU I 18 22.33 29.26 -40.08
N HIS I 19 21.54 30.33 -40.13
CA HIS I 19 20.09 30.22 -40.32
C HIS I 19 19.75 29.62 -41.69
N ALA I 20 20.43 30.11 -42.74
CA ALA I 20 20.22 29.56 -44.07
C ALA I 20 20.92 28.21 -44.23
N LEU I 21 22.04 28.02 -43.53
CA LEU I 21 22.79 26.77 -43.59
C LEU I 21 22.15 25.64 -42.78
N THR I 22 21.17 25.95 -41.92
CA THR I 22 20.30 24.92 -41.35
C THR I 22 19.48 24.23 -42.44
N SER I 23 18.94 24.98 -43.39
CA SER I 23 18.17 24.40 -44.50
C SER I 23 19.11 23.71 -45.50
N GLY I 24 18.67 22.54 -45.98
CA GLY I 24 19.55 21.71 -46.80
C GLY I 24 19.63 22.16 -48.24
N THR I 25 18.60 22.86 -48.74
CA THR I 25 18.64 23.37 -50.11
C THR I 25 19.56 24.57 -50.21
N ILE I 26 19.57 25.43 -49.19
CA ILE I 26 20.46 26.59 -49.17
C ILE I 26 21.86 26.16 -48.77
N LYS I 27 21.97 25.01 -48.09
CA LYS I 27 23.26 24.29 -48.02
C LYS I 27 23.70 23.84 -49.41
N ALA I 28 22.77 23.34 -50.22
CA ALA I 28 23.15 22.61 -51.42
C ALA I 28 23.44 23.52 -52.60
N MET I 29 22.79 24.69 -52.67
CA MET I 29 22.83 25.46 -53.91
C MET I 29 24.10 26.31 -54.00
N LEU I 30 24.67 26.69 -52.86
CA LEU I 30 25.90 27.46 -52.86
C LEU I 30 27.04 26.68 -52.22
N SER I 31 28.26 26.99 -52.69
CA SER I 31 29.57 26.43 -52.30
C SER I 31 29.63 24.91 -52.42
N GLY I 32 29.07 24.38 -53.50
CA GLY I 32 29.09 22.94 -53.73
C GLY I 32 30.05 22.50 -54.82
N ASN I 42 27.14 34.84 -51.02
CA ASN I 42 26.51 34.71 -52.32
C ASN I 42 25.11 35.30 -52.30
N GLU I 43 24.37 35.12 -53.40
CA GLU I 43 23.01 35.61 -53.52
C GLU I 43 22.11 34.49 -54.02
N VAL I 44 20.85 34.50 -53.57
CA VAL I 44 19.88 33.47 -53.90
C VAL I 44 18.77 34.11 -54.73
N ASN I 45 18.59 33.62 -55.95
CA ASN I 45 17.51 34.05 -56.84
C ASN I 45 16.40 33.00 -56.73
N PHE I 46 15.34 33.35 -56.00
CA PHE I 46 14.29 32.39 -55.63
C PHE I 46 12.97 33.02 -56.09
N ARG I 47 12.22 32.29 -56.93
CA ARG I 47 11.16 32.89 -57.72
C ARG I 47 9.76 32.31 -57.43
N GLU I 48 9.61 31.42 -56.46
CA GLU I 48 8.34 30.73 -56.28
C GLU I 48 7.74 30.90 -54.89
N ILE I 49 8.44 31.56 -53.98
CA ILE I 49 7.97 31.72 -52.60
C ILE I 49 7.86 33.20 -52.28
N PRO I 50 6.72 33.70 -51.80
CA PRO I 50 6.58 35.13 -51.53
C PRO I 50 7.24 35.55 -50.22
N SER I 51 7.03 36.84 -49.89
CA SER I 51 7.82 37.50 -48.86
C SER I 51 7.40 37.12 -47.45
N HIS I 52 6.09 36.93 -47.24
CA HIS I 52 5.58 36.64 -45.90
C HIS I 52 5.87 35.21 -45.49
N VAL I 53 5.91 34.30 -46.47
CA VAL I 53 6.32 32.91 -46.23
C VAL I 53 7.81 32.84 -45.90
N LEU I 54 8.61 33.69 -46.55
CA LEU I 54 10.04 33.78 -46.25
C LEU I 54 10.29 34.43 -44.88
N SER I 55 9.43 35.36 -44.48
CA SER I 55 9.57 35.94 -43.16
C SER I 55 9.31 34.85 -42.16
N LYS I 56 8.39 33.95 -42.49
CA LYS I 56 8.10 32.82 -41.62
C LYS I 56 9.35 31.98 -41.46
N VAL I 57 10.05 31.75 -42.56
CA VAL I 57 11.26 30.95 -42.51
C VAL I 57 12.29 31.60 -41.61
N CYS I 58 12.39 32.92 -41.68
CA CYS I 58 13.36 33.64 -40.84
C CYS I 58 13.07 33.42 -39.37
N MET I 59 11.82 33.65 -38.97
CA MET I 59 11.46 33.46 -37.57
C MET I 59 11.56 31.99 -37.21
N TYR I 60 11.27 31.13 -38.17
CA TYR I 60 11.40 29.70 -37.93
C TYR I 60 12.86 29.35 -37.65
N PHE I 61 13.77 29.95 -38.40
CA PHE I 61 15.18 29.70 -38.18
C PHE I 61 15.61 30.13 -36.79
N THR I 62 15.11 31.29 -36.34
CA THR I 62 15.43 31.73 -34.99
C THR I 62 14.85 30.71 -34.02
N TYR I 63 13.60 30.31 -34.24
CA TYR I 63 12.96 29.32 -33.39
C TYR I 63 13.72 28.00 -33.47
N LYS I 64 14.58 27.87 -34.48
CA LYS I 64 15.36 26.65 -34.65
C LYS I 64 16.79 26.82 -34.14
N VAL I 65 17.45 27.94 -34.47
CA VAL I 65 18.84 28.13 -34.09
C VAL I 65 18.97 28.52 -32.60
N ARG I 66 18.05 29.36 -32.09
CA ARG I 66 18.01 29.68 -30.66
C ARG I 66 17.57 28.48 -29.83
N TYR I 67 16.70 27.62 -30.37
CA TYR I 67 16.19 26.49 -29.61
C TYR I 67 16.92 25.18 -29.92
N THR I 68 18.10 25.25 -30.53
CA THR I 68 18.89 24.05 -30.83
C THR I 68 19.49 23.46 -29.55
N ASN I 69 19.28 22.15 -29.37
CA ASN I 69 19.48 21.32 -28.15
C ASN I 69 19.06 22.03 -26.86
N SER I 70 17.83 22.54 -26.88
CA SER I 70 17.25 23.24 -25.74
C SER I 70 16.63 22.23 -24.78
N SER I 71 16.96 22.38 -23.49
CA SER I 71 16.41 21.52 -22.45
C SER I 71 15.16 22.10 -21.82
N THR I 72 14.64 23.21 -22.33
CA THR I 72 13.49 23.88 -21.75
C THR I 72 12.20 23.44 -22.43
N GLU I 73 11.10 24.14 -22.12
CA GLU I 73 9.82 23.89 -22.76
C GLU I 73 9.83 24.41 -24.19
N ILE I 74 9.35 23.61 -25.13
CA ILE I 74 9.35 24.01 -26.53
C ILE I 74 7.96 24.46 -26.97
N PRO I 75 7.74 25.78 -27.06
CA PRO I 75 6.45 26.31 -27.47
C PRO I 75 6.21 26.16 -28.97
N GLU I 76 4.97 26.26 -29.41
CA GLU I 76 4.66 26.10 -30.83
C GLU I 76 4.41 27.44 -31.51
N PHE I 77 5.00 27.63 -32.69
CA PHE I 77 4.82 28.87 -33.43
C PHE I 77 3.43 28.96 -34.05
N PRO I 78 2.71 30.06 -33.79
CA PRO I 78 1.37 30.25 -34.36
C PRO I 78 1.40 30.40 -35.87
N ILE I 79 0.26 30.34 -36.54
CA ILE I 79 0.25 30.40 -37.99
C ILE I 79 -0.96 31.18 -38.47
N ALA I 80 -0.83 31.74 -39.67
CA ALA I 80 -1.84 32.14 -40.62
C ALA I 80 -2.12 30.96 -41.55
N PRO I 81 -3.40 30.68 -41.88
CA PRO I 81 -3.74 29.36 -42.46
C PRO I 81 -3.32 29.16 -43.91
N GLU I 82 -3.54 30.15 -44.79
CA GLU I 82 -3.13 29.99 -46.19
C GLU I 82 -1.62 30.14 -46.35
N ILE I 83 -0.97 30.88 -45.43
CA ILE I 83 0.49 30.97 -45.39
C ILE I 83 1.08 29.63 -44.93
N ALA I 84 0.39 28.93 -44.03
CA ALA I 84 0.82 27.59 -43.61
C ALA I 84 0.59 26.55 -44.70
N LEU I 85 -0.50 26.67 -45.47
CA LEU I 85 -0.73 25.76 -46.59
C LEU I 85 0.21 26.03 -47.75
N GLU I 86 0.73 27.25 -47.87
CA GLU I 86 1.82 27.50 -48.80
C GLU I 86 3.15 27.00 -48.21
N LEU I 87 3.23 26.97 -46.87
CA LEU I 87 4.42 26.46 -46.20
C LEU I 87 4.52 24.93 -46.24
N LEU I 88 3.43 24.23 -46.58
CA LEU I 88 3.53 22.80 -46.95
C LEU I 88 4.44 22.56 -48.16
N MET I 89 4.22 23.27 -49.28
CA MET I 89 5.09 23.00 -50.42
C MET I 89 6.41 23.75 -50.30
N ALA I 90 6.46 24.79 -49.46
CA ALA I 90 7.75 25.38 -49.08
C ALA I 90 8.57 24.44 -48.21
N ALA I 91 7.90 23.63 -47.38
CA ALA I 91 8.57 22.59 -46.62
C ALA I 91 9.00 21.43 -47.51
N ASN I 92 8.19 21.14 -48.54
CA ASN I 92 8.49 20.03 -49.45
C ASN I 92 9.66 20.37 -50.37
N PHE I 93 9.82 21.65 -50.74
CA PHE I 93 10.91 21.99 -51.65
C PHE I 93 12.15 22.49 -50.89
N LEU I 94 11.97 23.30 -49.85
CA LEU I 94 13.08 23.97 -49.19
C LEU I 94 13.87 23.06 -48.24
N ASP I 95 13.29 21.91 -47.86
CA ASP I 95 13.87 20.87 -46.99
C ASP I 95 14.30 21.41 -45.62
N CYS I 96 13.38 22.09 -44.96
CA CYS I 96 13.59 22.57 -43.60
C CYS I 96 12.26 22.62 -42.86
N GLU J 31 -7.60 18.23 1.34
CA GLU J 31 -7.52 18.54 -0.09
C GLU J 31 -8.71 17.98 -0.83
N LEU J 32 -9.51 18.88 -1.42
CA LEU J 32 -10.61 18.46 -2.28
C LEU J 32 -10.04 18.03 -3.62
N ALA J 33 -10.19 16.76 -3.96
CA ALA J 33 -9.65 16.20 -5.19
C ALA J 33 -10.54 16.62 -6.36
N CYS J 34 -10.20 17.76 -6.95
CA CYS J 34 -10.93 18.23 -8.12
C CYS J 34 -10.48 17.44 -9.34
N PRO J 35 -11.40 16.82 -10.08
CA PRO J 35 -10.99 16.03 -11.25
C PRO J 35 -10.67 16.92 -12.45
N ALA J 36 -10.02 16.32 -13.43
CA ALA J 36 -9.82 16.96 -14.71
C ALA J 36 -11.15 17.06 -15.45
N GLU J 37 -11.31 18.15 -16.21
CA GLU J 37 -12.52 18.36 -16.97
C GLU J 37 -12.56 17.43 -18.19
N ARG J 38 -13.74 16.89 -18.46
CA ARG J 38 -13.81 15.72 -19.32
C ARG J 38 -15.19 15.56 -19.93
N SER J 39 -15.23 14.76 -21.00
CA SER J 39 -16.45 14.24 -21.58
C SER J 39 -16.12 12.86 -22.14
N GLY J 40 -17.14 12.04 -22.35
CA GLY J 40 -16.96 10.71 -22.86
C GLY J 40 -16.76 9.63 -21.80
N HIS J 41 -16.64 10.04 -20.55
CA HIS J 41 -16.57 9.09 -19.44
C HIS J 41 -17.91 8.42 -19.23
N VAL J 42 -17.87 7.18 -18.75
CA VAL J 42 -19.08 6.50 -18.32
C VAL J 42 -19.22 6.64 -16.82
N ALA J 43 -20.42 7.03 -16.38
CA ALA J 43 -20.70 7.18 -14.97
C ALA J 43 -22.01 6.48 -14.65
N VAL J 44 -21.97 5.62 -13.65
CA VAL J 44 -23.10 4.80 -13.28
C VAL J 44 -23.53 5.13 -11.85
N SER J 45 -24.80 4.89 -11.56
CA SER J 45 -25.41 5.29 -10.29
C SER J 45 -26.14 4.11 -9.66
N ASP J 46 -25.83 3.83 -8.40
CA ASP J 46 -26.63 2.93 -7.57
C ASP J 46 -27.64 3.68 -6.71
N GLY J 47 -27.69 5.00 -6.82
CA GLY J 47 -28.39 5.83 -5.86
C GLY J 47 -27.50 6.45 -4.80
N ARG J 48 -26.28 5.95 -4.63
CA ARG J 48 -25.31 6.53 -3.70
C ARG J 48 -24.02 6.96 -4.36
N HIS J 49 -23.49 6.22 -5.32
CA HIS J 49 -22.23 6.59 -5.96
C HIS J 49 -22.43 6.65 -7.47
N MET J 50 -22.00 7.72 -8.13
CA MET J 50 -21.63 7.60 -9.54
C MET J 50 -20.17 7.15 -9.59
N PHE J 51 -19.96 6.01 -10.22
CA PHE J 51 -18.62 5.59 -10.62
C PHE J 51 -18.35 6.23 -11.98
N VAL J 52 -17.34 7.08 -12.03
CA VAL J 52 -16.89 7.74 -13.26
C VAL J 52 -15.60 7.08 -13.70
N TRP J 53 -15.58 6.57 -14.93
CA TRP J 53 -14.43 5.87 -15.44
C TRP J 53 -14.30 6.16 -16.93
N GLY J 54 -13.06 6.19 -17.42
CA GLY J 54 -12.79 6.41 -18.83
C GLY J 54 -12.92 7.88 -19.20
N GLY J 55 -12.96 8.11 -20.51
CA GLY J 55 -13.16 9.44 -21.05
C GLY J 55 -11.94 9.97 -21.79
N TYR J 56 -12.12 11.17 -22.33
CA TYR J 56 -11.07 11.91 -23.01
C TYR J 56 -11.29 13.39 -22.72
N LYS J 57 -10.34 14.21 -23.16
CA LYS J 57 -10.46 15.65 -23.00
C LYS J 57 -9.67 16.34 -24.09
N SER J 58 -9.95 17.63 -24.27
CA SER J 58 -9.08 18.49 -25.07
C SER J 58 -7.95 18.99 -24.19
N ASN J 59 -6.71 18.79 -24.64
CA ASN J 59 -5.55 19.22 -23.90
C ASN J 59 -5.40 20.73 -24.04
N GLN J 60 -5.39 21.42 -22.90
CA GLN J 60 -5.31 22.89 -22.92
C GLN J 60 -3.91 23.39 -23.25
N VAL J 61 -2.87 22.60 -22.92
CA VAL J 61 -1.52 22.95 -23.32
C VAL J 61 -1.32 22.73 -24.82
N ARG J 62 -1.75 21.57 -25.33
CA ARG J 62 -1.50 21.17 -26.70
C ARG J 62 -2.84 21.06 -27.43
N GLY J 63 -3.13 22.04 -28.29
CA GLY J 63 -4.36 22.01 -29.09
C GLY J 63 -4.17 21.33 -30.43
N LEU J 64 -3.68 20.11 -30.41
CA LEU J 64 -3.31 19.34 -31.59
C LEU J 64 -3.89 17.94 -31.58
N TYR J 65 -4.02 17.32 -30.40
CA TYR J 65 -4.53 15.97 -30.26
C TYR J 65 -5.30 15.86 -28.95
N ASP J 66 -6.40 15.11 -29.00
CA ASP J 66 -7.25 14.94 -27.82
C ASP J 66 -6.60 13.97 -26.83
N PHE J 67 -6.38 14.45 -25.62
CA PHE J 67 -5.70 13.68 -24.59
C PHE J 67 -6.69 12.70 -23.97
N TYR J 68 -6.44 11.41 -24.17
CA TYR J 68 -7.23 10.38 -23.51
C TYR J 68 -6.86 10.32 -22.04
N LEU J 69 -7.85 10.05 -21.19
CA LEU J 69 -7.66 10.00 -19.75
C LEU J 69 -6.91 8.72 -19.35
N PRO J 70 -6.26 8.71 -18.17
CA PRO J 70 -5.58 7.48 -17.70
C PRO J 70 -6.51 6.29 -17.44
N ARG J 71 -5.95 5.11 -17.69
CA ARG J 71 -6.60 3.81 -17.75
C ARG J 71 -7.22 3.36 -16.44
N GLU J 72 -6.56 3.65 -15.31
CA GLU J 72 -6.91 3.10 -14.01
C GLU J 72 -7.78 4.02 -13.16
N GLU J 73 -8.10 5.22 -13.64
CA GLU J 73 -8.73 6.26 -12.82
C GLU J 73 -10.21 5.99 -12.61
N LEU J 74 -10.62 5.84 -11.34
CA LEU J 74 -12.03 5.82 -10.98
C LEU J 74 -12.30 7.03 -10.11
N TRP J 75 -13.03 8.01 -10.64
CA TRP J 75 -13.40 9.19 -9.86
C TRP J 75 -14.81 9.04 -9.30
N ILE J 76 -14.90 8.30 -8.18
CA ILE J 76 -16.20 8.00 -7.59
C ILE J 76 -16.74 9.22 -6.87
N TYR J 77 -17.86 9.74 -7.36
CA TYR J 77 -18.54 10.86 -6.73
C TYR J 77 -19.77 10.34 -5.99
N ASN J 78 -19.72 10.41 -4.68
CA ASN J 78 -20.88 10.16 -3.83
C ASN J 78 -21.77 11.39 -3.94
N MET J 79 -23.02 11.21 -4.40
CA MET J 79 -23.88 12.39 -4.46
C MET J 79 -24.70 12.50 -3.18
N GLU J 80 -24.82 11.38 -2.43
CA GLU J 80 -25.46 11.42 -1.13
C GLU J 80 -24.53 12.07 -0.10
N THR J 81 -23.24 11.76 -0.15
CA THR J 81 -22.24 12.51 0.59
C THR J 81 -21.32 13.28 -0.34
N GLY J 82 -21.84 13.68 -1.51
CA GLY J 82 -21.41 14.80 -2.36
C GLY J 82 -19.96 15.11 -2.63
N ARG J 83 -19.10 14.09 -2.63
CA ARG J 83 -17.67 14.31 -2.64
C ARG J 83 -16.98 13.36 -3.61
N TRP J 84 -15.73 13.69 -3.89
CA TRP J 84 -14.89 12.98 -4.84
C TRP J 84 -13.96 12.03 -4.09
N LYS J 85 -13.74 10.86 -4.69
CA LYS J 85 -12.75 9.91 -4.20
C LYS J 85 -12.23 9.15 -5.41
N LYS J 86 -10.96 9.33 -5.74
CA LYS J 86 -10.37 8.66 -6.90
C LYS J 86 -9.56 7.48 -6.42
N ILE J 87 -9.77 6.32 -7.05
CA ILE J 87 -8.98 5.13 -6.78
C ILE J 87 -8.43 4.57 -8.08
N ASN J 88 -7.59 3.55 -7.92
CA ASN J 88 -6.89 2.90 -9.02
C ASN J 88 -7.27 1.42 -9.02
N THR J 89 -7.45 0.86 -10.21
CA THR J 89 -7.95 -0.50 -10.35
C THR J 89 -6.86 -1.43 -10.89
N GLU J 90 -7.14 -2.73 -10.79
CA GLU J 90 -6.23 -3.77 -11.26
C GLU J 90 -6.98 -4.79 -12.11
N GLY J 91 -6.35 -5.92 -12.42
CA GLY J 91 -7.04 -6.99 -13.11
C GLY J 91 -6.82 -6.98 -14.61
N ASP J 92 -7.81 -7.51 -15.34
CA ASP J 92 -7.80 -7.51 -16.79
C ASP J 92 -8.40 -6.19 -17.29
N VAL J 93 -7.58 -5.15 -17.24
CA VAL J 93 -8.05 -3.77 -17.35
C VAL J 93 -8.32 -3.42 -18.81
N PRO J 94 -9.49 -2.89 -19.15
CA PRO J 94 -9.74 -2.41 -20.51
C PRO J 94 -9.03 -1.09 -20.77
N PRO J 95 -8.81 -0.70 -22.02
CA PRO J 95 -8.11 0.57 -22.30
C PRO J 95 -8.97 1.81 -22.06
N SER J 96 -8.41 2.95 -22.50
CA SER J 96 -9.06 4.24 -22.30
C SER J 96 -10.26 4.41 -23.21
N MET J 97 -11.44 4.27 -22.62
CA MET J 97 -12.71 4.30 -23.32
C MET J 97 -13.34 5.68 -23.28
N SER J 98 -13.79 6.13 -24.45
CA SER J 98 -14.61 7.33 -24.59
C SER J 98 -15.79 6.99 -25.47
N GLY J 99 -16.96 6.82 -24.86
CA GLY J 99 -18.16 6.44 -25.59
C GLY J 99 -18.66 5.04 -25.36
N SER J 100 -18.28 4.38 -24.27
CA SER J 100 -18.70 3.00 -24.02
C SER J 100 -20.13 2.93 -23.48
N CYS J 101 -20.51 1.72 -23.12
CA CYS J 101 -21.84 1.42 -22.60
C CYS J 101 -21.68 0.60 -21.34
N ALA J 102 -22.01 1.18 -20.19
CA ALA J 102 -21.78 0.55 -18.90
C ALA J 102 -23.02 0.61 -18.03
N VAL J 103 -23.27 -0.47 -17.29
CA VAL J 103 -24.35 -0.55 -16.32
C VAL J 103 -23.75 -1.01 -14.99
N CYS J 104 -24.55 -0.87 -13.92
CA CYS J 104 -24.12 -1.23 -12.57
C CYS J 104 -25.29 -1.94 -11.90
N VAL J 105 -25.31 -3.27 -12.02
CA VAL J 105 -26.39 -4.10 -11.52
C VAL J 105 -25.90 -4.82 -10.26
N ASP J 106 -26.70 -4.70 -9.18
CA ASP J 106 -26.41 -5.03 -7.75
C ASP J 106 -24.99 -4.65 -7.32
N ARG J 107 -24.65 -3.38 -7.64
CA ARG J 107 -23.33 -2.75 -7.46
C ARG J 107 -22.21 -3.52 -8.15
N VAL J 108 -22.50 -4.07 -9.33
CA VAL J 108 -21.52 -4.76 -10.16
C VAL J 108 -21.46 -4.07 -11.52
N LEU J 109 -20.29 -3.59 -11.90
CA LEU J 109 -20.06 -2.96 -13.19
C LEU J 109 -20.01 -3.98 -14.32
N TYR J 110 -20.78 -3.72 -15.37
CA TYR J 110 -20.63 -4.40 -16.65
C TYR J 110 -20.37 -3.36 -17.74
N LEU J 111 -19.45 -3.69 -18.64
CA LEU J 111 -18.91 -2.75 -19.61
C LEU J 111 -18.85 -3.40 -20.98
N PHE J 112 -19.38 -2.70 -22.00
CA PHE J 112 -19.31 -3.19 -23.36
C PHE J 112 -19.12 -2.02 -24.32
N GLY J 113 -18.34 -2.26 -25.37
CA GLY J 113 -18.23 -1.33 -26.47
C GLY J 113 -17.30 -0.18 -26.18
N GLY J 114 -17.22 0.73 -27.15
CA GLY J 114 -16.51 1.97 -26.95
C GLY J 114 -15.41 2.20 -27.97
N HIS J 115 -14.84 3.40 -27.93
CA HIS J 115 -13.80 3.77 -28.91
C HIS J 115 -12.48 4.24 -28.32
N HIS J 116 -11.56 3.34 -28.10
CA HIS J 116 -10.22 3.64 -27.63
C HIS J 116 -9.46 4.40 -28.71
N SER J 117 -8.18 4.70 -28.43
CA SER J 117 -7.37 5.60 -29.25
C SER J 117 -6.94 5.00 -30.59
N ARG J 118 -7.10 3.69 -30.77
CA ARG J 118 -6.87 3.06 -32.07
C ARG J 118 -8.16 2.60 -32.74
N GLY J 119 -9.35 2.87 -32.16
CA GLY J 119 -10.55 2.47 -32.86
C GLY J 119 -11.66 2.05 -31.91
N ASN J 120 -12.48 1.10 -32.36
CA ASN J 120 -13.59 0.63 -31.55
C ASN J 120 -13.34 -0.79 -31.04
N THR J 121 -14.10 -1.17 -30.02
CA THR J 121 -13.99 -2.53 -29.48
C THR J 121 -15.38 -3.14 -29.31
N ASN J 122 -15.40 -4.46 -29.13
CA ASN J 122 -16.60 -5.22 -28.81
C ASN J 122 -16.32 -6.33 -27.79
N LYS J 123 -15.40 -6.08 -26.85
CA LYS J 123 -15.18 -7.03 -25.77
C LYS J 123 -16.07 -6.67 -24.57
N PHE J 124 -16.23 -7.63 -23.67
CA PHE J 124 -17.07 -7.46 -22.49
C PHE J 124 -16.20 -7.53 -21.24
N TYR J 125 -16.40 -6.58 -20.34
CA TYR J 125 -15.59 -6.47 -19.13
C TYR J 125 -16.51 -6.38 -17.92
N MET J 126 -16.03 -6.86 -16.77
CA MET J 126 -16.81 -6.89 -15.55
C MET J 126 -15.93 -6.44 -14.40
N LEU J 127 -16.50 -5.65 -13.50
CA LEU J 127 -15.81 -5.16 -12.30
C LEU J 127 -16.75 -5.31 -11.12
N ASP J 128 -16.20 -5.66 -9.96
CA ASP J 128 -16.99 -5.75 -8.75
C ASP J 128 -16.78 -4.51 -7.89
N SER J 129 -17.83 -3.70 -7.75
CA SER J 129 -17.78 -2.49 -6.93
C SER J 129 -18.32 -2.70 -5.53
N ARG J 130 -18.74 -3.92 -5.19
CA ARG J 130 -19.21 -4.21 -3.85
C ARG J 130 -18.06 -4.32 -2.85
N SER J 131 -16.88 -4.71 -3.32
CA SER J 131 -15.73 -4.89 -2.44
C SER J 131 -15.09 -3.55 -2.11
N THR J 132 -14.90 -3.30 -0.82
CA THR J 132 -14.19 -2.12 -0.35
C THR J 132 -12.91 -2.45 0.40
N ASP J 133 -12.74 -3.70 0.85
CA ASP J 133 -11.52 -4.08 1.55
C ASP J 133 -10.36 -4.26 0.58
N ARG J 134 -10.61 -4.87 -0.57
CA ARG J 134 -9.58 -5.17 -1.55
C ARG J 134 -9.62 -4.18 -2.70
N VAL J 135 -8.52 -4.15 -3.47
CA VAL J 135 -8.45 -3.31 -4.65
C VAL J 135 -9.31 -3.93 -5.77
N LEU J 136 -9.90 -3.08 -6.59
CA LEU J 136 -10.88 -3.51 -7.59
C LEU J 136 -10.17 -4.15 -8.78
N GLN J 137 -10.54 -5.38 -9.09
CA GLN J 137 -9.89 -6.16 -10.15
C GLN J 137 -10.87 -6.34 -11.31
N TRP J 138 -10.48 -5.85 -12.49
CA TRP J 138 -11.27 -6.02 -13.69
C TRP J 138 -11.15 -7.46 -14.20
N GLU J 139 -12.11 -7.87 -15.03
CA GLU J 139 -12.08 -9.21 -15.61
C GLU J 139 -12.75 -9.16 -16.98
N ARG J 140 -12.01 -9.52 -18.02
CA ARG J 140 -12.60 -9.68 -19.35
C ARG J 140 -13.30 -11.03 -19.45
N ILE J 141 -14.53 -11.02 -19.95
CA ILE J 141 -15.30 -12.24 -20.13
C ILE J 141 -15.60 -12.41 -21.61
N ASP J 142 -15.13 -13.51 -22.19
CA ASP J 142 -15.43 -13.86 -23.58
C ASP J 142 -16.81 -14.51 -23.59
N CYS J 143 -17.80 -13.77 -24.08
CA CYS J 143 -19.18 -14.22 -24.03
C CYS J 143 -19.50 -15.14 -25.21
N GLN J 144 -20.21 -16.23 -24.91
CA GLN J 144 -20.61 -17.16 -25.95
C GLN J 144 -21.79 -16.58 -26.74
N GLY J 145 -21.94 -17.09 -27.97
CA GLY J 145 -22.93 -16.57 -28.89
C GLY J 145 -22.31 -15.68 -29.95
N ILE J 146 -23.19 -15.14 -30.79
CA ILE J 146 -22.77 -14.26 -31.88
C ILE J 146 -22.49 -12.88 -31.30
N PRO J 147 -21.28 -12.34 -31.48
CA PRO J 147 -20.99 -10.99 -30.97
C PRO J 147 -21.45 -9.93 -31.94
N PRO J 148 -21.68 -8.70 -31.48
CA PRO J 148 -21.90 -7.59 -32.41
C PRO J 148 -20.58 -7.03 -32.91
N SER J 149 -20.67 -6.01 -33.76
CA SER J 149 -19.50 -5.35 -34.32
C SER J 149 -18.87 -4.43 -33.28
N SER J 150 -17.64 -4.02 -33.56
CA SER J 150 -16.95 -3.04 -32.72
C SER J 150 -17.56 -1.67 -32.96
N LYS J 151 -18.28 -1.16 -31.97
CA LYS J 151 -19.06 0.06 -32.15
C LYS J 151 -19.22 0.77 -30.81
N ASP J 152 -19.66 2.02 -30.91
CA ASP J 152 -19.92 2.77 -29.70
C ASP J 152 -21.09 3.73 -29.89
N LYS J 153 -21.48 4.41 -28.84
CA LYS J 153 -22.57 5.41 -28.86
C LYS J 153 -23.95 4.77 -28.95
N LEU J 154 -24.11 3.63 -28.30
CA LEU J 154 -25.34 2.84 -28.33
C LEU J 154 -26.09 2.98 -27.01
N GLY J 155 -27.30 2.43 -26.98
CA GLY J 155 -28.14 2.50 -25.81
C GLY J 155 -28.39 1.16 -25.17
N VAL J 156 -28.64 1.16 -23.86
CA VAL J 156 -28.88 -0.07 -23.11
C VAL J 156 -30.24 0.05 -22.42
N TRP J 157 -30.95 -1.06 -22.30
CA TRP J 157 -31.96 -1.20 -21.27
C TRP J 157 -31.74 -2.49 -20.50
N VAL J 158 -32.04 -2.43 -19.19
CA VAL J 158 -31.78 -3.53 -18.27
C VAL J 158 -33.10 -4.19 -17.86
N TYR J 159 -33.35 -5.39 -18.36
CA TYR J 159 -34.54 -6.14 -17.95
C TYR J 159 -34.08 -7.33 -17.13
N LYS J 160 -34.11 -7.14 -15.80
CA LYS J 160 -33.71 -8.07 -14.72
C LYS J 160 -32.24 -8.45 -14.92
N ASN J 161 -31.91 -9.71 -15.22
CA ASN J 161 -30.54 -10.10 -15.46
C ASN J 161 -30.12 -9.96 -16.92
N LYS J 162 -31.03 -9.52 -17.81
CA LYS J 162 -30.71 -9.39 -19.22
C LYS J 162 -30.42 -7.93 -19.58
N LEU J 163 -29.50 -7.74 -20.53
CA LEU J 163 -29.17 -6.43 -21.05
C LEU J 163 -29.48 -6.42 -22.54
N ILE J 164 -30.40 -5.55 -22.95
CA ILE J 164 -30.67 -5.34 -24.37
C ILE J 164 -29.88 -4.13 -24.84
N PHE J 165 -29.15 -4.34 -25.92
CA PHE J 165 -28.29 -3.33 -26.53
C PHE J 165 -28.91 -2.92 -27.85
N PHE J 166 -29.00 -1.61 -28.08
CA PHE J 166 -29.73 -1.12 -29.23
C PHE J 166 -28.97 0.02 -29.88
N GLY J 167 -28.88 -0.01 -31.21
CA GLY J 167 -28.39 1.12 -31.96
C GLY J 167 -26.88 1.26 -31.92
N GLY J 168 -26.44 2.47 -32.24
CA GLY J 168 -25.04 2.82 -32.15
C GLY J 168 -24.44 3.20 -33.49
N TYR J 169 -23.17 3.58 -33.43
CA TYR J 169 -22.37 3.99 -34.58
C TYR J 169 -21.06 3.23 -34.52
N GLY J 170 -20.59 2.77 -35.67
CA GLY J 170 -19.35 2.01 -35.67
C GLY J 170 -19.17 1.26 -36.99
N TYR J 171 -18.38 0.19 -36.92
CA TYR J 171 -18.02 -0.58 -38.11
C TYR J 171 -19.18 -1.47 -38.56
N LEU J 172 -18.97 -2.11 -39.71
CA LEU J 172 -19.96 -3.00 -40.32
C LEU J 172 -20.10 -4.27 -39.49
N PRO J 173 -21.32 -4.83 -39.38
CA PRO J 173 -21.51 -6.09 -38.65
C PRO J 173 -20.89 -7.27 -39.40
N GLU J 174 -20.05 -8.02 -38.69
CA GLU J 174 -19.29 -9.12 -39.29
C GLU J 174 -20.16 -10.34 -39.55
N ASP J 175 -21.10 -10.62 -38.65
CA ASP J 175 -21.98 -11.77 -38.78
C ASP J 175 -23.32 -11.33 -39.34
N LYS J 176 -24.24 -12.29 -39.47
CA LYS J 176 -25.59 -12.01 -39.93
C LYS J 176 -26.38 -11.45 -38.75
N VAL J 177 -26.53 -10.12 -38.72
CA VAL J 177 -27.08 -9.41 -37.58
C VAL J 177 -28.38 -8.76 -38.04
N LEU J 178 -29.45 -8.98 -37.26
CA LEU J 178 -30.74 -8.34 -37.50
C LEU J 178 -30.66 -6.83 -37.30
N GLY J 179 -31.41 -6.10 -38.12
CA GLY J 179 -31.38 -4.65 -38.11
C GLY J 179 -30.79 -4.11 -39.40
N THR J 180 -30.83 -2.79 -39.51
CA THR J 180 -30.37 -2.09 -40.71
C THR J 180 -29.14 -1.26 -40.40
N PHE J 181 -28.06 -1.53 -41.13
CA PHE J 181 -26.83 -0.75 -41.03
C PHE J 181 -26.75 0.20 -42.22
N GLU J 182 -26.56 1.48 -41.94
CA GLU J 182 -26.44 2.49 -42.98
C GLU J 182 -25.15 3.28 -42.75
N PHE J 183 -24.30 3.32 -43.77
CA PHE J 183 -22.98 3.93 -43.67
C PHE J 183 -23.06 5.45 -43.66
N ASP J 184 -22.27 6.08 -42.80
CA ASP J 184 -22.03 7.51 -42.89
C ASP J 184 -21.04 7.76 -44.01
N GLU J 185 -21.37 8.72 -44.89
CA GLU J 185 -20.52 8.99 -46.05
C GLU J 185 -19.27 9.77 -45.64
N THR J 186 -19.41 10.70 -44.70
CA THR J 186 -18.31 11.57 -44.27
C THR J 186 -17.24 10.84 -43.47
N SER J 187 -17.59 9.68 -42.88
CA SER J 187 -16.59 8.79 -42.28
C SER J 187 -15.62 8.22 -43.31
N PHE J 188 -16.10 8.05 -44.57
CA PHE J 188 -15.27 7.80 -45.74
C PHE J 188 -14.22 8.88 -45.97
N TRP J 189 -14.53 10.13 -45.62
CA TRP J 189 -13.56 11.21 -45.71
C TRP J 189 -12.82 11.47 -44.40
N ASN J 190 -13.02 10.67 -43.33
CA ASN J 190 -12.23 10.89 -42.13
C ASN J 190 -11.74 9.64 -41.41
N SER J 191 -11.72 8.49 -42.08
CA SER J 191 -11.29 7.25 -41.43
C SER J 191 -10.75 6.22 -42.42
N SER J 192 -9.72 5.48 -42.03
CA SER J 192 -9.19 4.43 -42.89
C SER J 192 -10.23 3.36 -43.18
N HIS J 193 -11.09 3.09 -42.21
CA HIS J 193 -12.20 2.15 -42.38
C HIS J 193 -13.50 2.87 -42.08
N PRO J 194 -14.47 2.89 -43.00
CA PRO J 194 -15.65 3.73 -42.83
C PRO J 194 -16.65 3.17 -41.83
N ARG J 195 -17.40 4.06 -41.20
CA ARG J 195 -18.37 3.61 -40.22
C ARG J 195 -19.77 4.05 -40.59
N GLY J 196 -20.72 3.72 -39.74
CA GLY J 196 -22.11 4.07 -39.98
C GLY J 196 -22.98 3.72 -38.79
N TRP J 197 -24.24 4.12 -38.90
CA TRP J 197 -25.17 3.85 -37.81
C TRP J 197 -25.89 2.54 -37.99
N ASN J 198 -26.46 2.05 -36.90
CA ASN J 198 -27.24 0.82 -36.93
C ASN J 198 -28.41 0.94 -35.95
N ASP J 199 -29.26 -0.09 -35.92
CA ASP J 199 -30.33 -0.25 -34.94
C ASP J 199 -30.38 -1.67 -34.44
N HIS J 200 -29.22 -2.27 -34.20
CA HIS J 200 -29.12 -3.69 -33.91
C HIS J 200 -29.36 -3.96 -32.43
N VAL J 201 -30.28 -4.87 -32.13
CA VAL J 201 -30.58 -5.26 -30.75
C VAL J 201 -29.85 -6.57 -30.43
N HIS J 202 -29.35 -6.68 -29.21
CA HIS J 202 -28.63 -7.86 -28.73
C HIS J 202 -28.91 -8.07 -27.24
N ILE J 203 -29.32 -9.28 -26.86
CA ILE J 203 -29.46 -9.66 -25.46
C ILE J 203 -28.14 -10.26 -25.00
N LEU J 204 -27.53 -9.65 -23.99
CA LEU J 204 -26.43 -10.27 -23.26
C LEU J 204 -26.90 -10.62 -21.86
N ASP J 205 -26.68 -11.87 -21.46
CA ASP J 205 -26.98 -12.26 -20.10
C ASP J 205 -25.86 -11.84 -19.16
N THR J 206 -26.24 -11.48 -17.93
CA THR J 206 -25.23 -11.08 -16.94
C THR J 206 -24.67 -12.30 -16.21
N GLU J 207 -25.45 -13.38 -16.11
CA GLU J 207 -25.04 -14.55 -15.33
C GLU J 207 -24.35 -15.60 -16.20
N THR J 208 -25.03 -16.08 -17.24
CA THR J 208 -24.49 -17.11 -18.10
C THR J 208 -23.59 -16.58 -19.21
N PHE J 209 -23.57 -15.24 -19.39
CA PHE J 209 -22.83 -14.50 -20.43
C PHE J 209 -23.17 -14.98 -21.84
N THR J 210 -24.46 -15.16 -22.09
CA THR J 210 -24.96 -15.69 -23.36
C THR J 210 -25.41 -14.52 -24.24
N TRP J 211 -24.92 -14.49 -25.47
CA TRP J 211 -25.52 -13.65 -26.50
C TRP J 211 -26.73 -14.35 -27.10
N SER J 212 -27.81 -13.59 -27.29
CA SER J 212 -28.96 -14.04 -28.07
C SER J 212 -29.55 -12.82 -28.75
N GLN J 213 -30.41 -13.06 -29.73
CA GLN J 213 -30.93 -11.98 -30.56
C GLN J 213 -32.33 -12.34 -31.04
N PRO J 214 -33.37 -11.89 -30.33
CA PRO J 214 -34.73 -12.30 -30.66
C PRO J 214 -35.32 -11.50 -31.82
N ILE J 215 -36.47 -11.96 -32.28
CA ILE J 215 -37.21 -11.28 -33.35
C ILE J 215 -38.06 -10.18 -32.72
N THR J 216 -37.90 -8.95 -33.20
CA THR J 216 -38.73 -7.84 -32.75
C THR J 216 -39.87 -7.59 -33.74
N THR J 217 -40.86 -6.84 -33.28
CA THR J 217 -42.05 -6.55 -34.07
C THR J 217 -42.31 -5.05 -34.08
N GLY J 218 -43.20 -4.63 -34.98
CA GLY J 218 -43.51 -3.23 -35.14
C GLY J 218 -42.51 -2.53 -36.03
N LYS J 219 -42.72 -1.23 -36.21
CA LYS J 219 -41.82 -0.41 -37.02
C LYS J 219 -40.58 -0.11 -36.19
N ALA J 220 -39.47 -0.76 -36.54
CA ALA J 220 -38.18 -0.49 -35.93
C ALA J 220 -37.70 0.91 -36.31
N PRO J 221 -37.08 1.67 -35.39
CA PRO J 221 -36.72 3.06 -35.67
C PRO J 221 -35.51 3.20 -36.58
N SER J 222 -35.15 4.46 -36.84
CA SER J 222 -34.06 4.79 -37.74
C SER J 222 -32.71 4.48 -37.09
N PRO J 223 -31.69 4.14 -37.90
CA PRO J 223 -30.34 4.00 -37.35
C PRO J 223 -29.76 5.35 -36.93
N ARG J 224 -29.25 5.42 -35.71
CA ARG J 224 -28.91 6.71 -35.11
C ARG J 224 -27.80 6.54 -34.09
N ALA J 225 -27.20 7.66 -33.73
CA ALA J 225 -26.19 7.75 -32.68
C ALA J 225 -26.51 8.94 -31.79
N ALA J 226 -25.89 8.92 -30.59
CA ALA J 226 -26.13 9.84 -29.46
C ALA J 226 -27.61 9.90 -29.08
N HIS J 227 -28.23 8.72 -28.99
CA HIS J 227 -29.64 8.59 -28.68
C HIS J 227 -29.83 8.29 -27.21
N ALA J 228 -31.06 8.52 -26.73
CA ALA J 228 -31.36 8.49 -25.31
C ALA J 228 -32.16 7.24 -24.96
N CYS J 229 -31.70 6.50 -23.96
CA CYS J 229 -32.33 5.27 -23.51
C CYS J 229 -32.80 5.42 -22.07
N ALA J 230 -34.00 4.90 -21.79
CA ALA J 230 -34.60 5.01 -20.46
C ALA J 230 -35.41 3.76 -20.15
N THR J 231 -35.33 3.32 -18.89
CA THR J 231 -35.86 2.03 -18.45
C THR J 231 -37.01 2.23 -17.48
N VAL J 232 -38.22 1.85 -17.86
CA VAL J 232 -39.32 1.64 -16.89
C VAL J 232 -39.91 0.27 -17.18
N GLY J 233 -39.66 -0.68 -16.27
CA GLY J 233 -40.21 -2.03 -16.41
C GLY J 233 -39.53 -2.82 -17.51
N ASN J 234 -40.34 -3.30 -18.45
CA ASN J 234 -39.85 -3.85 -19.71
C ASN J 234 -40.06 -2.87 -20.86
N ARG J 235 -40.37 -1.62 -20.54
CA ARG J 235 -40.52 -0.55 -21.52
C ARG J 235 -39.21 0.23 -21.58
N GLY J 236 -38.59 0.21 -22.76
CA GLY J 236 -37.38 0.97 -23.01
C GLY J 236 -37.65 2.08 -24.01
N PHE J 237 -37.42 3.31 -23.57
CA PHE J 237 -37.67 4.50 -24.37
C PHE J 237 -36.38 4.97 -25.01
N VAL J 238 -36.41 5.18 -26.33
CA VAL J 238 -35.31 5.80 -27.05
C VAL J 238 -35.82 7.11 -27.63
N PHE J 239 -35.02 8.17 -27.49
CA PHE J 239 -35.42 9.51 -27.85
C PHE J 239 -34.24 10.26 -28.47
N GLY J 240 -34.49 10.96 -29.56
CA GLY J 240 -33.50 11.84 -30.14
C GLY J 240 -32.44 11.11 -30.95
N GLY J 241 -31.41 11.85 -31.33
CA GLY J 241 -30.29 11.32 -32.08
C GLY J 241 -30.11 12.01 -33.41
N ARG J 242 -29.16 11.49 -34.20
CA ARG J 242 -28.86 12.13 -35.46
C ARG J 242 -28.92 11.16 -36.63
N TYR J 243 -30.09 10.93 -37.18
CA TYR J 243 -30.18 10.09 -38.36
C TYR J 243 -29.43 10.86 -39.43
N ARG J 244 -28.78 10.16 -40.35
CA ARG J 244 -27.96 10.84 -41.35
C ARG J 244 -27.18 11.95 -40.63
N ASP J 245 -27.24 13.17 -41.14
CA ASP J 245 -26.57 14.29 -40.47
C ASP J 245 -27.56 15.17 -39.71
N ALA J 246 -28.85 14.85 -39.80
CA ALA J 246 -29.87 15.65 -39.12
C ALA J 246 -30.10 15.16 -37.69
N ARG J 247 -30.38 16.07 -36.78
CA ARG J 247 -30.57 15.70 -35.38
C ARG J 247 -32.01 16.01 -34.99
N MET J 248 -32.79 14.96 -34.75
CA MET J 248 -34.20 15.18 -34.49
C MET J 248 -34.68 14.97 -33.06
N ASN J 249 -35.97 14.71 -32.92
CA ASN J 249 -36.57 14.54 -31.61
C ASN J 249 -37.75 13.58 -31.65
N ASP J 250 -37.58 12.41 -32.28
CA ASP J 250 -38.63 11.40 -32.27
C ASP J 250 -38.46 10.46 -31.07
N LEU J 251 -39.59 9.95 -30.59
CA LEU J 251 -39.64 9.10 -29.41
C LEU J 251 -40.22 7.74 -29.78
N HIS J 252 -39.49 6.68 -29.46
CA HIS J 252 -39.93 5.32 -29.69
C HIS J 252 -39.77 4.53 -28.39
N TYR J 253 -40.52 3.44 -28.27
CA TYR J 253 -40.32 2.55 -27.13
C TYR J 253 -40.49 1.10 -27.54
N LEU J 254 -39.63 0.26 -26.96
CA LEU J 254 -39.67 -1.19 -27.12
C LEU J 254 -40.28 -1.81 -25.88
N ASN J 255 -41.31 -2.63 -26.07
CA ASN J 255 -41.94 -3.36 -24.97
C ASN J 255 -41.36 -4.78 -24.99
N LEU J 256 -40.35 -4.98 -24.13
CA LEU J 256 -39.42 -6.11 -24.21
C LEU J 256 -40.03 -7.47 -23.87
N ASP J 257 -41.17 -7.49 -23.17
CA ASP J 257 -41.90 -8.74 -23.01
C ASP J 257 -42.60 -9.15 -24.29
N THR J 258 -42.98 -8.19 -25.14
CA THR J 258 -43.65 -8.49 -26.40
C THR J 258 -42.78 -8.24 -27.63
N TRP J 259 -41.60 -7.63 -27.44
CA TRP J 259 -40.65 -7.18 -28.49
C TRP J 259 -41.33 -6.30 -29.54
N GLU J 260 -42.13 -5.34 -29.07
CA GLU J 260 -42.95 -4.51 -29.93
C GLU J 260 -42.43 -3.09 -29.93
N TRP J 261 -42.06 -2.58 -31.10
CA TRP J 261 -41.62 -1.21 -31.26
C TRP J 261 -42.81 -0.30 -31.58
N ASN J 262 -42.98 0.75 -30.78
CA ASN J 262 -44.06 1.70 -30.98
C ASN J 262 -43.51 3.12 -30.98
N GLU J 263 -43.84 3.89 -32.01
CA GLU J 263 -43.50 5.30 -32.06
C GLU J 263 -44.57 6.10 -31.32
N LEU J 264 -44.15 6.90 -30.35
CA LEU J 264 -45.07 7.67 -29.51
C LEU J 264 -44.77 9.14 -29.70
N ILE J 265 -45.73 9.90 -30.21
CA ILE J 265 -45.61 11.34 -30.37
C ILE J 265 -46.43 12.01 -29.28
N PRO J 266 -45.81 12.64 -28.28
CA PRO J 266 -46.57 13.25 -27.19
C PRO J 266 -47.23 14.56 -27.59
N GLN J 267 -48.37 14.82 -26.94
CA GLN J 267 -49.13 16.03 -27.20
C GLN J 267 -48.57 17.20 -26.37
N GLY J 268 -49.15 18.38 -26.59
CA GLY J 268 -48.67 19.58 -25.92
C GLY J 268 -47.38 20.09 -26.52
N ILE J 269 -46.58 20.81 -25.73
CA ILE J 269 -45.30 21.30 -26.22
C ILE J 269 -44.27 20.18 -26.20
N CYS J 270 -43.24 20.34 -27.01
CA CYS J 270 -42.28 19.27 -27.30
C CYS J 270 -40.89 19.89 -27.37
N PRO J 271 -39.84 19.13 -27.07
CA PRO J 271 -38.48 19.64 -27.27
C PRO J 271 -38.12 19.69 -28.74
N VAL J 272 -37.06 20.46 -29.03
CA VAL J 272 -36.51 20.60 -30.38
C VAL J 272 -35.62 19.41 -30.68
N GLY J 273 -35.19 19.29 -31.94
CA GLY J 273 -34.32 18.19 -32.34
C GLY J 273 -32.92 18.36 -31.78
N ARG J 274 -32.40 17.30 -31.15
CA ARG J 274 -31.16 17.39 -30.40
C ARG J 274 -30.46 16.04 -30.40
N SER J 275 -29.23 16.05 -29.91
CA SER J 275 -28.47 14.85 -29.63
C SER J 275 -27.72 15.05 -28.32
N TRP J 276 -27.03 13.98 -27.88
CA TRP J 276 -26.20 13.88 -26.67
C TRP J 276 -26.97 14.18 -25.39
N HIS J 277 -28.24 13.82 -25.33
CA HIS J 277 -29.06 14.09 -24.15
C HIS J 277 -29.34 12.78 -23.43
N SER J 278 -29.30 12.82 -22.10
CA SER J 278 -29.51 11.66 -21.26
C SER J 278 -30.94 11.67 -20.72
N LEU J 279 -31.73 10.66 -21.10
CA LEU J 279 -33.09 10.51 -20.60
C LEU J 279 -33.02 9.72 -19.32
N THR J 280 -32.69 10.41 -18.23
CA THR J 280 -32.57 9.78 -16.93
C THR J 280 -33.94 9.78 -16.25
N PRO J 281 -34.45 8.64 -15.80
CA PRO J 281 -35.74 8.63 -15.12
C PRO J 281 -35.66 9.18 -13.70
N VAL J 282 -36.74 9.84 -13.30
CA VAL J 282 -36.84 10.35 -11.94
C VAL J 282 -38.00 9.70 -11.17
N SER J 283 -39.06 9.28 -11.86
CA SER J 283 -40.08 8.44 -11.23
C SER J 283 -40.66 7.51 -12.28
N SER J 284 -41.51 6.58 -11.82
CA SER J 284 -42.09 5.54 -12.68
C SER J 284 -43.11 6.08 -13.68
N ASP J 285 -43.63 7.28 -13.46
CA ASP J 285 -44.41 7.99 -14.46
C ASP J 285 -43.62 9.08 -15.18
N HIS J 286 -42.47 9.53 -14.65
CA HIS J 286 -41.88 10.77 -15.13
C HIS J 286 -40.40 10.62 -15.47
N LEU J 287 -40.06 11.03 -16.69
CA LEU J 287 -38.71 11.05 -17.22
C LEU J 287 -38.16 12.47 -17.20
N PHE J 288 -36.84 12.58 -17.03
CA PHE J 288 -36.15 13.87 -17.06
C PHE J 288 -35.11 13.89 -18.17
N LEU J 289 -35.04 15.02 -18.87
CA LEU J 289 -34.05 15.24 -19.92
C LEU J 289 -33.32 16.54 -19.64
N PHE J 290 -31.99 16.49 -19.68
CA PHE J 290 -31.15 17.67 -19.53
C PHE J 290 -30.34 17.89 -20.81
N GLY J 291 -30.33 19.14 -21.28
CA GLY J 291 -29.42 19.53 -22.34
C GLY J 291 -29.88 19.07 -23.72
N GLY J 292 -28.91 19.00 -24.63
CA GLY J 292 -29.17 18.66 -26.01
C GLY J 292 -28.12 19.28 -26.93
N PHE J 293 -28.14 18.90 -28.21
CA PHE J 293 -27.15 19.38 -29.17
C PHE J 293 -27.79 19.35 -30.54
N THR J 294 -28.16 20.51 -31.07
CA THR J 294 -28.87 20.55 -32.35
C THR J 294 -28.01 20.28 -33.58
N THR J 295 -28.66 20.16 -34.73
CA THR J 295 -27.93 19.89 -35.97
C THR J 295 -26.97 21.02 -36.31
N ASP J 296 -27.34 22.24 -35.96
CA ASP J 296 -26.49 23.40 -36.26
C ASP J 296 -25.26 23.38 -35.38
N LYS J 297 -25.06 22.30 -34.63
CA LYS J 297 -23.88 22.18 -33.77
C LYS J 297 -23.94 23.13 -32.57
N GLN J 298 -25.14 23.41 -32.08
CA GLN J 298 -25.29 24.25 -30.91
C GLN J 298 -25.58 23.40 -29.68
N PRO J 299 -24.85 23.64 -28.58
CA PRO J 299 -25.18 22.88 -27.36
C PRO J 299 -26.34 23.55 -26.63
N LEU J 300 -27.33 22.75 -26.24
CA LEU J 300 -28.53 23.27 -25.62
C LEU J 300 -28.40 23.34 -24.10
N SER J 301 -29.10 24.31 -23.51
CA SER J 301 -29.07 24.53 -22.07
C SER J 301 -30.48 24.53 -21.47
N ASP J 302 -31.36 23.68 -21.99
CA ASP J 302 -32.73 23.60 -21.52
C ASP J 302 -33.01 22.22 -20.93
N ALA J 303 -34.00 22.17 -20.05
CA ALA J 303 -34.40 20.94 -19.38
C ALA J 303 -35.88 20.66 -19.64
N TRP J 304 -36.22 19.38 -19.75
CA TRP J 304 -37.58 18.97 -20.05
C TRP J 304 -37.95 17.80 -19.15
N THR J 305 -39.24 17.66 -18.84
CA THR J 305 -39.74 16.45 -18.21
C THR J 305 -40.84 15.85 -19.08
N TYR J 306 -41.05 14.56 -18.93
CA TYR J 306 -42.04 13.82 -19.70
C TYR J 306 -42.90 12.96 -18.77
N CYS J 307 -44.21 13.00 -18.98
CA CYS J 307 -45.13 12.13 -18.26
C CYS J 307 -45.68 11.08 -19.22
N ILE J 308 -45.58 9.82 -18.80
CA ILE J 308 -46.08 8.69 -19.59
C ILE J 308 -47.61 8.66 -19.58
N SER J 309 -48.22 8.86 -18.41
CA SER J 309 -49.67 8.74 -18.26
C SER J 309 -50.41 9.93 -18.88
N LYS J 310 -49.89 11.14 -18.74
CA LYS J 310 -50.44 12.26 -19.49
C LYS J 310 -49.93 12.26 -20.93
N ASN J 311 -48.79 11.59 -21.16
CA ASN J 311 -48.02 11.51 -22.43
C ASN J 311 -47.67 12.91 -22.94
N GLU J 312 -46.87 13.62 -22.14
CA GLU J 312 -46.63 15.03 -22.40
C GLU J 312 -45.26 15.46 -21.95
N TRP J 313 -44.56 16.18 -22.82
CA TRP J 313 -43.36 16.93 -22.47
C TRP J 313 -43.76 18.31 -21.95
N ILE J 314 -43.08 18.77 -20.91
CA ILE J 314 -43.28 20.10 -20.36
C ILE J 314 -41.94 20.61 -19.83
N GLN J 315 -41.67 21.89 -20.07
CA GLN J 315 -40.31 22.43 -19.92
C GLN J 315 -40.03 22.81 -18.48
N PHE J 316 -38.82 22.46 -18.01
CA PHE J 316 -38.39 22.70 -16.64
C PHE J 316 -37.56 23.97 -16.56
N ASN J 317 -37.85 24.79 -15.56
CA ASN J 317 -37.08 26.01 -15.29
C ASN J 317 -36.04 25.73 -14.21
N HIS J 318 -34.82 26.19 -14.45
CA HIS J 318 -33.67 25.78 -13.65
C HIS J 318 -32.63 26.88 -13.71
N PRO J 319 -31.80 27.06 -12.63
CA PRO J 319 -30.80 28.14 -12.65
C PRO J 319 -29.49 27.79 -13.33
N TYR J 320 -29.43 26.67 -14.04
CA TYR J 320 -28.27 26.30 -14.84
C TYR J 320 -28.55 26.46 -16.33
N THR J 321 -29.26 27.54 -16.69
CA THR J 321 -29.51 27.89 -18.08
C THR J 321 -28.31 28.54 -18.76
N GLU J 322 -27.29 28.93 -18.01
CA GLU J 322 -26.06 29.48 -18.56
C GLU J 322 -25.02 28.42 -18.89
N LYS J 323 -25.29 27.15 -18.57
CA LYS J 323 -24.33 26.06 -18.77
C LYS J 323 -24.90 24.99 -19.69
N PRO J 324 -24.69 25.10 -21.01
CA PRO J 324 -25.03 23.99 -21.90
C PRO J 324 -23.99 22.88 -21.83
N ARG J 325 -24.46 21.64 -21.82
CA ARG J 325 -23.59 20.47 -21.72
C ARG J 325 -23.99 19.43 -22.76
N LEU J 326 -22.99 18.84 -23.42
CA LEU J 326 -23.21 17.70 -24.30
C LEU J 326 -22.16 16.64 -23.97
N TRP J 327 -22.52 15.37 -24.26
CA TRP J 327 -21.77 14.15 -23.89
C TRP J 327 -21.50 14.09 -22.38
N HIS J 328 -22.51 14.47 -21.61
CA HIS J 328 -22.41 14.55 -20.16
C HIS J 328 -22.99 13.28 -19.55
N THR J 329 -22.89 13.17 -18.22
CA THR J 329 -23.47 12.04 -17.51
C THR J 329 -24.51 12.57 -16.53
N ALA J 330 -25.79 12.36 -16.85
CA ALA J 330 -26.91 12.72 -15.99
C ALA J 330 -27.47 11.45 -15.38
N CYS J 331 -27.32 11.31 -14.06
CA CYS J 331 -27.68 10.09 -13.36
C CYS J 331 -28.71 10.38 -12.27
N ALA J 332 -29.38 9.33 -11.83
CA ALA J 332 -30.46 9.42 -10.86
C ALA J 332 -29.97 9.05 -9.48
N SER J 333 -30.38 9.84 -8.49
CA SER J 333 -30.10 9.57 -7.09
C SER J 333 -31.32 8.94 -6.41
N ASP J 334 -31.11 8.49 -5.17
CA ASP J 334 -32.22 7.94 -4.39
C ASP J 334 -33.08 9.03 -3.77
N GLU J 335 -32.60 10.27 -3.72
CA GLU J 335 -33.36 11.38 -3.17
C GLU J 335 -34.07 12.18 -4.26
N GLY J 336 -34.19 11.64 -5.46
CA GLY J 336 -34.93 12.29 -6.53
C GLY J 336 -34.23 13.47 -7.16
N GLU J 337 -32.90 13.45 -7.17
CA GLU J 337 -32.10 14.49 -7.81
C GLU J 337 -31.38 13.90 -9.01
N VAL J 338 -31.50 14.55 -10.15
CA VAL J 338 -30.67 14.20 -11.31
C VAL J 338 -29.38 14.98 -11.22
N ILE J 339 -28.26 14.27 -11.09
CA ILE J 339 -26.94 14.87 -10.94
C ILE J 339 -26.17 14.68 -12.24
N VAL J 340 -25.64 15.79 -12.77
CA VAL J 340 -24.90 15.81 -14.02
C VAL J 340 -23.45 16.09 -13.71
N PHE J 341 -22.57 15.20 -14.16
CA PHE J 341 -21.14 15.45 -14.18
C PHE J 341 -20.62 15.37 -15.61
N GLY J 342 -19.79 16.34 -15.97
CA GLY J 342 -19.06 16.31 -17.22
C GLY J 342 -19.56 17.33 -18.21
N GLY J 343 -19.36 17.04 -19.49
CA GLY J 343 -19.88 17.88 -20.55
C GLY J 343 -18.93 18.98 -20.96
N CYS J 344 -19.29 19.62 -22.06
CA CYS J 344 -18.52 20.72 -22.65
C CYS J 344 -19.42 21.93 -22.83
N ALA J 345 -18.90 23.11 -22.48
CA ALA J 345 -19.70 24.32 -22.51
C ALA J 345 -19.93 24.85 -23.92
N ASN J 346 -19.07 24.47 -24.86
CA ASN J 346 -19.21 24.82 -26.26
C ASN J 346 -19.12 23.51 -27.04
N ASN J 347 -18.87 23.60 -28.35
CA ASN J 347 -18.96 22.47 -29.26
C ASN J 347 -17.82 21.46 -29.07
N LEU J 348 -18.12 20.19 -29.34
CA LEU J 348 -17.20 19.08 -29.16
C LEU J 348 -16.68 18.51 -30.48
N LEU J 349 -17.04 19.13 -31.61
CA LEU J 349 -16.62 18.60 -32.90
C LEU J 349 -15.17 18.93 -33.20
N VAL J 350 -14.82 20.22 -33.19
CA VAL J 350 -13.43 20.63 -33.32
C VAL J 350 -12.77 20.49 -31.95
N HIS J 351 -11.63 19.77 -31.91
CA HIS J 351 -10.96 19.48 -30.65
C HIS J 351 -10.27 20.70 -30.05
N HIS J 352 -9.90 21.68 -30.88
CA HIS J 352 -9.34 22.93 -30.35
C HIS J 352 -10.44 23.82 -29.79
N ARG J 353 -11.66 23.70 -30.31
CA ARG J 353 -12.77 24.46 -29.77
C ARG J 353 -13.43 23.79 -28.58
N ALA J 354 -13.01 22.58 -28.21
CA ALA J 354 -13.58 21.91 -27.04
C ALA J 354 -12.97 22.46 -25.76
N ALA J 355 -13.84 22.93 -24.86
CA ALA J 355 -13.43 23.42 -23.53
C ALA J 355 -14.32 22.74 -22.50
N HIS J 356 -13.82 21.65 -21.93
CA HIS J 356 -14.62 20.76 -21.10
C HIS J 356 -14.88 21.38 -19.71
N SER J 357 -15.84 20.80 -19.00
CA SER J 357 -16.21 21.24 -17.67
C SER J 357 -16.25 20.05 -16.72
N ASN J 358 -15.96 20.32 -15.45
CA ASN J 358 -16.00 19.31 -14.40
C ASN J 358 -16.96 19.69 -13.27
N GLU J 359 -18.02 20.42 -13.59
CA GLU J 359 -18.94 20.90 -12.57
C GLU J 359 -19.97 19.82 -12.24
N ILE J 360 -20.53 19.95 -11.04
CA ILE J 360 -21.60 19.08 -10.55
C ILE J 360 -22.90 19.88 -10.60
N LEU J 361 -23.85 19.40 -11.40
CA LEU J 361 -25.12 20.11 -11.61
C LEU J 361 -26.25 19.30 -11.00
N ILE J 362 -27.10 19.97 -10.22
CA ILE J 362 -28.18 19.33 -9.48
C ILE J 362 -29.50 19.79 -10.07
N PHE J 363 -30.36 18.83 -10.46
CA PHE J 363 -31.69 19.13 -10.99
C PHE J 363 -32.70 18.27 -10.23
N SER J 364 -33.37 18.88 -9.26
CA SER J 364 -34.29 18.16 -8.38
C SER J 364 -35.72 18.48 -8.82
N VAL J 365 -36.19 17.75 -9.84
CA VAL J 365 -37.59 17.83 -10.25
C VAL J 365 -38.49 17.15 -9.23
N GLN J 366 -38.17 15.92 -8.85
CA GLN J 366 -38.61 15.41 -7.56
C GLN J 366 -37.93 16.25 -6.48
N PRO J 367 -38.67 16.79 -5.52
CA PRO J 367 -38.10 17.78 -4.60
C PRO J 367 -37.15 17.15 -3.59
N LYS J 368 -36.41 18.04 -2.91
CA LYS J 368 -35.44 17.63 -1.92
C LYS J 368 -36.15 17.12 -0.67
N SER J 369 -35.44 16.34 0.12
CA SER J 369 -36.04 15.71 1.28
C SER J 369 -35.82 16.58 2.52
N LEU J 370 -36.33 16.12 3.66
CA LEU J 370 -36.24 16.87 4.92
C LEU J 370 -34.82 16.88 5.46
N VAL J 371 -34.04 15.83 5.13
CA VAL J 371 -32.60 15.82 5.33
C VAL J 371 -31.92 16.93 4.50
N ARG J 372 -32.41 17.19 3.29
CA ARG J 372 -31.76 18.16 2.43
C ARG J 372 -32.25 19.57 2.74
N LEU J 373 -33.51 19.73 3.17
CA LEU J 373 -33.98 21.05 3.61
C LEU J 373 -33.39 21.42 4.96
N SER J 374 -33.04 20.43 5.79
CA SER J 374 -32.18 20.69 6.93
C SER J 374 -30.76 21.07 6.49
N LEU J 375 -30.31 20.53 5.36
CA LEU J 375 -28.97 20.86 4.89
C LEU J 375 -28.86 22.27 4.30
N GLU J 376 -29.91 22.77 3.64
CA GLU J 376 -29.91 24.22 3.35
C GLU J 376 -30.39 25.06 4.53
N ALA J 377 -30.93 24.43 5.58
CA ALA J 377 -31.20 25.20 6.79
C ALA J 377 -29.92 25.50 7.56
N VAL J 378 -28.92 24.62 7.48
CA VAL J 378 -27.67 24.89 8.20
C VAL J 378 -26.76 25.83 7.39
N ILE J 379 -26.63 25.61 6.08
CA ILE J 379 -25.52 26.20 5.31
C ILE J 379 -25.79 27.68 5.00
N CYS J 380 -27.06 28.11 5.07
CA CYS J 380 -27.42 29.49 4.84
C CYS J 380 -27.70 30.25 6.13
N PHE J 381 -28.18 29.58 7.18
CA PHE J 381 -28.72 30.29 8.34
C PHE J 381 -28.04 29.88 9.64
N LYS J 382 -27.00 29.06 9.58
CA LYS J 382 -26.19 28.81 10.77
C LYS J 382 -24.71 29.11 10.58
N GLU J 383 -24.32 29.69 9.43
CA GLU J 383 -22.91 29.94 9.16
C GLU J 383 -22.38 31.12 9.99
N MET J 384 -23.14 32.21 10.03
CA MET J 384 -22.82 33.33 10.90
C MET J 384 -23.49 33.24 12.26
N LEU J 385 -24.39 32.28 12.45
CA LEU J 385 -25.16 32.19 13.68
C LEU J 385 -24.42 31.36 14.73
N ALA J 386 -24.34 31.90 15.95
CA ALA J 386 -23.91 31.13 17.10
C ALA J 386 -25.07 30.68 17.98
N ASN J 387 -26.22 31.33 17.86
CA ASN J 387 -27.38 31.00 18.68
C ASN J 387 -28.18 29.85 18.09
N TRP J 389 -32.59 27.95 23.04
CA TRP J 389 -33.14 27.64 24.35
C TRP J 389 -32.59 26.33 24.89
N ASN J 390 -32.30 26.30 26.19
CA ASN J 390 -31.55 25.21 26.82
C ASN J 390 -32.47 24.06 27.25
N CYS J 391 -33.13 23.45 26.27
CA CYS J 391 -34.03 22.33 26.56
C CYS J 391 -34.00 21.32 25.43
N LEU J 392 -33.15 20.32 25.53
CA LEU J 392 -33.03 19.32 24.47
C LEU J 392 -32.93 17.90 25.00
N PRO J 393 -34.07 17.30 25.36
CA PRO J 393 -34.08 15.90 25.84
C PRO J 393 -34.25 14.88 24.73
N LYS J 394 -34.43 13.61 25.08
CA LYS J 394 -34.60 12.52 24.13
C LYS J 394 -35.43 11.42 24.78
N HIS J 395 -36.44 10.92 24.06
CA HIS J 395 -37.28 9.85 24.59
C HIS J 395 -37.23 8.56 23.76
N LEU J 396 -37.43 8.60 22.45
CA LEU J 396 -37.49 7.37 21.66
C LEU J 396 -36.10 7.06 21.10
N LEU J 397 -35.79 5.78 21.00
CA LEU J 397 -34.48 5.30 20.55
C LEU J 397 -34.60 4.55 19.22
N HIS J 398 -33.47 4.53 18.48
CA HIS J 398 -33.26 3.83 17.20
C HIS J 398 -34.23 4.29 16.10
N SER J 399 -34.25 5.60 15.86
CA SER J 399 -35.00 6.18 14.74
C SER J 399 -34.08 6.95 13.81
N VAL J 400 -32.82 6.50 13.69
CA VAL J 400 -31.76 7.25 13.04
C VAL J 400 -31.04 6.47 11.96
N ASN J 401 -31.39 5.20 11.75
CA ASN J 401 -30.51 4.25 11.07
C ASN J 401 -30.47 4.41 9.54
N GLN J 402 -31.31 5.26 8.96
CA GLN J 402 -31.21 5.65 7.57
C GLN J 402 -30.60 7.03 7.37
N ARG J 403 -30.02 7.63 8.41
CA ARG J 403 -29.56 9.02 8.38
C ARG J 403 -28.05 9.15 8.49
N PHE J 404 -27.43 8.48 9.45
CA PHE J 404 -26.05 8.79 9.81
C PHE J 404 -25.03 8.04 8.97
N GLY J 405 -25.00 6.72 9.06
CA GLY J 405 -23.96 5.95 8.38
C GLY J 405 -22.64 6.08 9.12
N SER J 406 -21.60 6.48 8.38
CA SER J 406 -20.30 6.77 8.98
C SER J 406 -20.39 8.10 9.70
N ASN J 407 -20.55 8.06 11.03
CA ASN J 407 -20.86 9.24 11.82
C ASN J 407 -19.83 9.56 12.88
N ASN J 408 -19.31 8.55 13.57
CA ASN J 408 -18.43 8.78 14.71
C ASN J 408 -16.97 9.02 14.34
N THR J 409 -16.57 8.66 13.12
CA THR J 409 -15.21 8.91 12.65
C THR J 409 -15.11 10.19 11.84
N SER J 410 -16.18 10.96 11.77
CA SER J 410 -16.20 12.18 10.97
C SER J 410 -15.51 13.32 11.70
N GLY J 411 -14.94 14.23 10.92
CA GLY J 411 -14.35 15.44 11.45
C GLY J 411 -12.99 15.29 12.10
N SER J 412 -12.37 14.12 12.02
CA SER J 412 -11.09 13.88 12.67
C SER J 412 -10.26 12.88 11.87
N MET K 30 -10.74 -19.06 34.95
CA MET K 30 -12.05 -18.82 34.35
C MET K 30 -12.25 -17.33 34.08
N GLU K 31 -12.30 -16.54 35.14
CA GLU K 31 -12.57 -15.11 35.02
C GLU K 31 -11.26 -14.31 35.02
N LEU K 32 -10.47 -14.57 33.99
CA LEU K 32 -9.38 -13.68 33.59
C LEU K 32 -9.66 -13.04 32.24
N ALA K 33 -10.94 -12.81 31.93
CA ALA K 33 -11.32 -12.25 30.65
C ALA K 33 -11.01 -10.76 30.59
N CYS K 34 -10.35 -10.36 29.51
CA CYS K 34 -9.99 -8.98 29.29
C CYS K 34 -11.23 -8.18 28.86
N PRO K 35 -11.19 -6.85 28.99
CA PRO K 35 -12.11 -6.02 28.22
C PRO K 35 -11.84 -6.14 26.72
N ALA K 36 -12.90 -6.01 25.93
CA ALA K 36 -12.85 -6.27 24.50
C ALA K 36 -12.08 -5.18 23.76
N GLU K 37 -11.58 -5.54 22.59
CA GLU K 37 -10.81 -4.61 21.78
C GLU K 37 -11.73 -3.57 21.15
N ARG K 38 -11.45 -2.30 21.40
CA ARG K 38 -12.38 -1.26 20.93
C ARG K 38 -11.70 0.06 20.62
N SER K 39 -12.50 1.10 20.39
CA SER K 39 -11.95 2.42 20.15
C SER K 39 -12.97 3.48 20.52
N GLY K 40 -12.52 4.52 21.21
CA GLY K 40 -13.41 5.60 21.60
C GLY K 40 -13.93 5.49 23.03
N HIS K 41 -13.26 4.72 23.87
CA HIS K 41 -13.67 4.59 25.26
C HIS K 41 -13.18 5.76 26.09
N VAL K 42 -13.75 5.93 27.29
CA VAL K 42 -13.34 7.02 28.16
C VAL K 42 -12.75 6.41 29.43
N ALA K 43 -11.50 6.77 29.74
CA ALA K 43 -10.83 6.27 30.93
C ALA K 43 -10.37 7.44 31.79
N VAL K 44 -10.77 7.43 33.06
CA VAL K 44 -10.36 8.47 34.00
C VAL K 44 -9.57 7.82 35.14
N SER K 45 -8.91 8.67 35.94
CA SER K 45 -7.98 8.24 36.96
C SER K 45 -8.10 9.08 38.21
N ASP K 46 -8.02 8.42 39.37
CA ASP K 46 -7.76 9.10 40.63
C ASP K 46 -6.29 9.06 41.01
N GLY K 47 -5.46 8.40 40.20
CA GLY K 47 -4.10 8.07 40.55
C GLY K 47 -3.87 6.64 40.97
N ARG K 48 -4.93 5.90 41.29
CA ARG K 48 -4.79 4.54 41.77
C ARG K 48 -5.68 3.54 41.01
N HIS K 49 -6.88 3.95 40.63
CA HIS K 49 -7.88 3.04 40.04
C HIS K 49 -8.46 3.69 38.78
N MET K 50 -8.07 3.19 37.61
CA MET K 50 -8.60 3.68 36.35
C MET K 50 -10.01 3.17 36.13
N PHE K 51 -10.91 4.08 35.78
CA PHE K 51 -12.28 3.75 35.42
C PHE K 51 -12.42 3.84 33.90
N VAL K 52 -12.81 2.72 33.28
CA VAL K 52 -12.90 2.59 31.84
C VAL K 52 -14.36 2.34 31.48
N TRP K 53 -14.94 3.17 30.61
CA TRP K 53 -16.37 3.00 30.34
C TRP K 53 -16.85 3.40 28.95
N GLY K 54 -17.41 2.45 28.21
CA GLY K 54 -18.02 2.79 26.93
C GLY K 54 -17.15 2.42 25.74
N GLY K 55 -17.55 2.91 24.57
CA GLY K 55 -16.77 2.66 23.38
C GLY K 55 -17.48 1.74 22.42
N TYR K 56 -16.92 1.57 21.24
CA TYR K 56 -17.51 0.70 20.25
C TYR K 56 -16.42 -0.06 19.53
N LYS K 57 -16.81 -1.02 18.70
CA LYS K 57 -15.84 -1.80 17.95
C LYS K 57 -16.39 -2.12 16.57
N SER K 58 -15.48 -2.33 15.62
CA SER K 58 -15.85 -2.86 14.33
C SER K 58 -16.17 -4.34 14.48
N ASN K 59 -17.30 -4.76 13.90
CA ASN K 59 -17.79 -6.11 14.08
C ASN K 59 -17.00 -7.08 13.21
N GLN K 60 -16.66 -8.24 13.78
CA GLN K 60 -15.88 -9.25 13.07
C GLN K 60 -16.70 -10.02 12.03
N VAL K 61 -18.03 -9.98 12.12
CA VAL K 61 -18.87 -10.60 11.10
C VAL K 61 -18.91 -9.72 9.85
N ARG K 62 -19.30 -8.46 10.02
CA ARG K 62 -19.30 -7.47 8.93
C ARG K 62 -18.61 -6.22 9.46
N GLY K 63 -17.52 -5.82 8.81
CA GLY K 63 -16.73 -4.70 9.27
C GLY K 63 -17.24 -3.33 8.88
N LEU K 64 -18.32 -3.24 8.10
CA LEU K 64 -18.82 -1.95 7.66
C LEU K 64 -19.58 -1.23 8.78
N TYR K 65 -20.56 -1.89 9.37
CA TYR K 65 -21.29 -1.27 10.47
C TYR K 65 -20.49 -1.41 11.76
N ASP K 66 -20.84 -0.59 12.73
CA ASP K 66 -20.10 -0.47 13.98
C ASP K 66 -20.98 -0.94 15.14
N PHE K 67 -20.49 -1.92 15.90
CA PHE K 67 -21.23 -2.43 17.04
C PHE K 67 -20.75 -1.71 18.29
N TYR K 68 -21.68 -1.03 18.95
CA TYR K 68 -21.34 -0.31 20.18
C TYR K 68 -21.29 -1.21 21.40
N LEU K 69 -20.19 -1.18 22.12
CA LEU K 69 -20.04 -1.97 23.34
C LEU K 69 -21.02 -1.44 24.39
N PRO K 70 -21.69 -2.34 25.14
CA PRO K 70 -22.92 -1.96 25.86
C PRO K 70 -22.73 -1.03 27.05
N ARG K 71 -23.83 -0.34 27.38
CA ARG K 71 -23.81 0.85 28.21
C ARG K 71 -23.82 0.57 29.71
N GLU K 72 -24.12 -0.66 30.10
CA GLU K 72 -24.14 -1.02 31.52
C GLU K 72 -22.76 -1.43 32.04
N GLU K 73 -21.75 -1.49 31.18
CA GLU K 73 -20.50 -2.16 31.49
C GLU K 73 -19.48 -1.17 32.01
N LEU K 74 -19.05 -1.32 33.27
CA LEU K 74 -17.95 -0.55 33.81
C LEU K 74 -16.75 -1.45 34.05
N TRP K 75 -15.57 -0.98 33.66
CA TRP K 75 -14.33 -1.69 33.94
C TRP K 75 -13.49 -0.85 34.89
N ILE K 76 -12.89 -1.50 35.87
CA ILE K 76 -11.91 -0.85 36.74
C ILE K 76 -10.59 -1.57 36.57
N TYR K 77 -9.56 -0.86 36.12
CA TYR K 77 -8.25 -1.46 35.98
C TYR K 77 -7.27 -0.85 36.97
N ASN K 78 -6.88 -1.62 37.98
CA ASN K 78 -5.91 -1.10 38.92
C ASN K 78 -4.64 -0.78 38.16
N MET K 79 -4.14 0.43 38.32
CA MET K 79 -2.95 0.85 37.59
C MET K 79 -1.66 0.60 38.36
N GLU K 80 -1.79 0.15 39.61
CA GLU K 80 -0.61 -0.17 40.41
C GLU K 80 -0.49 -1.69 40.51
N THR K 81 -1.45 -2.34 41.15
CA THR K 81 -1.43 -3.80 41.24
C THR K 81 -1.70 -4.41 39.86
N GLY K 82 -2.68 -3.88 39.15
CA GLY K 82 -2.96 -4.37 37.81
C GLY K 82 -3.98 -5.48 37.70
N ARG K 83 -5.22 -5.13 37.38
CA ARG K 83 -6.28 -6.13 37.19
C ARG K 83 -7.54 -5.47 36.67
N TRP K 84 -8.50 -6.26 36.21
CA TRP K 84 -9.71 -5.69 35.64
C TRP K 84 -10.92 -6.19 36.41
N LYS K 85 -11.89 -5.29 36.62
CA LYS K 85 -13.08 -5.59 37.41
C LYS K 85 -14.32 -5.14 36.65
N LYS K 86 -15.31 -6.01 36.56
CA LYS K 86 -16.55 -5.77 35.83
C LYS K 86 -17.66 -5.38 36.80
N ILE K 87 -18.24 -4.19 36.63
CA ILE K 87 -19.36 -3.74 37.45
C ILE K 87 -20.51 -3.32 36.53
N ASN K 88 -21.68 -3.91 36.73
CA ASN K 88 -22.89 -3.42 36.08
C ASN K 88 -23.42 -2.15 36.74
N THR K 89 -23.93 -1.23 35.92
CA THR K 89 -24.29 0.12 36.36
C THR K 89 -25.79 0.32 36.25
N GLU K 90 -26.37 0.93 37.27
CA GLU K 90 -27.80 1.23 37.36
C GLU K 90 -28.03 2.74 37.30
N GLY K 91 -29.28 3.15 37.48
CA GLY K 91 -29.62 4.56 37.57
C GLY K 91 -30.21 5.11 36.29
N ASP K 92 -29.96 6.40 36.07
CA ASP K 92 -30.33 7.07 34.82
C ASP K 92 -29.17 6.86 33.84
N VAL K 93 -29.21 5.71 33.18
CA VAL K 93 -28.05 5.17 32.45
C VAL K 93 -27.87 5.92 31.12
N PRO K 94 -26.67 6.39 30.81
CA PRO K 94 -26.39 6.94 29.47
C PRO K 94 -26.39 5.86 28.41
N PRO K 95 -26.56 6.24 27.13
CA PRO K 95 -26.44 5.18 26.11
C PRO K 95 -24.98 4.91 25.80
N SER K 96 -24.71 3.91 24.97
CA SER K 96 -23.33 3.61 24.59
C SER K 96 -22.70 4.82 23.94
N MET K 97 -21.43 5.10 24.28
CA MET K 97 -20.76 6.27 23.75
C MET K 97 -19.57 5.91 22.88
N SER K 98 -19.40 6.62 21.77
CA SER K 98 -18.25 6.38 20.91
C SER K 98 -17.13 7.33 21.28
N GLY K 99 -17.26 8.01 22.41
CA GLY K 99 -16.25 8.96 22.85
C GLY K 99 -16.87 10.13 23.56
N SER K 100 -16.55 10.31 24.84
CA SER K 100 -17.16 11.39 25.62
C SER K 100 -16.11 12.12 26.46
N CYS K 101 -16.57 12.91 27.43
CA CYS K 101 -15.66 13.66 28.29
C CYS K 101 -16.02 13.35 29.73
N ALA K 102 -15.03 13.03 30.55
CA ALA K 102 -15.30 12.70 31.95
C ALA K 102 -14.09 13.05 32.81
N VAL K 103 -14.37 13.30 34.10
CA VAL K 103 -13.34 13.52 35.12
C VAL K 103 -13.62 12.63 36.32
N CYS K 104 -12.59 12.47 37.15
CA CYS K 104 -12.69 11.76 38.43
C CYS K 104 -12.21 12.71 39.53
N VAL K 105 -13.16 13.42 40.14
CA VAL K 105 -12.87 14.37 41.21
C VAL K 105 -13.42 13.82 42.51
N ASP K 106 -12.53 13.67 43.51
CA ASP K 106 -12.79 13.13 44.86
C ASP K 106 -13.40 11.73 44.82
N ARG K 107 -12.87 10.90 43.90
CA ARG K 107 -13.37 9.57 43.49
C ARG K 107 -14.83 9.60 43.03
N VAL K 108 -15.25 10.70 42.39
CA VAL K 108 -16.58 10.82 41.79
C VAL K 108 -16.40 11.07 40.30
N LEU K 109 -17.05 10.26 39.48
CA LEU K 109 -16.99 10.43 38.04
C LEU K 109 -18.03 11.47 37.62
N TYR K 110 -17.64 12.34 36.70
CA TYR K 110 -18.54 13.35 36.11
C TYR K 110 -18.38 13.26 34.60
N LEU K 111 -19.49 13.00 33.92
CA LEU K 111 -19.53 12.72 32.50
C LEU K 111 -20.29 13.81 31.77
N PHE K 112 -19.78 14.24 30.62
CA PHE K 112 -20.50 15.18 29.78
C PHE K 112 -20.27 14.83 28.31
N GLY K 113 -21.31 14.99 27.49
CA GLY K 113 -21.15 14.76 26.06
C GLY K 113 -21.08 13.32 25.61
N GLY K 114 -20.48 13.09 24.45
CA GLY K 114 -20.39 11.75 23.92
C GLY K 114 -21.30 11.55 22.73
N HIS K 115 -20.91 10.67 21.82
CA HIS K 115 -21.75 10.39 20.65
C HIS K 115 -22.30 8.98 20.72
N HIS K 116 -23.62 8.87 20.70
CA HIS K 116 -24.24 7.55 20.77
C HIS K 116 -24.74 7.09 19.41
N SER K 117 -25.32 5.91 19.36
CA SER K 117 -25.82 5.35 18.10
C SER K 117 -26.97 6.17 17.52
N ARG K 118 -27.65 6.96 18.33
CA ARG K 118 -28.63 7.94 17.85
C ARG K 118 -28.00 9.29 17.52
N GLY K 119 -26.69 9.41 17.58
CA GLY K 119 -26.03 10.67 17.35
C GLY K 119 -25.49 11.24 18.64
N ASN K 120 -25.14 12.53 18.63
CA ASN K 120 -24.48 13.11 19.80
C ASN K 120 -25.39 13.40 20.99
N THR K 121 -24.79 13.55 22.16
CA THR K 121 -25.55 13.89 23.35
C THR K 121 -24.74 14.88 24.16
N ASN K 122 -25.39 15.57 25.08
CA ASN K 122 -24.71 16.54 25.92
C ASN K 122 -25.20 16.48 27.36
N LYS K 123 -25.97 15.46 27.68
CA LYS K 123 -26.47 15.31 29.03
C LYS K 123 -25.34 15.14 30.02
N PHE K 124 -25.46 15.80 31.17
CA PHE K 124 -24.46 15.68 32.23
C PHE K 124 -24.85 14.50 33.11
N TYR K 125 -23.91 13.59 33.32
CA TYR K 125 -24.13 12.38 34.10
C TYR K 125 -23.17 12.38 35.29
N MET K 126 -23.62 11.82 36.41
CA MET K 126 -22.77 11.69 37.59
C MET K 126 -22.78 10.23 38.00
N LEU K 127 -21.62 9.71 38.40
CA LEU K 127 -21.46 8.34 38.83
C LEU K 127 -20.55 8.36 40.07
N ASP K 128 -21.17 8.25 41.24
CA ASP K 128 -20.42 8.28 42.49
C ASP K 128 -19.73 6.93 42.70
N SER K 129 -18.41 6.93 42.56
CA SER K 129 -17.61 5.73 42.68
C SER K 129 -17.07 5.50 44.08
N ARG K 130 -17.45 6.36 45.04
CA ARG K 130 -17.04 6.18 46.43
C ARG K 130 -17.82 5.07 47.12
N SER K 131 -18.99 4.70 46.60
CA SER K 131 -19.83 3.68 47.22
C SER K 131 -19.26 2.31 46.86
N THR K 132 -18.38 1.79 47.71
CA THR K 132 -17.86 0.44 47.53
C THR K 132 -18.79 -0.62 48.10
N ASP K 133 -19.59 -0.28 49.12
CA ASP K 133 -20.53 -1.21 49.71
C ASP K 133 -21.79 -1.40 48.87
N ARG K 134 -22.17 -0.39 48.08
CA ARG K 134 -23.33 -0.46 47.21
C ARG K 134 -22.89 -0.58 45.76
N VAL K 135 -23.81 -1.05 44.92
CA VAL K 135 -23.57 -1.02 43.49
C VAL K 135 -23.84 0.39 42.96
N LEU K 136 -23.13 0.76 41.89
CA LEU K 136 -23.08 2.14 41.46
C LEU K 136 -24.32 2.54 40.67
N GLN K 137 -24.83 3.74 40.93
CA GLN K 137 -25.99 4.29 40.25
C GLN K 137 -25.61 5.55 39.50
N TRP K 138 -26.03 5.62 38.23
CA TRP K 138 -25.90 6.84 37.45
C TRP K 138 -26.95 7.85 37.89
N GLU K 139 -26.69 9.14 37.59
CA GLU K 139 -27.69 10.18 37.82
C GLU K 139 -27.50 11.27 36.76
N ARG K 140 -28.49 11.40 35.88
CA ARG K 140 -28.47 12.46 34.88
C ARG K 140 -29.04 13.75 35.47
N ILE K 141 -28.24 14.82 35.41
CA ILE K 141 -28.57 16.08 36.06
C ILE K 141 -28.77 17.16 35.01
N ASP K 142 -29.95 17.76 34.99
CA ASP K 142 -30.21 18.95 34.18
C ASP K 142 -29.68 20.16 34.96
N CYS K 143 -28.45 20.56 34.64
CA CYS K 143 -27.84 21.70 35.31
C CYS K 143 -28.43 23.00 34.77
N GLN K 144 -28.28 24.06 35.56
CA GLN K 144 -28.89 25.34 35.28
C GLN K 144 -27.93 26.25 34.53
N GLY K 145 -28.50 27.17 33.75
CA GLY K 145 -27.70 28.09 32.97
C GLY K 145 -27.78 27.83 31.47
N ILE K 146 -26.64 27.89 30.79
CA ILE K 146 -26.57 27.60 29.36
C ILE K 146 -25.67 26.38 29.17
N PRO K 147 -26.23 25.17 29.08
CA PRO K 147 -25.44 24.01 28.68
C PRO K 147 -25.04 24.09 27.21
N PRO K 148 -23.90 23.48 26.84
CA PRO K 148 -23.54 23.48 25.42
C PRO K 148 -24.34 22.45 24.64
N SER K 149 -24.30 22.53 23.31
CA SER K 149 -25.03 21.59 22.47
C SER K 149 -24.36 20.22 22.44
N SER K 150 -25.09 19.20 21.99
CA SER K 150 -24.53 17.86 21.94
C SER K 150 -23.31 17.81 21.03
N LYS K 151 -22.25 17.15 21.50
CA LYS K 151 -21.03 17.05 20.71
C LYS K 151 -20.08 16.03 21.31
N ASP K 152 -18.82 16.08 20.91
CA ASP K 152 -17.82 15.15 21.44
C ASP K 152 -16.41 15.59 21.04
N LYS K 153 -15.43 14.76 21.41
CA LYS K 153 -14.04 15.07 21.11
C LYS K 153 -13.66 16.39 21.76
N LEU K 154 -13.80 16.45 23.08
CA LEU K 154 -13.45 17.68 23.77
C LEU K 154 -12.56 17.43 24.99
N GLY K 155 -12.07 18.53 25.56
CA GLY K 155 -11.16 18.50 26.69
C GLY K 155 -11.71 19.24 27.91
N VAL K 156 -10.95 19.12 29.00
CA VAL K 156 -11.46 19.49 30.33
C VAL K 156 -10.29 19.80 31.25
N TRP K 157 -10.52 20.73 32.18
CA TRP K 157 -9.68 20.97 33.34
C TRP K 157 -10.54 20.97 34.60
N VAL K 158 -9.91 20.68 35.72
CA VAL K 158 -10.54 20.78 37.04
C VAL K 158 -9.77 21.84 37.80
N TYR K 159 -10.46 22.90 38.22
CA TYR K 159 -9.87 23.92 39.07
C TYR K 159 -10.79 24.21 40.24
N LYS K 160 -10.31 23.90 41.46
CA LYS K 160 -11.00 23.97 42.76
C LYS K 160 -12.27 23.12 42.67
N ASN K 161 -13.45 23.70 42.88
CA ASN K 161 -14.71 23.00 42.71
C ASN K 161 -15.27 23.08 41.30
N LYS K 162 -14.62 23.84 40.41
CA LYS K 162 -15.16 24.12 39.08
C LYS K 162 -14.61 23.13 38.06
N LEU K 163 -15.49 22.64 37.18
CA LEU K 163 -15.08 21.79 36.06
C LEU K 163 -15.22 22.60 34.77
N ILE K 164 -14.10 22.85 34.09
CA ILE K 164 -14.08 23.80 32.99
C ILE K 164 -13.86 23.00 31.71
N PHE K 165 -14.74 23.22 30.72
CA PHE K 165 -14.80 22.38 29.52
C PHE K 165 -14.41 23.23 28.31
N PHE K 166 -13.48 22.69 27.50
CA PHE K 166 -12.95 23.33 26.31
C PHE K 166 -13.14 22.47 25.07
N GLY K 167 -13.45 23.13 23.95
CA GLY K 167 -13.34 22.53 22.63
C GLY K 167 -14.54 21.66 22.32
N GLY K 168 -14.51 21.05 21.15
CA GLY K 168 -15.57 20.14 20.74
C GLY K 168 -15.95 20.15 19.27
N TYR K 169 -16.38 18.99 18.78
CA TYR K 169 -16.90 18.80 17.43
C TYR K 169 -18.35 18.37 17.57
N GLY K 170 -19.28 19.22 17.16
CA GLY K 170 -20.68 18.88 17.33
C GLY K 170 -21.66 19.83 16.71
N TYR K 171 -22.86 19.90 17.26
CA TYR K 171 -23.89 20.74 16.66
C TYR K 171 -23.84 22.19 17.12
N LEU K 172 -24.76 22.99 16.63
CA LEU K 172 -24.81 24.41 16.98
C LEU K 172 -25.36 24.58 18.39
N PRO K 173 -24.77 25.47 19.19
CA PRO K 173 -25.34 25.77 20.52
C PRO K 173 -26.64 26.56 20.41
N GLU K 174 -27.42 26.53 21.50
CA GLU K 174 -28.80 26.97 21.49
C GLU K 174 -29.02 28.39 21.98
N ASP K 175 -28.11 28.95 22.76
CA ASP K 175 -28.21 30.32 23.24
C ASP K 175 -26.93 31.07 22.90
N LYS K 176 -26.78 32.26 23.48
CA LYS K 176 -25.58 33.08 23.31
C LYS K 176 -24.42 32.42 24.05
N VAL K 177 -23.50 31.82 23.29
CA VAL K 177 -22.39 31.06 23.83
C VAL K 177 -21.11 31.73 23.35
N LEU K 178 -20.24 32.08 24.30
CA LEU K 178 -18.96 32.71 24.02
C LEU K 178 -18.02 31.73 23.32
N GLY K 179 -17.13 32.29 22.49
CA GLY K 179 -16.33 31.50 21.59
C GLY K 179 -16.93 31.48 20.19
N THR K 180 -16.17 30.90 19.28
CA THR K 180 -16.56 30.88 17.87
C THR K 180 -16.89 29.45 17.43
N PHE K 181 -17.25 29.33 16.16
CA PHE K 181 -17.75 28.08 15.60
C PHE K 181 -17.46 28.07 14.11
N GLU K 182 -16.88 26.98 13.62
CA GLU K 182 -16.75 26.78 12.18
C GLU K 182 -17.27 25.39 11.82
N PHE K 183 -18.22 25.35 10.89
CA PHE K 183 -18.82 24.10 10.48
C PHE K 183 -17.90 23.33 9.53
N ASP K 184 -17.64 22.07 9.87
CA ASP K 184 -16.87 21.19 8.99
C ASP K 184 -17.71 20.83 7.76
N GLU K 185 -17.07 20.90 6.58
CA GLU K 185 -17.74 20.78 5.29
C GLU K 185 -18.25 19.37 5.03
N THR K 186 -17.39 18.36 5.27
CA THR K 186 -17.72 16.96 4.98
C THR K 186 -18.76 16.40 5.95
N SER K 187 -18.90 17.02 7.12
CA SER K 187 -19.98 16.72 8.05
C SER K 187 -21.34 17.06 7.44
N PHE K 188 -21.41 18.20 6.69
CA PHE K 188 -22.52 18.53 5.78
C PHE K 188 -22.83 17.42 4.79
N TRP K 189 -21.81 16.72 4.32
CA TRP K 189 -22.10 15.67 3.40
C TRP K 189 -22.47 14.36 4.10
N ASN K 190 -21.93 14.06 5.29
CA ASN K 190 -22.05 12.66 5.71
C ASN K 190 -23.32 12.34 6.48
N SER K 191 -24.08 13.36 6.88
CA SER K 191 -25.41 13.17 7.46
C SER K 191 -26.24 14.40 7.14
N SER K 192 -27.43 14.45 7.73
CA SER K 192 -28.23 15.67 7.78
C SER K 192 -27.90 16.52 9.00
N HIS K 193 -26.98 16.06 9.84
CA HIS K 193 -26.49 16.79 11.00
C HIS K 193 -25.07 17.26 10.70
N PRO K 194 -24.88 18.51 10.30
CA PRO K 194 -23.52 19.02 10.13
C PRO K 194 -22.95 19.37 11.50
N ARG K 195 -21.79 18.81 11.80
CA ARG K 195 -21.09 19.07 13.05
C ARG K 195 -19.86 19.92 12.75
N GLY K 196 -19.61 20.91 13.59
CA GLY K 196 -18.48 21.79 13.42
C GLY K 196 -17.67 21.90 14.68
N TRP K 197 -16.49 22.49 14.53
CA TRP K 197 -15.62 22.64 15.67
C TRP K 197 -15.85 23.95 16.37
N ASN K 198 -15.58 23.97 17.65
CA ASN K 198 -15.72 25.16 18.46
C ASN K 198 -14.53 25.31 19.40
N ASP K 199 -14.28 26.55 19.80
CA ASP K 199 -13.35 26.87 20.87
C ASP K 199 -14.10 27.39 22.10
N HIS K 200 -15.29 26.84 22.34
CA HIS K 200 -16.14 27.28 23.43
C HIS K 200 -15.61 26.83 24.77
N VAL K 201 -15.85 27.64 25.80
CA VAL K 201 -15.42 27.36 27.16
C VAL K 201 -16.63 27.46 28.08
N HIS K 202 -16.81 26.48 28.95
CA HIS K 202 -17.93 26.47 29.88
C HIS K 202 -17.50 26.03 31.26
N ILE K 203 -17.87 26.80 32.28
CA ILE K 203 -17.63 26.44 33.67
C ILE K 203 -18.88 25.75 34.19
N LEU K 204 -18.74 24.51 34.64
CA LEU K 204 -19.77 23.84 35.42
C LEU K 204 -19.36 23.96 36.88
N ASP K 205 -20.09 24.79 37.63
CA ASP K 205 -19.90 24.89 39.08
C ASP K 205 -20.80 23.87 39.74
N THR K 206 -20.22 22.76 40.17
CA THR K 206 -20.99 21.61 40.62
C THR K 206 -21.41 21.69 42.09
N GLU K 207 -20.96 22.71 42.83
CA GLU K 207 -21.54 22.96 44.14
C GLU K 207 -22.94 23.54 44.02
N THR K 208 -23.15 24.39 43.02
CA THR K 208 -24.47 24.91 42.70
C THR K 208 -25.08 24.26 41.48
N PHE K 209 -24.30 23.44 40.74
CA PHE K 209 -24.63 22.81 39.44
C PHE K 209 -25.09 23.83 38.41
N THR K 210 -24.26 24.84 38.18
CA THR K 210 -24.60 25.95 37.29
C THR K 210 -23.64 25.99 36.12
N TRP K 211 -24.18 25.99 34.91
CA TRP K 211 -23.41 26.35 33.73
C TRP K 211 -23.20 27.86 33.70
N SER K 212 -21.96 28.27 33.41
CA SER K 212 -21.62 29.67 33.27
C SER K 212 -20.48 29.78 32.27
N GLN K 213 -20.14 31.02 31.91
CA GLN K 213 -19.12 31.27 30.91
C GLN K 213 -18.20 32.39 31.39
N PRO K 214 -16.89 32.16 31.50
CA PRO K 214 -15.97 33.24 31.84
C PRO K 214 -15.66 34.10 30.62
N ILE K 215 -15.01 35.23 30.89
CA ILE K 215 -14.66 36.17 29.83
C ILE K 215 -13.39 35.68 29.13
N THR K 216 -13.45 35.58 27.81
CA THR K 216 -12.34 35.09 27.00
C THR K 216 -11.43 36.26 26.64
N THR K 217 -10.29 36.36 27.32
CA THR K 217 -9.29 37.37 27.04
C THR K 217 -8.02 36.72 26.54
N GLY K 218 -7.27 37.46 25.72
CA GLY K 218 -6.07 36.93 25.10
C GLY K 218 -6.36 36.35 23.73
N LYS K 219 -5.27 35.87 23.10
CA LYS K 219 -5.36 35.32 21.75
C LYS K 219 -5.93 33.90 21.85
N ALA K 220 -7.23 33.79 21.58
CA ALA K 220 -7.94 32.53 21.60
C ALA K 220 -7.48 31.63 20.46
N PRO K 221 -7.50 30.30 20.64
CA PRO K 221 -7.11 29.40 19.55
C PRO K 221 -8.16 29.31 18.46
N SER K 222 -7.77 28.67 17.36
CA SER K 222 -8.69 28.34 16.29
C SER K 222 -9.66 27.25 16.78
N PRO K 223 -10.94 27.25 16.26
CA PRO K 223 -11.90 26.21 16.67
C PRO K 223 -11.52 24.81 16.20
N ARG K 224 -11.25 23.94 17.16
CA ARG K 224 -10.70 22.63 16.85
C ARG K 224 -11.20 21.61 17.86
N ALA K 225 -11.13 20.35 17.45
CA ALA K 225 -11.34 19.21 18.33
C ALA K 225 -10.32 18.16 17.92
N ALA K 226 -10.50 16.94 18.45
CA ALA K 226 -9.52 15.83 18.49
C ALA K 226 -8.17 16.32 19.03
N HIS K 227 -8.25 16.98 20.18
CA HIS K 227 -7.14 17.61 20.86
C HIS K 227 -6.94 16.93 22.21
N ALA K 228 -6.03 17.47 23.01
CA ALA K 228 -5.92 17.00 24.38
C ALA K 228 -5.70 18.19 25.31
N CYS K 229 -6.05 17.99 26.58
CA CYS K 229 -6.01 19.03 27.59
C CYS K 229 -5.30 18.52 28.82
N ALA K 230 -4.68 19.44 29.55
CA ALA K 230 -3.93 19.07 30.74
C ALA K 230 -4.00 20.19 31.76
N THR K 231 -3.96 19.84 33.04
CA THR K 231 -4.14 20.88 34.05
C THR K 231 -2.94 21.05 34.97
N VAL K 232 -2.32 22.22 34.92
CA VAL K 232 -1.20 22.49 35.80
C VAL K 232 -1.63 23.55 36.81
N GLY K 233 -2.00 23.12 38.01
CA GLY K 233 -2.47 24.06 39.01
C GLY K 233 -3.60 24.89 38.45
N ASN K 234 -3.48 26.21 38.54
CA ASN K 234 -4.52 27.08 38.00
C ASN K 234 -4.22 27.45 36.56
N ARG K 235 -3.78 26.47 35.76
CA ARG K 235 -3.49 26.72 34.35
C ARG K 235 -4.01 25.58 33.49
N GLY K 236 -4.26 25.85 32.22
CA GLY K 236 -4.76 24.83 31.32
C GLY K 236 -3.99 24.76 30.02
N PHE K 237 -3.45 23.59 29.69
CA PHE K 237 -2.72 23.42 28.44
C PHE K 237 -3.59 22.69 27.43
N VAL K 238 -3.54 23.15 26.18
CA VAL K 238 -4.26 22.56 25.07
C VAL K 238 -3.24 22.19 24.00
N PHE K 239 -3.26 20.93 23.56
CA PHE K 239 -2.28 20.49 22.56
C PHE K 239 -2.90 19.90 21.31
N GLY K 240 -2.48 20.38 20.14
CA GLY K 240 -2.96 19.81 18.88
C GLY K 240 -4.44 19.79 18.55
N GLY K 241 -4.78 19.14 17.43
CA GLY K 241 -6.17 19.03 17.02
C GLY K 241 -6.32 19.22 15.52
N ARG K 242 -7.48 18.84 15.01
CA ARG K 242 -7.68 18.89 13.56
C ARG K 242 -8.70 19.91 13.12
N TYR K 243 -8.28 21.16 12.97
CA TYR K 243 -9.19 22.15 12.43
C TYR K 243 -9.38 21.72 11.00
N ARG K 244 -10.57 21.90 10.45
CA ARG K 244 -10.83 21.43 9.09
C ARG K 244 -10.19 20.05 8.93
N ASP K 245 -9.33 19.89 7.93
CA ASP K 245 -8.64 18.62 7.75
C ASP K 245 -7.22 18.68 8.30
N ALA K 246 -6.73 19.89 8.56
CA ALA K 246 -5.37 20.04 9.05
C ALA K 246 -5.24 19.62 10.52
N ARG K 247 -4.44 18.61 10.78
CA ARG K 247 -4.28 18.11 12.15
C ARG K 247 -3.10 18.77 12.85
N MET K 248 -3.23 20.07 13.12
CA MET K 248 -2.15 20.78 13.80
C MET K 248 -1.98 20.28 15.23
N ASN K 249 -0.78 20.37 15.79
CA ASN K 249 -0.59 19.98 17.18
C ASN K 249 0.00 21.12 17.99
N ASP K 250 -0.33 22.34 17.60
CA ASP K 250 0.23 23.52 18.28
C ASP K 250 -0.18 23.59 19.75
N LEU K 251 0.52 24.39 20.53
CA LEU K 251 0.24 24.47 21.97
C LEU K 251 -0.38 25.79 22.39
N HIS K 252 -1.36 25.72 23.28
CA HIS K 252 -2.00 26.93 23.80
C HIS K 252 -2.16 26.82 25.30
N TYR K 253 -2.26 27.97 25.95
CA TYR K 253 -2.15 28.13 27.39
C TYR K 253 -3.28 29.01 27.89
N LEU K 254 -3.94 28.57 28.96
CA LEU K 254 -5.01 29.36 29.57
C LEU K 254 -4.83 29.41 31.07
N ASN K 255 -4.88 30.63 31.61
CA ASN K 255 -4.92 30.81 33.05
C ASN K 255 -6.29 30.42 33.59
N LEU K 256 -6.32 29.76 34.73
CA LEU K 256 -7.57 29.38 35.37
C LEU K 256 -7.98 30.37 36.46
N ASP K 257 -7.26 31.49 36.58
CA ASP K 257 -7.59 32.56 37.49
C ASP K 257 -7.87 33.87 36.78
N THR K 258 -6.98 34.30 35.88
CA THR K 258 -7.15 35.56 35.15
C THR K 258 -7.87 35.38 33.82
N TRP K 259 -8.10 34.11 33.41
CA TRP K 259 -8.79 33.68 32.18
C TRP K 259 -8.16 34.27 30.91
N GLU K 260 -6.83 34.30 30.88
CA GLU K 260 -6.07 34.94 29.80
C GLU K 260 -5.49 33.87 28.88
N TRP K 261 -5.81 33.96 27.60
CA TRP K 261 -5.27 33.05 26.61
C TRP K 261 -3.88 33.50 26.19
N ASN K 262 -3.01 32.52 25.90
CA ASN K 262 -1.62 32.81 25.60
C ASN K 262 -1.06 31.66 24.77
N GLU K 263 -0.65 31.94 23.54
CA GLU K 263 -0.05 30.92 22.69
C GLU K 263 1.45 30.89 22.93
N LEU K 264 1.97 29.71 23.28
CA LEU K 264 3.39 29.51 23.51
C LEU K 264 4.01 28.84 22.29
N ILE K 265 5.13 29.38 21.82
CA ILE K 265 5.92 28.76 20.78
C ILE K 265 7.17 28.16 21.47
N PRO K 266 7.24 26.84 21.64
CA PRO K 266 8.32 26.25 22.44
C PRO K 266 9.62 26.14 21.67
N GLN K 267 10.69 25.93 22.44
CA GLN K 267 12.00 25.61 21.89
C GLN K 267 12.25 24.10 22.01
N GLY K 268 13.38 23.67 21.47
CA GLY K 268 13.61 22.25 21.25
C GLY K 268 13.01 21.84 19.92
N ILE K 269 12.85 20.54 19.72
CA ILE K 269 12.18 20.05 18.52
C ILE K 269 10.78 19.61 18.91
N CYS K 270 9.77 20.39 18.55
CA CYS K 270 8.40 20.07 18.94
C CYS K 270 7.86 18.84 18.23
N PRO K 271 6.90 18.15 18.85
CA PRO K 271 6.31 16.95 18.24
C PRO K 271 5.56 17.26 16.94
N VAL K 272 5.36 16.25 16.10
CA VAL K 272 4.70 16.46 14.82
C VAL K 272 3.21 16.72 14.95
N GLY K 273 2.65 17.51 14.03
CA GLY K 273 1.21 17.77 14.06
C GLY K 273 0.47 16.46 14.05
N ARG K 274 -0.57 16.36 14.87
CA ARG K 274 -1.29 15.09 14.98
C ARG K 274 -2.59 15.23 15.74
N SER K 275 -3.49 14.28 15.56
CA SER K 275 -4.72 14.30 16.35
C SER K 275 -4.84 12.94 17.00
N TRP K 276 -5.85 12.78 17.85
CA TRP K 276 -6.05 11.52 18.56
C TRP K 276 -4.85 11.19 19.42
N HIS K 277 -4.34 12.18 20.14
CA HIS K 277 -3.22 11.90 21.04
C HIS K 277 -3.67 11.99 22.49
N SER K 278 -2.73 12.07 23.43
CA SER K 278 -3.09 12.14 24.84
C SER K 278 -2.01 12.77 25.69
N LEU K 279 -2.42 13.55 26.69
CA LEU K 279 -1.45 14.16 27.59
C LEU K 279 -1.86 13.94 29.04
N THR K 280 -0.86 13.62 29.88
CA THR K 280 -1.02 13.57 31.31
C THR K 280 0.09 14.38 31.95
N PRO K 281 -0.17 15.09 33.06
CA PRO K 281 0.92 15.71 33.80
C PRO K 281 1.69 14.73 34.67
N VAL K 282 2.95 14.48 34.30
CA VAL K 282 3.76 13.58 35.11
C VAL K 282 4.30 14.29 36.36
N SER K 283 4.56 15.60 36.30
CA SER K 283 4.96 16.32 37.50
C SER K 283 4.56 17.76 37.36
N SER K 284 4.82 18.54 38.42
CA SER K 284 4.45 19.97 38.46
C SER K 284 5.31 20.84 37.53
N ASP K 285 6.44 20.31 37.04
CA ASP K 285 7.20 20.96 36.00
C ASP K 285 7.18 20.21 34.67
N HIS K 286 6.53 19.02 34.58
CA HIS K 286 6.70 18.22 33.37
C HIS K 286 5.41 17.57 32.89
N LEU K 287 5.29 17.53 31.56
CA LEU K 287 4.10 17.04 30.86
C LEU K 287 4.52 15.91 29.92
N PHE K 288 3.63 14.96 29.67
CA PHE K 288 3.95 13.83 28.81
C PHE K 288 3.05 13.75 27.57
N LEU K 289 3.56 13.18 26.49
CA LEU K 289 2.79 13.06 25.25
C LEU K 289 3.11 11.75 24.55
N PHE K 290 2.10 11.07 24.00
CA PHE K 290 2.35 9.77 23.39
C PHE K 290 1.47 9.41 22.19
N GLY K 291 2.11 9.10 21.05
CA GLY K 291 1.35 8.66 19.88
C GLY K 291 0.38 9.64 19.26
N GLY K 292 -0.47 9.14 18.38
CA GLY K 292 -1.44 10.01 17.73
C GLY K 292 -1.77 9.57 16.31
N PHE K 293 -2.39 10.46 15.55
CA PHE K 293 -2.77 10.15 14.16
C PHE K 293 -2.50 11.40 13.33
N THR K 294 -1.60 11.29 12.36
CA THR K 294 -1.07 12.46 11.67
C THR K 294 -2.05 13.00 10.63
N THR K 295 -1.65 14.12 10.01
CA THR K 295 -2.45 14.80 9.00
C THR K 295 -2.50 14.00 7.70
N ASP K 296 -1.40 13.32 7.35
CA ASP K 296 -1.34 12.48 6.17
C ASP K 296 -1.67 11.02 6.46
N LYS K 297 -2.45 10.76 7.53
CA LYS K 297 -3.06 9.48 7.91
C LYS K 297 -2.01 8.39 8.20
N GLN K 298 -1.19 8.65 9.20
CA GLN K 298 -0.25 7.69 9.72
C GLN K 298 -0.35 7.65 11.24
N PRO K 299 -0.46 6.44 11.82
CA PRO K 299 -0.48 6.41 13.29
C PRO K 299 0.84 6.89 13.87
N LEU K 300 0.92 6.96 15.19
CA LEU K 300 2.13 7.42 15.85
C LEU K 300 2.41 6.61 17.10
N SER K 301 3.68 6.41 17.43
CA SER K 301 4.04 5.69 18.64
C SER K 301 5.19 6.42 19.32
N ASP K 302 5.38 7.68 18.96
CA ASP K 302 6.46 8.48 19.54
C ASP K 302 6.07 9.05 20.90
N ALA K 303 7.06 9.33 21.73
CA ALA K 303 6.79 9.86 23.07
C ALA K 303 7.64 11.10 23.32
N TRP K 304 7.01 12.11 23.90
CA TRP K 304 7.69 13.35 24.18
C TRP K 304 7.42 13.85 25.58
N THR K 305 8.31 14.66 26.11
CA THR K 305 8.18 15.22 27.44
C THR K 305 8.40 16.73 27.36
N TYR K 306 7.43 17.49 27.85
CA TYR K 306 7.49 18.94 27.86
C TYR K 306 7.95 19.45 29.22
N CYS K 307 8.93 20.35 29.20
CA CYS K 307 9.40 21.04 30.40
C CYS K 307 8.97 22.48 30.35
N ILE K 308 8.22 22.92 31.36
CA ILE K 308 7.69 24.29 31.35
C ILE K 308 8.72 25.29 31.88
N SER K 309 9.66 24.85 32.71
CA SER K 309 10.71 25.76 33.18
C SER K 309 11.76 25.99 32.11
N LYS K 310 12.21 24.93 31.44
CA LYS K 310 13.10 25.06 30.31
C LYS K 310 12.37 25.28 29.00
N ASN K 311 11.04 25.11 29.01
CA ASN K 311 10.11 25.29 27.87
C ASN K 311 10.48 24.42 26.67
N GLU K 312 10.88 23.17 26.93
CA GLU K 312 11.58 22.38 25.94
C GLU K 312 10.88 21.04 25.73
N TRP K 313 10.85 20.61 24.47
CA TRP K 313 10.28 19.31 24.11
C TRP K 313 11.42 18.32 23.94
N ILE K 314 11.60 17.44 24.91
CA ILE K 314 12.66 16.44 24.91
C ILE K 314 12.03 15.08 24.67
N GLN K 315 12.52 14.36 23.67
CA GLN K 315 11.94 13.08 23.26
C GLN K 315 12.25 11.98 24.27
N PHE K 316 11.22 11.22 24.62
CA PHE K 316 11.29 10.16 25.62
C PHE K 316 11.48 8.82 24.94
N ASN K 317 12.40 8.02 25.48
CA ASN K 317 12.76 6.73 24.90
C ASN K 317 12.25 5.60 25.78
N HIS K 318 11.58 4.64 25.13
CA HIS K 318 11.04 3.46 25.78
C HIS K 318 10.87 2.41 24.69
N PRO K 319 10.94 1.10 25.01
CA PRO K 319 10.84 0.07 23.96
C PRO K 319 9.44 -0.22 23.43
N TYR K 320 8.49 0.71 23.60
CA TYR K 320 7.14 0.53 23.08
C TYR K 320 6.85 1.43 21.89
N THR K 321 7.89 1.77 21.13
CA THR K 321 7.71 2.68 20.01
C THR K 321 7.44 1.99 18.68
N GLU K 322 7.23 0.67 18.67
CA GLU K 322 6.80 -0.02 17.46
C GLU K 322 5.30 -0.31 17.46
N LYS K 323 4.61 0.09 18.52
CA LYS K 323 3.17 -0.15 18.62
C LYS K 323 2.43 1.16 18.60
N PRO K 324 1.84 1.53 17.44
CA PRO K 324 1.21 2.84 17.39
C PRO K 324 -0.28 2.78 17.68
N ARG K 325 -0.76 3.69 18.53
CA ARG K 325 -2.18 3.73 18.86
C ARG K 325 -2.73 5.12 18.60
N LEU K 326 -4.02 5.22 18.34
CA LEU K 326 -4.65 6.51 18.11
C LEU K 326 -5.81 6.71 19.07
N TRP K 327 -6.01 7.94 19.52
CA TRP K 327 -7.07 8.22 20.49
C TRP K 327 -6.97 7.25 21.65
N HIS K 328 -5.74 6.97 22.10
CA HIS K 328 -5.54 6.05 23.21
C HIS K 328 -5.48 6.77 24.54
N THR K 329 -6.33 6.39 25.47
CA THR K 329 -6.37 7.05 26.78
C THR K 329 -5.06 6.96 27.55
N ALA K 330 -4.78 7.94 28.40
CA ALA K 330 -3.57 7.93 29.19
C ALA K 330 -3.94 8.34 30.61
N CYS K 331 -3.28 7.72 31.57
CA CYS K 331 -3.54 8.03 32.98
C CYS K 331 -2.22 8.15 33.72
N ALA K 332 -2.12 9.17 34.55
CA ALA K 332 -0.95 9.40 35.39
C ALA K 332 -1.23 8.87 36.79
N SER K 333 -0.35 8.01 37.27
CA SER K 333 -0.53 7.40 38.58
C SER K 333 -0.05 8.34 39.68
N ASP K 334 -0.38 7.97 40.92
CA ASP K 334 0.16 8.68 42.08
C ASP K 334 1.63 8.36 42.31
N GLU K 335 2.09 7.18 41.86
CA GLU K 335 3.50 6.83 41.89
C GLU K 335 4.25 7.24 40.62
N GLY K 336 3.56 7.88 39.67
CA GLY K 336 4.21 8.41 38.50
C GLY K 336 4.48 7.44 37.38
N GLU K 337 3.42 6.86 36.83
CA GLU K 337 3.50 6.02 35.63
C GLU K 337 2.46 6.50 34.64
N VAL K 338 2.78 6.43 33.36
CA VAL K 338 1.83 6.72 32.29
C VAL K 338 1.27 5.39 31.81
N ILE K 339 -0.03 5.20 31.98
CA ILE K 339 -0.67 3.93 31.66
C ILE K 339 -1.67 4.20 30.55
N VAL K 340 -1.44 3.52 29.43
CA VAL K 340 -2.26 3.72 28.24
C VAL K 340 -3.12 2.53 27.90
N PHE K 341 -4.41 2.78 27.77
CA PHE K 341 -5.38 1.75 27.39
C PHE K 341 -6.13 2.22 26.14
N GLY K 342 -6.50 1.28 25.29
CA GLY K 342 -7.25 1.62 24.10
C GLY K 342 -6.38 2.15 22.97
N GLY K 343 -7.01 2.62 21.90
CA GLY K 343 -6.26 3.11 20.76
C GLY K 343 -6.19 2.04 19.69
N CYS K 344 -6.83 2.29 18.55
CA CYS K 344 -6.82 1.32 17.47
C CYS K 344 -5.38 1.08 17.03
N ALA K 345 -5.00 -0.19 16.92
CA ALA K 345 -3.63 -0.51 16.53
C ALA K 345 -3.30 0.04 15.16
N ASN K 346 -4.26 -0.03 14.25
CA ASN K 346 -4.04 0.46 12.89
C ASN K 346 -5.00 1.59 12.54
N ASN K 347 -5.18 1.83 11.24
CA ASN K 347 -6.08 2.90 10.79
C ASN K 347 -7.50 2.65 11.25
N LEU K 348 -8.35 3.66 11.13
CA LEU K 348 -9.74 3.53 11.54
C LEU K 348 -10.71 4.26 10.60
N LEU K 349 -10.18 5.08 9.68
CA LEU K 349 -11.01 5.80 8.72
C LEU K 349 -11.62 4.88 7.67
N VAL K 350 -11.02 3.72 7.42
CA VAL K 350 -11.74 2.58 6.89
C VAL K 350 -12.23 1.74 8.07
N HIS K 351 -13.49 1.33 8.01
CA HIS K 351 -14.12 0.66 9.15
C HIS K 351 -13.82 -0.83 9.18
N HIS K 352 -13.68 -1.44 8.01
CA HIS K 352 -13.42 -2.87 7.88
C HIS K 352 -12.01 -3.26 8.26
N ARG K 353 -11.06 -2.32 8.23
CA ARG K 353 -9.69 -2.59 8.66
C ARG K 353 -9.39 -2.07 10.07
N ALA K 354 -10.42 -1.76 10.86
CA ALA K 354 -10.22 -1.17 12.19
C ALA K 354 -9.83 -2.27 13.16
N ALA K 355 -8.53 -2.55 13.23
CA ALA K 355 -8.02 -3.57 14.15
C ALA K 355 -7.79 -2.93 15.51
N HIS K 356 -8.79 -2.99 16.36
CA HIS K 356 -8.71 -2.39 17.69
C HIS K 356 -7.89 -3.26 18.63
N SER K 357 -7.40 -2.63 19.68
CA SER K 357 -6.61 -3.36 20.66
C SER K 357 -7.16 -3.14 22.04
N ASN K 358 -6.64 -3.90 22.99
CA ASN K 358 -7.07 -3.79 24.39
C ASN K 358 -5.94 -4.12 25.36
N GLU K 359 -4.73 -3.64 25.09
CA GLU K 359 -3.58 -3.98 25.90
C GLU K 359 -3.11 -2.77 26.70
N ILE K 360 -2.56 -3.04 27.87
CA ILE K 360 -2.09 -2.00 28.79
C ILE K 360 -0.63 -1.69 28.50
N LEU K 361 -0.35 -0.41 28.27
CA LEU K 361 1.01 0.03 28.05
C LEU K 361 1.43 0.82 29.27
N ILE K 362 2.55 0.45 29.86
CA ILE K 362 3.06 1.10 31.07
C ILE K 362 4.39 1.75 30.76
N PHE K 363 4.45 3.06 31.02
CA PHE K 363 5.68 3.80 30.82
C PHE K 363 6.05 4.47 32.14
N SER K 364 7.33 4.51 32.47
CA SER K 364 7.82 5.13 33.69
C SER K 364 8.50 6.43 33.31
N VAL K 365 8.04 7.54 33.92
CA VAL K 365 8.69 8.83 33.79
C VAL K 365 9.23 9.30 35.14
N GLN K 366 8.41 9.25 36.19
CA GLN K 366 8.96 9.25 37.53
C GLN K 366 9.65 7.91 37.79
N PRO K 367 10.78 7.90 38.49
CA PRO K 367 11.48 6.63 38.77
C PRO K 367 10.75 5.73 39.75
N LYS K 368 11.26 4.50 39.81
CA LYS K 368 10.64 3.43 40.59
C LYS K 368 11.02 3.60 42.06
N SER K 369 10.02 3.63 42.93
CA SER K 369 10.24 3.86 44.35
C SER K 369 10.75 2.60 45.04
N LEU K 370 11.17 2.75 46.30
CA LEU K 370 11.77 1.66 47.06
C LEU K 370 10.73 0.61 47.45
N VAL K 371 9.49 1.04 47.67
CA VAL K 371 8.36 0.12 47.79
C VAL K 371 8.12 -0.59 46.47
N ARG K 372 8.23 0.13 45.36
CA ARG K 372 8.07 -0.48 44.04
C ARG K 372 9.32 -1.27 43.63
N LEU K 373 10.50 -0.93 44.15
CA LEU K 373 11.66 -1.81 43.97
C LEU K 373 11.53 -3.10 44.76
N SER K 374 10.82 -3.03 45.89
CA SER K 374 10.56 -4.26 46.63
C SER K 374 9.55 -5.06 45.84
N LEU K 375 8.56 -4.39 45.27
CA LEU K 375 7.54 -5.05 44.46
C LEU K 375 8.13 -5.75 43.23
N GLU K 376 9.12 -5.12 42.57
CA GLU K 376 9.76 -5.84 41.46
C GLU K 376 10.77 -6.86 41.97
N ALA K 377 11.30 -6.63 43.17
CA ALA K 377 12.26 -7.57 43.74
C ALA K 377 11.57 -8.90 44.02
N VAL K 378 10.26 -8.86 44.19
CA VAL K 378 9.51 -10.07 44.46
C VAL K 378 8.80 -10.58 43.21
N ILE K 379 8.29 -9.66 42.39
CA ILE K 379 7.53 -10.09 41.21
C ILE K 379 8.47 -10.57 40.10
N CYS K 380 9.77 -10.25 40.20
CA CYS K 380 10.68 -10.63 39.12
C CYS K 380 11.29 -12.01 39.36
N PHE K 381 11.46 -12.41 40.62
CA PHE K 381 11.92 -13.76 40.96
C PHE K 381 10.72 -14.62 41.29
N LYS K 382 10.16 -15.28 40.27
CA LYS K 382 8.99 -16.13 40.47
C LYS K 382 9.36 -17.52 40.94
N GLU K 383 10.07 -18.27 40.09
CA GLU K 383 10.35 -19.68 40.36
C GLU K 383 11.47 -19.85 41.38
N MET K 384 12.46 -18.95 41.37
CA MET K 384 13.54 -19.02 42.35
C MET K 384 13.11 -18.51 43.72
N LEU K 385 12.05 -17.70 43.80
CA LEU K 385 11.59 -17.15 45.07
C LEU K 385 10.07 -17.28 45.19
N ALA K 386 9.55 -18.48 44.92
CA ALA K 386 8.16 -18.79 45.26
C ALA K 386 7.93 -18.87 46.78
N ASN K 387 8.97 -19.19 47.56
CA ASN K 387 8.89 -19.07 49.01
C ASN K 387 8.78 -17.62 49.46
N SER K 388 9.52 -16.71 48.80
CA SER K 388 9.36 -15.28 49.06
C SER K 388 8.06 -14.72 48.49
N TRP K 389 7.48 -15.36 47.48
CA TRP K 389 6.11 -15.06 47.07
C TRP K 389 5.11 -15.42 48.16
N ASN K 390 5.30 -16.58 48.81
CA ASN K 390 4.38 -17.00 49.87
C ASN K 390 4.64 -16.32 51.21
N CYS K 391 5.80 -15.69 51.41
CA CYS K 391 6.14 -15.07 52.68
C CYS K 391 6.02 -13.53 52.67
N LEU K 392 4.97 -13.00 52.05
CA LEU K 392 4.81 -11.55 51.97
C LEU K 392 3.56 -11.06 52.70
N PRO K 393 3.56 -9.78 53.10
CA PRO K 393 2.31 -9.26 53.68
C PRO K 393 1.11 -9.44 52.75
N LYS K 394 -0.09 -9.27 53.34
CA LYS K 394 -1.34 -9.77 52.76
C LYS K 394 -1.80 -8.97 51.54
N HIS K 395 -1.71 -7.64 51.59
CA HIS K 395 -1.98 -6.84 50.41
C HIS K 395 -0.85 -6.97 49.38
N LEU K 396 0.38 -7.15 49.86
CA LEU K 396 1.50 -7.35 48.96
C LEU K 396 1.32 -8.67 48.20
N LEU K 397 1.10 -9.75 48.94
CA LEU K 397 0.89 -11.05 48.31
C LEU K 397 -0.32 -10.98 47.39
N HIS K 398 -1.39 -10.35 47.84
CA HIS K 398 -2.55 -10.17 46.96
C HIS K 398 -2.14 -9.52 45.64
N SER K 399 -1.22 -8.55 45.69
CA SER K 399 -0.73 -7.91 44.47
C SER K 399 0.21 -8.83 43.68
N VAL K 400 0.91 -9.73 44.39
CA VAL K 400 1.88 -10.61 43.72
C VAL K 400 1.18 -11.84 43.12
N ASN K 401 0.27 -12.47 43.86
CA ASN K 401 -0.51 -13.58 43.30
C ASN K 401 -1.59 -13.07 42.34
N GLN K 402 -1.79 -11.76 42.34
CA GLN K 402 -2.70 -11.17 41.36
C GLN K 402 -1.92 -10.92 40.07
N ARG K 403 -0.64 -10.51 40.20
CA ARG K 403 0.17 -10.32 39.00
C ARG K 403 0.76 -11.67 38.61
N PHE K 404 0.00 -12.42 37.82
CA PHE K 404 0.35 -13.78 37.43
C PHE K 404 0.69 -13.73 35.94
N GLY K 405 1.99 -13.76 35.65
CA GLY K 405 2.44 -14.05 34.30
C GLY K 405 2.12 -15.49 33.99
N SER K 406 1.40 -15.73 32.91
CA SER K 406 0.91 -17.07 32.61
C SER K 406 2.04 -17.96 32.09
N ASN K 407 2.03 -19.22 32.51
CA ASN K 407 3.17 -20.10 32.33
C ASN K 407 3.14 -20.73 30.94
N ASN K 408 3.92 -20.18 30.01
CA ASN K 408 4.16 -20.89 28.76
C ASN K 408 5.13 -22.04 28.98
N THR K 409 6.18 -21.80 29.79
CA THR K 409 7.29 -22.73 29.93
C THR K 409 6.94 -23.96 30.75
N SER K 410 6.10 -23.81 31.77
CA SER K 410 5.85 -24.88 32.72
C SER K 410 4.90 -25.91 32.16
N GLY K 411 5.04 -27.17 32.60
CA GLY K 411 4.14 -28.22 32.15
C GLY K 411 4.82 -29.53 31.81
N SER K 412 6.07 -29.46 31.35
CA SER K 412 6.80 -30.66 30.96
C SER K 412 8.30 -30.41 30.93
N SER L 29 -14.33 -3.79 -38.38
CA SER L 29 -13.26 -3.59 -39.35
C SER L 29 -12.17 -4.63 -39.15
N MET L 30 -11.12 -4.55 -39.97
CA MET L 30 -10.00 -5.45 -39.81
C MET L 30 -9.14 -5.02 -38.63
N GLU L 31 -8.33 -5.96 -38.13
CA GLU L 31 -7.47 -5.72 -36.97
C GLU L 31 -6.29 -4.88 -37.39
N LEU L 32 -6.17 -3.69 -36.80
CA LEU L 32 -5.11 -2.75 -37.14
C LEU L 32 -3.76 -3.23 -36.62
N ALA L 33 -2.68 -2.66 -37.18
CA ALA L 33 -1.34 -3.08 -36.83
C ALA L 33 -0.94 -2.57 -35.46
N CYS L 34 -1.16 -3.41 -34.46
CA CYS L 34 -0.86 -3.11 -33.06
C CYS L 34 -0.14 -4.29 -32.44
N PRO L 35 1.10 -4.12 -31.98
CA PRO L 35 1.79 -5.20 -31.28
C PRO L 35 1.24 -5.39 -29.88
N ALA L 36 1.49 -6.58 -29.32
CA ALA L 36 0.98 -6.92 -28.01
C ALA L 36 1.78 -6.21 -26.92
N GLU L 37 1.12 -6.02 -25.77
CA GLU L 37 1.79 -5.44 -24.62
C GLU L 37 2.79 -6.44 -24.02
N ARG L 38 3.94 -5.94 -23.63
CA ARG L 38 5.10 -6.81 -23.40
C ARG L 38 6.08 -6.11 -22.49
N SER L 39 7.20 -6.78 -22.23
CA SER L 39 8.27 -6.18 -21.41
C SER L 39 9.54 -6.94 -21.71
N GLY L 40 10.64 -6.23 -21.98
CA GLY L 40 11.89 -6.88 -22.27
C GLY L 40 12.19 -7.13 -23.73
N HIS L 41 11.57 -6.37 -24.62
CA HIS L 41 11.83 -6.52 -26.05
C HIS L 41 13.07 -5.74 -26.48
N VAL L 42 13.44 -5.85 -27.75
CA VAL L 42 14.62 -5.15 -28.25
C VAL L 42 14.26 -4.24 -29.42
N ALA L 43 14.43 -2.93 -29.25
CA ALA L 43 14.14 -1.96 -30.29
C ALA L 43 15.43 -1.32 -30.77
N VAL L 44 15.70 -1.45 -32.06
CA VAL L 44 16.84 -0.78 -32.69
C VAL L 44 16.30 0.23 -33.70
N SER L 45 17.15 1.17 -34.09
CA SER L 45 16.72 2.26 -34.93
C SER L 45 17.85 2.74 -35.84
N ASP L 46 17.49 3.08 -37.08
CA ASP L 46 18.35 3.85 -37.96
C ASP L 46 18.00 5.33 -37.97
N GLY L 47 17.03 5.73 -37.15
CA GLY L 47 16.49 7.07 -37.16
C GLY L 47 15.22 7.25 -37.94
N ARG L 48 14.84 6.26 -38.76
CA ARG L 48 13.67 6.40 -39.62
C ARG L 48 12.71 5.22 -39.53
N HIS L 49 13.22 4.01 -39.24
CA HIS L 49 12.40 2.81 -39.13
C HIS L 49 12.89 1.95 -37.97
N MET L 50 12.13 1.93 -36.88
CA MET L 50 12.48 1.18 -35.67
C MET L 50 12.08 -0.28 -35.83
N PHE L 51 12.99 -1.18 -35.49
CA PHE L 51 12.74 -2.62 -35.50
C PHE L 51 12.59 -3.11 -34.06
N VAL L 52 11.47 -3.78 -33.79
CA VAL L 52 11.11 -4.27 -32.47
C VAL L 52 10.95 -5.78 -32.56
N TRP L 53 11.65 -6.51 -31.72
CA TRP L 53 11.60 -7.97 -31.75
C TRP L 53 11.89 -8.55 -30.38
N GLY L 54 11.37 -9.73 -30.09
CA GLY L 54 11.62 -10.37 -28.81
C GLY L 54 10.68 -9.90 -27.72
N GLY L 55 11.00 -10.18 -26.47
CA GLY L 55 10.17 -9.76 -25.36
C GLY L 55 9.19 -10.84 -24.91
N TYR L 56 8.47 -10.57 -23.83
CA TYR L 56 7.50 -11.53 -23.33
C TYR L 56 6.32 -10.81 -22.70
N LYS L 57 5.36 -11.55 -22.19
CA LYS L 57 4.19 -10.94 -21.58
C LYS L 57 3.68 -11.82 -20.45
N SER L 58 2.82 -11.23 -19.61
CA SER L 58 2.11 -12.00 -18.61
C SER L 58 0.89 -12.66 -19.26
N ASN L 59 0.77 -13.97 -19.07
CA ASN L 59 -0.31 -14.72 -19.69
C ASN L 59 -1.60 -14.49 -18.89
N GLN L 60 -2.62 -13.95 -19.55
CA GLN L 60 -3.88 -13.65 -18.88
C GLN L 60 -4.75 -14.89 -18.67
N VAL L 61 -4.45 -16.00 -19.35
CA VAL L 61 -5.13 -17.26 -19.07
C VAL L 61 -4.67 -17.82 -17.73
N ARG L 62 -3.37 -17.82 -17.48
CA ARG L 62 -2.83 -18.29 -16.20
C ARG L 62 -1.54 -17.52 -15.92
N GLY L 63 -1.50 -16.82 -14.79
CA GLY L 63 -0.36 -15.98 -14.45
C GLY L 63 0.74 -16.66 -13.67
N LEU L 64 0.70 -17.99 -13.58
CA LEU L 64 1.77 -18.74 -12.92
C LEU L 64 3.05 -18.74 -13.75
N TYR L 65 2.94 -18.97 -15.05
CA TYR L 65 4.07 -18.90 -15.96
C TYR L 65 3.88 -17.71 -16.89
N ASP L 66 4.97 -17.32 -17.54
CA ASP L 66 5.00 -16.13 -18.38
C ASP L 66 4.94 -16.53 -19.85
N PHE L 67 4.07 -15.88 -20.61
CA PHE L 67 3.92 -16.21 -22.03
C PHE L 67 5.05 -15.57 -22.81
N TYR L 68 5.57 -16.31 -23.78
CA TYR L 68 6.62 -15.77 -24.63
C TYR L 68 6.09 -15.58 -26.03
N LEU L 69 6.62 -14.60 -26.73
CA LEU L 69 6.19 -14.30 -28.09
C LEU L 69 6.72 -15.35 -29.07
N PRO L 70 6.05 -15.56 -30.20
CA PRO L 70 6.66 -16.33 -31.29
C PRO L 70 7.87 -15.63 -31.88
N ARG L 71 8.81 -16.45 -32.35
CA ARG L 71 10.18 -16.04 -32.62
C ARG L 71 10.40 -15.59 -34.07
N GLU L 72 9.36 -15.57 -34.88
CA GLU L 72 9.42 -15.09 -36.25
C GLU L 72 8.92 -13.66 -36.41
N GLU L 73 8.50 -13.02 -35.31
CA GLU L 73 7.68 -11.82 -35.36
C GLU L 73 8.56 -10.57 -35.33
N LEU L 74 8.76 -9.92 -36.48
CA LEU L 74 9.35 -8.58 -36.46
C LEU L 74 8.24 -7.53 -36.51
N TRP L 75 8.40 -6.47 -35.74
CA TRP L 75 7.49 -5.35 -35.77
C TRP L 75 8.29 -4.13 -36.22
N ILE L 76 7.75 -3.37 -37.15
CA ILE L 76 8.41 -2.15 -37.62
C ILE L 76 7.56 -0.96 -37.23
N TYR L 77 8.11 -0.06 -36.43
CA TYR L 77 7.47 1.22 -36.14
C TYR L 77 8.14 2.31 -36.96
N ASN L 78 7.38 2.91 -37.87
CA ASN L 78 7.79 4.13 -38.55
C ASN L 78 7.47 5.31 -37.64
N MET L 79 8.51 6.04 -37.22
CA MET L 79 8.35 7.21 -36.38
C MET L 79 8.03 8.48 -37.15
N GLU L 80 8.32 8.53 -38.45
CA GLU L 80 7.93 9.68 -39.24
C GLU L 80 6.43 9.65 -39.55
N THR L 81 5.89 8.46 -39.75
CA THR L 81 4.45 8.32 -39.99
C THR L 81 3.75 7.77 -38.76
N GLY L 82 4.48 7.08 -37.88
CA GLY L 82 3.90 6.52 -36.68
C GLY L 82 3.08 5.26 -36.87
N ARG L 83 3.61 4.30 -37.61
CA ARG L 83 2.85 3.09 -37.89
C ARG L 83 3.60 1.80 -37.62
N TRP L 84 2.87 0.74 -37.32
CA TRP L 84 3.47 -0.56 -37.11
C TRP L 84 3.29 -1.41 -38.36
N LYS L 85 4.13 -2.42 -38.51
CA LYS L 85 4.10 -3.30 -39.68
C LYS L 85 4.61 -4.67 -39.28
N LYS L 86 3.85 -5.70 -39.62
CA LYS L 86 4.19 -7.07 -39.27
C LYS L 86 5.11 -7.67 -40.32
N ILE L 87 6.20 -8.32 -39.88
CA ILE L 87 7.15 -8.93 -40.80
C ILE L 87 7.40 -10.38 -40.34
N ASN L 88 7.17 -11.31 -41.25
CA ASN L 88 7.62 -12.69 -41.16
C ASN L 88 9.02 -12.82 -41.77
N THR L 89 9.87 -13.62 -41.14
CA THR L 89 11.22 -13.88 -41.62
C THR L 89 11.54 -15.37 -41.66
N GLU L 90 12.51 -15.72 -42.49
CA GLU L 90 13.04 -17.06 -42.65
C GLU L 90 14.48 -17.11 -42.16
N GLY L 91 15.10 -18.28 -42.28
CA GLY L 91 16.49 -18.44 -41.88
C GLY L 91 16.63 -19.11 -40.53
N ASP L 92 17.86 -19.16 -40.01
CA ASP L 92 18.13 -19.74 -38.69
C ASP L 92 17.68 -18.73 -37.64
N VAL L 93 16.43 -18.89 -37.21
CA VAL L 93 15.77 -17.97 -36.29
C VAL L 93 16.32 -18.12 -34.88
N PRO L 94 16.38 -17.04 -34.09
CA PRO L 94 16.74 -17.17 -32.67
C PRO L 94 15.56 -17.67 -31.85
N PRO L 95 15.78 -18.05 -30.59
CA PRO L 95 14.61 -18.44 -29.79
C PRO L 95 13.82 -17.22 -29.34
N SER L 96 12.95 -17.39 -28.35
CA SER L 96 12.17 -16.26 -27.84
C SER L 96 12.96 -15.50 -26.80
N MET L 97 13.46 -14.33 -27.18
CA MET L 97 14.27 -13.53 -26.26
C MET L 97 13.42 -12.74 -25.29
N SER L 98 13.95 -12.48 -24.10
CA SER L 98 13.25 -11.68 -23.11
C SER L 98 14.13 -10.51 -22.71
N GLY L 99 14.91 -10.00 -23.65
CA GLY L 99 15.83 -8.90 -23.35
C GLY L 99 17.21 -9.20 -23.88
N SER L 100 17.51 -8.72 -25.07
CA SER L 100 18.82 -9.01 -25.68
C SER L 100 19.49 -7.75 -26.20
N CYS L 101 20.76 -7.86 -26.57
CA CYS L 101 21.49 -6.71 -27.07
C CYS L 101 21.57 -6.73 -28.60
N ALA L 102 21.26 -5.61 -29.24
CA ALA L 102 21.28 -5.56 -30.70
C ALA L 102 21.59 -4.18 -31.26
N VAL L 103 22.07 -4.13 -32.50
CA VAL L 103 22.37 -2.86 -33.15
C VAL L 103 21.76 -2.85 -34.53
N CYS L 104 21.64 -1.66 -35.12
CA CYS L 104 21.06 -1.54 -36.46
C CYS L 104 22.02 -0.84 -37.41
N VAL L 105 23.25 -1.33 -37.49
CA VAL L 105 24.25 -0.70 -38.35
C VAL L 105 23.86 -0.80 -39.82
N ASP L 106 24.05 0.28 -40.57
CA ASP L 106 23.71 0.28 -42.00
C ASP L 106 22.41 -0.46 -42.30
N ARG L 107 21.36 -0.12 -41.57
CA ARG L 107 20.07 -0.79 -41.77
C ARG L 107 20.25 -2.31 -41.77
N VAL L 108 21.16 -2.79 -40.94
CA VAL L 108 21.33 -4.23 -40.82
C VAL L 108 21.36 -4.55 -39.34
N LEU L 109 20.40 -5.35 -38.90
CA LEU L 109 20.31 -5.67 -37.49
C LEU L 109 21.31 -6.77 -37.14
N TYR L 110 22.00 -6.54 -36.01
CA TYR L 110 22.94 -7.52 -35.50
C TYR L 110 22.47 -7.80 -34.07
N LEU L 111 22.18 -9.06 -33.77
CA LEU L 111 21.67 -9.42 -32.46
C LEU L 111 22.63 -10.32 -31.68
N PHE L 112 22.73 -10.10 -30.37
CA PHE L 112 23.61 -10.93 -29.55
C PHE L 112 23.10 -10.98 -28.11
N GLY L 113 23.28 -12.11 -27.44
CA GLY L 113 22.85 -12.24 -26.06
C GLY L 113 21.35 -12.49 -25.94
N GLY L 114 20.81 -12.30 -24.74
CA GLY L 114 19.39 -12.49 -24.52
C GLY L 114 19.04 -13.65 -23.61
N HIS L 115 17.85 -13.62 -23.02
CA HIS L 115 17.42 -14.71 -22.15
C HIS L 115 16.23 -15.43 -22.78
N HIS L 116 16.16 -16.75 -22.61
CA HIS L 116 15.09 -17.51 -23.26
C HIS L 116 14.57 -18.72 -22.48
N SER L 117 13.47 -19.29 -22.93
CA SER L 117 12.87 -20.45 -22.26
C SER L 117 13.77 -21.68 -22.26
N ARG L 118 14.78 -21.69 -23.12
CA ARG L 118 15.74 -22.78 -23.10
C ARG L 118 16.86 -22.42 -22.12
N GLY L 119 17.11 -21.12 -21.94
CA GLY L 119 18.17 -20.67 -21.06
C GLY L 119 18.72 -19.33 -21.48
N ASN L 120 20.04 -19.21 -21.54
CA ASN L 120 20.66 -17.97 -22.00
C ASN L 120 21.50 -18.26 -23.23
N THR L 121 21.69 -17.26 -24.08
CA THR L 121 22.43 -17.51 -25.33
C THR L 121 23.48 -16.50 -25.73
N ASN L 122 24.58 -17.00 -26.28
CA ASN L 122 25.65 -16.17 -26.80
C ASN L 122 25.83 -16.42 -28.29
N LYS L 123 24.76 -16.81 -28.96
CA LYS L 123 24.78 -16.97 -30.41
C LYS L 123 24.61 -15.60 -31.06
N PHE L 124 25.45 -15.32 -32.06
CA PHE L 124 25.37 -14.05 -32.78
C PHE L 124 24.47 -14.23 -33.99
N TYR L 125 23.53 -13.30 -34.18
CA TYR L 125 22.56 -13.39 -35.26
C TYR L 125 22.64 -12.15 -36.14
N MET L 126 22.29 -12.32 -37.41
CA MET L 126 22.35 -11.29 -38.41
C MET L 126 21.00 -11.28 -39.12
N LEU L 127 20.46 -10.08 -39.34
CA LEU L 127 19.22 -9.90 -40.08
C LEU L 127 19.39 -8.71 -41.01
N ASP L 128 19.48 -8.97 -42.31
CA ASP L 128 19.70 -7.91 -43.28
C ASP L 128 18.36 -7.21 -43.55
N SER L 129 18.20 -6.03 -42.99
CA SER L 129 16.98 -5.25 -43.13
C SER L 129 17.09 -4.17 -44.19
N ARG L 130 18.12 -4.23 -45.03
CA ARG L 130 18.25 -3.27 -46.12
C ARG L 130 17.38 -3.61 -47.32
N SER L 131 16.91 -4.84 -47.39
CA SER L 131 16.11 -5.28 -48.53
C SER L 131 14.66 -4.84 -48.34
N THR L 132 14.20 -3.93 -49.20
CA THR L 132 12.80 -3.53 -49.18
C THR L 132 11.96 -4.32 -50.17
N ASP L 133 12.54 -4.70 -51.32
CA ASP L 133 11.83 -5.51 -52.29
C ASP L 133 11.87 -6.99 -51.96
N ARG L 134 12.76 -7.40 -51.04
CA ARG L 134 12.89 -8.79 -50.64
C ARG L 134 12.51 -8.93 -49.17
N VAL L 135 11.97 -10.10 -48.81
CA VAL L 135 11.66 -10.38 -47.42
C VAL L 135 12.97 -10.71 -46.69
N LEU L 136 13.01 -10.44 -45.40
CA LEU L 136 14.26 -10.50 -44.65
C LEU L 136 14.55 -11.92 -44.19
N GLN L 137 15.84 -12.21 -44.01
CA GLN L 137 16.30 -13.55 -43.65
C GLN L 137 17.28 -13.49 -42.49
N TRP L 138 17.27 -14.52 -41.67
CA TRP L 138 18.15 -14.65 -40.51
C TRP L 138 19.40 -15.44 -40.87
N GLU L 139 20.49 -15.17 -40.15
CA GLU L 139 21.72 -15.94 -40.32
C GLU L 139 22.47 -15.94 -38.99
N ARG L 140 22.64 -17.12 -38.39
CA ARG L 140 23.43 -17.25 -37.18
C ARG L 140 24.89 -17.49 -37.54
N ILE L 141 25.79 -16.71 -36.93
CA ILE L 141 27.20 -16.72 -37.26
C ILE L 141 27.98 -17.36 -36.11
N ASP L 142 28.80 -18.36 -36.44
CA ASP L 142 29.78 -18.91 -35.50
C ASP L 142 31.06 -18.10 -35.68
N CYS L 143 31.18 -17.03 -34.90
CA CYS L 143 32.33 -16.14 -35.00
C CYS L 143 33.57 -16.75 -34.36
N GLN L 144 34.73 -16.33 -34.84
CA GLN L 144 36.00 -16.90 -34.43
C GLN L 144 36.49 -16.25 -33.14
N GLY L 145 37.65 -16.67 -32.67
CA GLY L 145 38.18 -16.18 -31.42
C GLY L 145 37.48 -16.82 -30.23
N ILE L 146 37.56 -16.13 -29.10
CA ILE L 146 36.87 -16.57 -27.89
C ILE L 146 35.54 -15.81 -27.80
N PRO L 147 34.40 -16.50 -27.92
CA PRO L 147 33.12 -15.83 -27.71
C PRO L 147 32.86 -15.59 -26.23
N PRO L 148 32.03 -14.58 -25.89
CA PRO L 148 31.73 -14.34 -24.46
C PRO L 148 30.70 -15.32 -23.90
N SER L 149 30.32 -15.11 -22.64
CA SER L 149 29.36 -15.98 -21.97
C SER L 149 27.95 -15.72 -22.46
N SER L 150 27.07 -16.68 -22.18
CA SER L 150 25.66 -16.53 -22.50
C SER L 150 25.00 -15.60 -21.47
N LYS L 151 24.39 -14.52 -21.95
CA LYS L 151 24.13 -13.40 -21.07
C LYS L 151 23.01 -12.52 -21.61
N ASP L 152 22.44 -11.70 -20.72
CA ASP L 152 21.43 -10.71 -21.11
C ASP L 152 21.65 -9.42 -20.32
N LYS L 153 20.76 -8.46 -20.54
CA LYS L 153 20.84 -7.18 -19.84
C LYS L 153 22.20 -6.54 -20.00
N LEU L 154 22.52 -6.16 -21.24
CA LEU L 154 23.84 -5.58 -21.47
C LEU L 154 23.77 -4.46 -22.49
N GLY L 155 24.93 -3.81 -22.70
CA GLY L 155 25.01 -2.63 -23.54
C GLY L 155 26.06 -2.79 -24.63
N VAL L 156 26.09 -1.80 -25.52
CA VAL L 156 26.83 -1.90 -26.77
C VAL L 156 27.16 -0.50 -27.28
N TRP L 157 28.32 -0.37 -27.94
CA TRP L 157 28.69 0.77 -28.75
C TRP L 157 29.11 0.31 -30.14
N VAL L 158 28.95 1.18 -31.11
CA VAL L 158 29.42 0.94 -32.48
C VAL L 158 30.48 1.98 -32.77
N TYR L 159 31.74 1.54 -32.93
CA TYR L 159 32.81 2.46 -33.26
C TYR L 159 33.51 1.97 -34.51
N LYS L 160 33.52 2.83 -35.55
CA LYS L 160 34.06 2.62 -36.92
C LYS L 160 33.39 1.39 -37.52
N ASN L 161 34.12 0.34 -37.85
CA ASN L 161 33.56 -0.91 -38.31
C ASN L 161 33.49 -1.99 -37.23
N LYS L 162 33.62 -1.61 -35.96
CA LYS L 162 33.73 -2.55 -34.85
C LYS L 162 32.52 -2.44 -33.93
N LEU L 163 32.01 -3.59 -33.50
CA LEU L 163 30.97 -3.65 -32.48
C LEU L 163 31.64 -3.94 -31.15
N ILE L 164 31.31 -3.15 -30.12
CA ILE L 164 31.94 -3.30 -28.82
C ILE L 164 30.84 -3.56 -27.80
N PHE L 165 30.94 -4.67 -27.08
CA PHE L 165 29.90 -5.12 -26.16
C PHE L 165 30.40 -4.99 -24.73
N PHE L 166 29.52 -4.48 -23.86
CA PHE L 166 29.81 -4.20 -22.46
C PHE L 166 28.79 -4.84 -21.53
N GLY L 167 29.30 -5.50 -20.49
CA GLY L 167 28.54 -5.88 -19.32
C GLY L 167 27.65 -7.10 -19.51
N GLY L 168 26.76 -7.28 -18.53
CA GLY L 168 25.74 -8.30 -18.66
C GLY L 168 25.53 -9.21 -17.48
N TYR L 169 24.26 -9.34 -17.08
CA TYR L 169 23.83 -10.48 -16.27
C TYR L 169 23.97 -11.75 -17.11
N GLY L 170 24.72 -12.72 -16.60
CA GLY L 170 24.99 -13.91 -17.39
C GLY L 170 25.95 -14.83 -16.70
N TYR L 171 26.45 -15.79 -17.46
CA TYR L 171 27.23 -16.88 -16.88
C TYR L 171 28.71 -16.51 -16.88
N LEU L 172 29.55 -17.50 -16.58
CA LEU L 172 30.99 -17.40 -16.75
C LEU L 172 31.38 -17.91 -18.14
N PRO L 173 32.31 -17.26 -18.84
CA PRO L 173 32.69 -17.72 -20.18
C PRO L 173 33.53 -18.99 -20.16
N GLU L 174 33.66 -19.64 -21.33
CA GLU L 174 34.31 -20.94 -21.38
C GLU L 174 35.83 -20.83 -21.36
N ASP L 175 36.39 -19.67 -21.70
CA ASP L 175 37.84 -19.47 -21.73
C ASP L 175 38.21 -18.25 -20.89
N LYS L 176 39.48 -17.84 -21.01
CA LYS L 176 39.97 -16.69 -20.26
C LYS L 176 39.49 -15.39 -20.90
N VAL L 177 38.79 -14.58 -20.11
CA VAL L 177 38.17 -13.34 -20.56
C VAL L 177 38.62 -12.21 -19.65
N LEU L 178 39.14 -11.13 -20.25
CA LEU L 178 39.57 -9.94 -19.52
C LEU L 178 38.38 -9.23 -18.87
N GLY L 179 38.61 -8.69 -17.68
CA GLY L 179 37.57 -8.07 -16.90
C GLY L 179 37.13 -8.94 -15.73
N THR L 180 36.28 -8.36 -14.90
CA THR L 180 35.78 -9.02 -13.69
C THR L 180 34.33 -9.45 -13.88
N PHE L 181 33.91 -10.40 -13.04
CA PHE L 181 32.56 -10.98 -13.13
C PHE L 181 32.21 -11.56 -11.77
N GLU L 182 31.17 -11.01 -11.13
CA GLU L 182 30.71 -11.46 -9.83
C GLU L 182 29.35 -12.13 -9.98
N PHE L 183 29.21 -13.35 -9.42
CA PHE L 183 27.94 -14.06 -9.44
C PHE L 183 26.91 -13.39 -8.52
N ASP L 184 25.68 -13.29 -9.02
CA ASP L 184 24.56 -12.92 -8.16
C ASP L 184 24.18 -14.11 -7.30
N GLU L 185 23.90 -13.84 -6.02
CA GLU L 185 23.50 -14.89 -5.08
C GLU L 185 22.08 -15.38 -5.36
N THR L 186 21.16 -14.44 -5.70
CA THR L 186 19.74 -14.75 -5.85
C THR L 186 19.46 -15.56 -7.12
N SER L 187 20.34 -15.44 -8.13
CA SER L 187 20.30 -16.29 -9.31
C SER L 187 20.59 -17.75 -8.96
N PHE L 188 21.44 -17.96 -7.94
CA PHE L 188 21.67 -19.27 -7.32
C PHE L 188 20.43 -19.87 -6.67
N TRP L 189 19.42 -19.05 -6.32
CA TRP L 189 18.12 -19.58 -5.97
C TRP L 189 17.29 -19.96 -7.19
N ASN L 190 17.23 -19.10 -8.23
CA ASN L 190 16.12 -19.22 -9.17
C ASN L 190 16.38 -20.09 -10.39
N SER L 191 17.60 -20.57 -10.57
CA SER L 191 17.93 -21.34 -11.77
C SER L 191 19.15 -22.22 -11.56
N SER L 192 19.16 -23.38 -12.22
CA SER L 192 20.32 -24.25 -12.13
C SER L 192 21.51 -23.48 -12.66
N HIS L 193 21.33 -22.80 -13.79
CA HIS L 193 22.39 -21.99 -14.34
C HIS L 193 22.35 -20.62 -13.70
N PRO L 194 23.39 -20.27 -12.93
CA PRO L 194 23.38 -19.00 -12.21
C PRO L 194 24.04 -17.85 -12.97
N ARG L 195 23.37 -16.71 -13.02
CA ARG L 195 23.94 -15.54 -13.67
C ARG L 195 24.59 -14.60 -12.69
N GLY L 196 25.11 -13.50 -13.19
CA GLY L 196 25.76 -12.50 -12.37
C GLY L 196 26.21 -11.35 -13.23
N TRP L 197 26.77 -10.34 -12.56
CA TRP L 197 27.11 -9.08 -13.20
C TRP L 197 28.57 -9.07 -13.65
N ASN L 198 28.82 -8.51 -14.83
CA ASN L 198 30.19 -8.34 -15.28
C ASN L 198 30.35 -6.94 -15.88
N ASP L 199 31.61 -6.59 -16.17
CA ASP L 199 31.95 -5.38 -16.91
C ASP L 199 32.99 -5.68 -17.98
N HIS L 200 32.85 -6.80 -18.67
CA HIS L 200 33.79 -7.19 -19.71
C HIS L 200 33.60 -6.34 -20.96
N VAL L 201 34.70 -6.13 -21.67
CA VAL L 201 34.71 -5.42 -22.94
C VAL L 201 35.06 -6.41 -24.04
N HIS L 202 34.19 -6.55 -25.03
CA HIS L 202 34.44 -7.44 -26.15
C HIS L 202 34.31 -6.69 -27.46
N ILE L 203 35.05 -7.12 -28.47
CA ILE L 203 35.04 -6.51 -29.79
C ILE L 203 34.69 -7.60 -30.80
N LEU L 204 33.60 -7.42 -31.53
CA LEU L 204 33.35 -8.17 -32.74
C LEU L 204 33.78 -7.30 -33.92
N ASP L 205 34.83 -7.72 -34.62
CA ASP L 205 35.22 -7.12 -35.88
C ASP L 205 34.43 -7.82 -36.97
N THR L 206 33.39 -7.16 -37.49
CA THR L 206 32.49 -7.76 -38.45
C THR L 206 33.06 -7.78 -39.87
N GLU L 207 34.13 -7.05 -40.14
CA GLU L 207 34.83 -7.19 -41.41
C GLU L 207 35.59 -8.50 -41.47
N THR L 208 36.08 -8.99 -40.33
CA THR L 208 36.68 -10.30 -40.23
C THR L 208 35.79 -11.31 -39.50
N PHE L 209 34.69 -10.83 -38.90
CA PHE L 209 33.75 -11.59 -38.03
C PHE L 209 34.46 -12.32 -36.89
N THR L 210 35.37 -11.61 -36.22
CA THR L 210 36.26 -12.20 -35.24
C THR L 210 36.09 -11.50 -33.90
N TRP L 211 35.94 -12.29 -32.83
CA TRP L 211 36.00 -11.76 -31.48
C TRP L 211 37.43 -11.43 -31.09
N SER L 212 37.57 -10.38 -30.27
CA SER L 212 38.83 -9.95 -29.71
C SER L 212 38.52 -9.20 -28.42
N GLN L 213 39.56 -8.98 -27.62
CA GLN L 213 39.38 -8.27 -26.36
C GLN L 213 40.49 -7.27 -26.13
N PRO L 214 40.19 -5.97 -26.08
CA PRO L 214 41.23 -4.97 -25.89
C PRO L 214 41.64 -4.85 -24.42
N ILE L 215 42.69 -4.06 -24.19
CA ILE L 215 43.20 -3.84 -22.85
C ILE L 215 42.39 -2.74 -22.18
N THR L 216 41.84 -3.03 -21.01
CA THR L 216 41.02 -2.09 -20.26
C THR L 216 41.92 -1.29 -19.33
N THR L 217 41.97 0.03 -19.53
CA THR L 217 42.74 0.93 -18.69
C THR L 217 41.79 1.93 -18.02
N GLY L 218 42.33 2.72 -17.11
CA GLY L 218 41.53 3.65 -16.33
C GLY L 218 40.90 2.97 -15.13
N LYS L 219 40.16 3.78 -14.37
CA LYS L 219 39.48 3.29 -13.17
C LYS L 219 38.20 2.60 -13.61
N ALA L 220 38.25 1.26 -13.65
CA ALA L 220 37.15 0.44 -14.12
C ALA L 220 36.00 0.45 -13.10
N PRO L 221 34.75 0.44 -13.56
CA PRO L 221 33.61 0.51 -12.63
C PRO L 221 33.33 -0.83 -11.95
N SER L 222 32.25 -0.84 -11.18
CA SER L 222 31.73 -2.07 -10.61
C SER L 222 31.06 -2.92 -11.70
N PRO L 223 30.98 -4.24 -11.50
CA PRO L 223 30.17 -5.06 -12.40
C PRO L 223 28.68 -4.76 -12.26
N ARG L 224 28.01 -4.59 -13.39
CA ARG L 224 26.62 -4.15 -13.38
C ARG L 224 25.89 -4.70 -14.59
N ALA L 225 24.61 -4.98 -14.38
CA ALA L 225 23.66 -5.20 -15.45
C ALA L 225 22.58 -4.12 -15.36
N ALA L 226 21.76 -4.02 -16.39
CA ALA L 226 20.76 -2.96 -16.44
C ALA L 226 21.47 -1.62 -16.55
N HIS L 227 22.52 -1.56 -17.35
CA HIS L 227 23.29 -0.33 -17.45
C HIS L 227 22.92 0.37 -18.75
N ALA L 228 22.64 1.65 -18.67
CA ALA L 228 22.23 2.37 -19.86
C ALA L 228 23.45 2.92 -20.59
N CYS L 229 23.55 2.58 -21.87
CA CYS L 229 24.76 2.88 -22.65
C CYS L 229 24.39 3.77 -23.83
N ALA L 230 25.36 4.62 -24.19
CA ALA L 230 25.18 5.50 -25.33
C ALA L 230 26.52 5.69 -26.03
N THR L 231 26.46 6.00 -27.32
CA THR L 231 27.66 6.20 -28.14
C THR L 231 27.74 7.67 -28.52
N VAL L 232 28.64 8.40 -27.85
CA VAL L 232 28.86 9.80 -28.17
C VAL L 232 30.22 9.94 -28.85
N GLY L 233 30.20 9.95 -30.18
CA GLY L 233 31.39 10.13 -31.00
C GLY L 233 32.36 8.98 -30.94
N ASN L 234 33.51 9.21 -30.29
CA ASN L 234 34.47 8.17 -29.99
C ASN L 234 34.46 7.80 -28.51
N ARG L 235 33.32 7.96 -27.84
CA ARG L 235 33.20 7.63 -26.43
C ARG L 235 31.93 6.83 -26.20
N GLY L 236 31.92 6.06 -25.12
CA GLY L 236 30.74 5.32 -24.71
C GLY L 236 30.40 5.64 -23.27
N PHE L 237 29.14 5.96 -23.03
CA PHE L 237 28.68 6.42 -21.73
C PHE L 237 27.81 5.35 -21.08
N VAL L 238 28.13 5.05 -19.81
CA VAL L 238 27.45 4.03 -19.01
C VAL L 238 26.86 4.73 -17.79
N PHE L 239 25.54 4.60 -17.62
CA PHE L 239 24.87 5.19 -16.47
C PHE L 239 24.09 4.12 -15.73
N GLY L 240 24.22 4.14 -14.39
CA GLY L 240 23.35 3.38 -13.52
C GLY L 240 23.68 1.90 -13.47
N GLY L 241 22.79 1.16 -12.80
CA GLY L 241 22.88 -0.29 -12.80
C GLY L 241 22.58 -0.95 -11.48
N ARG L 242 22.75 -2.27 -11.46
CA ARG L 242 22.51 -3.11 -10.28
C ARG L 242 23.79 -3.82 -9.90
N TYR L 243 24.17 -3.71 -8.63
CA TYR L 243 25.28 -4.51 -8.10
C TYR L 243 24.96 -4.83 -6.65
N ARG L 244 25.15 -6.13 -6.30
CA ARG L 244 24.74 -6.79 -5.05
C ARG L 244 23.24 -6.56 -4.85
N ASP L 245 22.80 -5.89 -3.79
CA ASP L 245 21.40 -5.52 -3.61
C ASP L 245 21.19 -4.02 -3.79
N ALA L 246 22.06 -3.36 -4.55
CA ALA L 246 22.02 -1.91 -4.69
C ALA L 246 21.79 -1.52 -6.14
N ARG L 247 20.77 -0.71 -6.40
CA ARG L 247 20.58 -0.21 -7.76
C ARG L 247 21.36 1.10 -7.93
N MET L 248 22.61 1.01 -8.37
CA MET L 248 23.48 2.20 -8.48
C MET L 248 23.12 3.17 -9.60
N ASN L 249 23.78 4.34 -9.62
CA ASN L 249 23.52 5.34 -10.66
C ASN L 249 24.73 6.20 -11.02
N ASP L 250 25.92 5.84 -10.56
CA ASP L 250 27.12 6.57 -10.96
C ASP L 250 27.22 6.61 -12.49
N LEU L 251 28.06 7.51 -12.99
CA LEU L 251 28.17 7.72 -14.42
C LEU L 251 29.63 7.56 -14.83
N HIS L 252 29.87 6.78 -15.89
CA HIS L 252 31.21 6.53 -16.38
C HIS L 252 31.22 6.71 -17.89
N TYR L 253 32.40 6.95 -18.45
CA TYR L 253 32.55 6.88 -19.89
C TYR L 253 33.91 6.27 -20.24
N LEU L 254 33.89 5.40 -21.23
CA LEU L 254 35.08 4.73 -21.74
C LEU L 254 35.39 5.26 -23.13
N ASN L 255 36.64 5.65 -23.35
CA ASN L 255 37.07 6.07 -24.67
C ASN L 255 37.20 4.87 -25.59
N LEU L 256 36.86 5.07 -26.85
CA LEU L 256 36.90 4.00 -27.84
C LEU L 256 38.17 4.03 -28.68
N ASP L 257 39.14 4.88 -28.33
CA ASP L 257 40.43 4.92 -29.01
C ASP L 257 41.57 4.69 -28.03
N THR L 258 41.51 5.32 -26.85
CA THR L 258 42.55 5.18 -25.85
C THR L 258 42.25 4.08 -24.85
N TRP L 259 41.01 3.56 -24.85
CA TRP L 259 40.50 2.47 -23.99
C TRP L 259 40.66 2.77 -22.51
N GLU L 260 40.38 4.02 -22.12
CA GLU L 260 40.61 4.50 -20.76
C GLU L 260 39.28 4.80 -20.09
N TRP L 261 39.09 4.25 -18.90
CA TRP L 261 37.86 4.43 -18.15
C TRP L 261 37.92 5.71 -17.33
N ASN L 262 36.90 6.56 -17.45
CA ASN L 262 36.84 7.82 -16.72
C ASN L 262 35.51 7.90 -15.99
N GLU L 263 35.55 7.91 -14.66
CA GLU L 263 34.34 8.07 -13.86
C GLU L 263 34.04 9.56 -13.68
N LEU L 264 32.81 9.96 -14.03
CA LEU L 264 32.40 11.34 -13.92
C LEU L 264 31.44 11.52 -12.74
N ILE L 265 31.68 12.56 -11.96
CA ILE L 265 30.80 12.95 -10.86
C ILE L 265 30.09 14.24 -11.28
N PRO L 266 28.80 14.19 -11.65
CA PRO L 266 28.13 15.40 -12.13
C PRO L 266 27.68 16.30 -10.98
N GLN L 267 27.48 17.57 -11.32
CA GLN L 267 27.02 18.56 -10.36
C GLN L 267 25.49 18.68 -10.43
N GLY L 268 24.95 19.61 -9.64
CA GLY L 268 23.51 19.75 -9.53
C GLY L 268 22.91 18.67 -8.64
N ILE L 269 21.68 18.27 -8.95
CA ILE L 269 21.03 17.16 -8.27
C ILE L 269 21.03 15.96 -9.20
N CYS L 270 21.33 14.81 -8.64
CA CYS L 270 21.41 13.57 -9.40
C CYS L 270 20.01 12.93 -9.52
N PRO L 271 19.82 12.10 -10.56
CA PRO L 271 18.53 11.40 -10.60
C PRO L 271 18.62 10.22 -9.65
N VAL L 272 17.50 9.81 -9.05
CA VAL L 272 17.55 8.74 -8.06
C VAL L 272 18.20 7.48 -8.63
N GLY L 273 19.00 6.80 -7.82
CA GLY L 273 19.64 5.58 -8.26
C GLY L 273 18.58 4.68 -8.87
N ARG L 274 18.86 4.11 -10.03
CA ARG L 274 17.84 3.32 -10.71
C ARG L 274 18.40 2.30 -11.68
N SER L 275 17.64 1.24 -11.94
CA SER L 275 18.06 0.25 -12.92
C SER L 275 16.97 0.08 -13.98
N TRP L 276 17.20 -0.80 -14.96
CA TRP L 276 16.21 -1.03 -15.99
C TRP L 276 15.74 0.27 -16.64
N HIS L 277 16.69 1.08 -17.11
CA HIS L 277 16.33 2.34 -17.73
C HIS L 277 17.21 2.60 -18.95
N SER L 278 16.61 3.14 -20.01
CA SER L 278 17.38 3.44 -21.21
C SER L 278 17.93 4.87 -21.20
N LEU L 279 18.90 5.13 -22.11
CA LEU L 279 19.53 6.45 -22.29
C LEU L 279 20.12 6.48 -23.70
N THR L 280 19.60 7.40 -24.54
CA THR L 280 19.99 7.56 -25.94
C THR L 280 20.65 8.93 -26.18
N PRO L 281 21.57 9.04 -27.15
CA PRO L 281 22.07 10.38 -27.51
C PRO L 281 21.08 11.17 -28.35
N VAL L 282 20.73 12.36 -27.89
CA VAL L 282 19.82 13.22 -28.64
C VAL L 282 20.53 14.37 -29.36
N SER L 283 21.72 14.79 -28.90
CA SER L 283 22.58 15.67 -29.67
C SER L 283 24.01 15.42 -29.25
N SER L 284 24.95 16.03 -29.99
CA SER L 284 26.38 15.85 -29.72
C SER L 284 26.87 16.53 -28.45
N ASP L 285 26.05 17.40 -27.85
CA ASP L 285 26.31 17.96 -26.55
C ASP L 285 25.32 17.47 -25.48
N HIS L 286 24.26 16.72 -25.86
CA HIS L 286 23.23 16.46 -24.86
C HIS L 286 22.65 15.05 -24.93
N LEU L 287 22.33 14.53 -23.74
CA LEU L 287 21.88 13.15 -23.53
C LEU L 287 20.54 13.19 -22.81
N PHE L 288 19.74 12.12 -22.95
CA PHE L 288 18.42 12.07 -22.34
C PHE L 288 18.23 10.80 -21.53
N LEU L 289 17.56 10.93 -20.38
CA LEU L 289 17.20 9.84 -19.47
C LEU L 289 15.72 9.89 -19.16
N PHE L 290 15.05 8.73 -19.29
CA PHE L 290 13.69 8.54 -18.79
C PHE L 290 13.58 7.28 -17.95
N GLY L 291 12.76 7.37 -16.89
CA GLY L 291 12.32 6.22 -16.13
C GLY L 291 13.38 5.65 -15.20
N GLY L 292 13.12 4.44 -14.73
CA GLY L 292 14.05 3.81 -13.80
C GLY L 292 13.26 3.05 -12.76
N PHE L 293 13.95 2.38 -11.85
CA PHE L 293 13.29 1.63 -10.78
C PHE L 293 14.09 1.74 -9.51
N THR L 294 13.60 2.55 -8.58
CA THR L 294 14.33 2.79 -7.34
C THR L 294 14.63 1.48 -6.62
N THR L 295 15.70 1.46 -5.84
CA THR L 295 16.09 0.23 -5.14
C THR L 295 14.96 -0.26 -4.25
N ASP L 296 14.16 0.66 -3.71
CA ASP L 296 13.03 0.26 -2.88
C ASP L 296 11.94 -0.35 -3.74
N LYS L 297 12.24 -0.55 -5.02
CA LYS L 297 11.28 -1.15 -5.95
C LYS L 297 10.11 -0.24 -6.27
N GLN L 298 10.37 1.05 -6.46
CA GLN L 298 9.31 1.98 -6.85
C GLN L 298 9.52 2.38 -8.30
N PRO L 299 8.45 2.35 -9.10
CA PRO L 299 8.62 2.66 -10.54
C PRO L 299 8.73 4.15 -10.78
N LEU L 300 9.58 4.52 -11.74
CA LEU L 300 9.98 5.91 -11.95
C LEU L 300 9.44 6.44 -13.28
N SER L 301 9.17 7.76 -13.29
CA SER L 301 8.77 8.44 -14.52
C SER L 301 9.40 9.83 -14.63
N ASP L 302 10.43 10.14 -13.84
CA ASP L 302 11.06 11.46 -13.87
C ASP L 302 12.03 11.56 -15.04
N ALA L 303 11.91 12.64 -15.80
CA ALA L 303 12.73 12.86 -16.99
C ALA L 303 13.92 13.76 -16.67
N TRP L 304 15.09 13.35 -17.14
CA TRP L 304 16.31 14.13 -16.95
C TRP L 304 17.04 14.26 -18.28
N THR L 305 17.85 15.30 -18.39
CA THR L 305 18.76 15.44 -19.51
C THR L 305 20.13 15.86 -18.99
N TYR L 306 21.16 15.53 -19.77
CA TYR L 306 22.53 15.67 -19.34
C TYR L 306 23.34 16.48 -20.34
N CYS L 307 24.09 17.44 -19.82
CA CYS L 307 25.01 18.27 -20.59
C CYS L 307 26.43 17.83 -20.29
N ILE L 308 27.14 17.34 -21.32
CA ILE L 308 28.50 16.83 -21.12
C ILE L 308 29.51 17.97 -21.02
N SER L 309 29.22 19.10 -21.68
CA SER L 309 30.11 20.26 -21.59
C SER L 309 29.96 20.99 -20.26
N LYS L 310 28.74 21.11 -19.76
CA LYS L 310 28.52 21.69 -18.44
C LYS L 310 28.67 20.67 -17.32
N ASN L 311 28.71 19.37 -17.68
CA ASN L 311 28.70 18.20 -16.77
C ASN L 311 27.52 18.24 -15.80
N GLU L 312 26.34 18.57 -16.34
CA GLU L 312 25.23 19.01 -15.50
C GLU L 312 23.95 18.23 -15.81
N TRP L 313 23.13 18.06 -14.77
CA TRP L 313 21.83 17.40 -14.86
C TRP L 313 20.73 18.46 -14.84
N ILE L 314 19.83 18.42 -15.81
CA ILE L 314 18.66 19.29 -15.85
C ILE L 314 17.42 18.41 -15.82
N GLN L 315 16.52 18.67 -14.88
CA GLN L 315 15.27 17.93 -14.87
C GLN L 315 14.31 18.45 -15.94
N PHE L 316 13.93 17.57 -16.85
CA PHE L 316 13.18 17.92 -18.04
C PHE L 316 11.69 17.94 -17.74
N ASN L 317 10.97 18.79 -18.46
CA ASN L 317 9.52 18.94 -18.30
C ASN L 317 8.74 18.37 -19.48
N HIS L 318 7.76 17.54 -19.17
CA HIS L 318 6.87 16.91 -20.14
C HIS L 318 5.60 16.49 -19.41
N PRO L 319 4.43 16.48 -20.08
CA PRO L 319 3.21 16.01 -19.43
C PRO L 319 3.02 14.50 -19.39
N TYR L 320 4.04 13.69 -19.70
CA TYR L 320 3.93 12.24 -19.69
C TYR L 320 4.41 11.63 -18.38
N THR L 321 4.54 12.42 -17.32
CA THR L 321 5.13 11.96 -16.07
C THR L 321 4.17 11.19 -15.17
N GLU L 322 2.90 11.09 -15.55
CA GLU L 322 1.90 10.41 -14.72
C GLU L 322 1.90 8.89 -14.89
N LYS L 323 2.66 8.35 -15.85
CA LYS L 323 2.77 6.90 -16.02
C LYS L 323 4.22 6.44 -15.98
N PRO L 324 4.57 5.48 -15.12
CA PRO L 324 5.95 4.99 -15.08
C PRO L 324 6.17 3.79 -15.99
N ARG L 325 7.43 3.44 -16.24
CA ARG L 325 7.69 2.35 -17.18
C ARG L 325 8.82 1.42 -16.77
N LEU L 326 8.67 0.13 -17.07
CA LEU L 326 9.75 -0.80 -16.80
C LEU L 326 10.24 -1.30 -18.15
N TRP L 327 11.55 -1.33 -18.34
CA TRP L 327 12.10 -1.72 -19.64
C TRP L 327 11.51 -0.81 -20.72
N HIS L 328 11.71 0.50 -20.58
CA HIS L 328 11.20 1.44 -21.57
C HIS L 328 12.21 1.66 -22.68
N THR L 329 11.94 1.14 -23.87
CA THR L 329 12.90 1.25 -24.97
C THR L 329 12.83 2.61 -25.65
N ALA L 330 13.90 3.39 -25.55
CA ALA L 330 13.93 4.70 -26.19
C ALA L 330 14.75 4.60 -27.47
N CYS L 331 14.32 5.35 -28.48
CA CYS L 331 15.06 5.44 -29.72
C CYS L 331 15.10 6.90 -30.16
N ALA L 332 16.20 7.26 -30.82
CA ALA L 332 16.42 8.62 -31.30
C ALA L 332 16.02 8.73 -32.76
N SER L 333 15.17 9.69 -33.06
CA SER L 333 14.76 9.93 -34.44
C SER L 333 15.77 10.83 -35.14
N ASP L 334 15.52 11.05 -36.43
CA ASP L 334 16.23 12.06 -37.19
C ASP L 334 15.51 13.42 -37.13
N GLU L 335 14.36 13.48 -36.47
CA GLU L 335 13.63 14.71 -36.24
C GLU L 335 13.77 15.22 -34.81
N GLY L 336 14.68 14.63 -34.04
CA GLY L 336 14.89 15.05 -32.66
C GLY L 336 13.81 14.64 -31.68
N GLU L 337 13.35 13.39 -31.74
CA GLU L 337 12.34 12.87 -30.84
C GLU L 337 12.87 11.67 -30.08
N VAL L 338 12.53 11.57 -28.80
CA VAL L 338 12.75 10.36 -28.01
C VAL L 338 11.48 9.53 -28.11
N ILE L 339 11.55 8.36 -28.74
CA ILE L 339 10.36 7.51 -28.92
C ILE L 339 10.51 6.30 -28.04
N VAL L 340 9.59 6.15 -27.09
CA VAL L 340 9.59 5.11 -26.08
C VAL L 340 8.55 4.07 -26.48
N PHE L 341 8.93 2.80 -26.53
CA PHE L 341 7.95 1.75 -26.80
C PHE L 341 7.96 0.67 -25.73
N GLY L 342 6.78 0.31 -25.22
CA GLY L 342 6.68 -0.74 -24.21
C GLY L 342 6.93 -0.27 -22.79
N GLY L 343 6.49 -1.06 -21.81
CA GLY L 343 6.75 -0.71 -20.43
C GLY L 343 5.78 -1.23 -19.38
N CYS L 344 6.30 -1.80 -18.30
CA CYS L 344 5.46 -2.26 -17.20
C CYS L 344 5.22 -1.09 -16.25
N ALA L 345 3.95 -0.81 -15.96
CA ALA L 345 3.60 0.34 -15.13
C ALA L 345 3.84 0.06 -13.65
N ASN L 346 3.40 -1.11 -13.17
CA ASN L 346 3.57 -1.50 -11.79
C ASN L 346 4.86 -2.29 -11.63
N ASN L 347 5.01 -3.00 -10.51
CA ASN L 347 6.16 -3.85 -10.25
C ASN L 347 6.19 -5.05 -11.20
N LEU L 348 7.28 -5.19 -11.94
CA LEU L 348 7.42 -6.33 -12.84
C LEU L 348 7.64 -7.59 -12.02
N LEU L 349 8.36 -7.45 -10.91
CA LEU L 349 8.57 -8.61 -10.05
C LEU L 349 7.26 -9.24 -9.60
N VAL L 350 6.17 -8.47 -9.56
CA VAL L 350 4.82 -9.01 -9.52
C VAL L 350 4.48 -9.32 -10.98
N HIS L 351 4.86 -10.52 -11.43
CA HIS L 351 4.68 -10.89 -12.83
C HIS L 351 3.27 -11.38 -13.13
N HIS L 352 2.56 -11.90 -12.13
CA HIS L 352 1.18 -12.33 -12.33
C HIS L 352 0.21 -11.16 -12.42
N ARG L 353 0.56 -9.99 -11.86
CA ARG L 353 -0.18 -8.76 -12.06
C ARG L 353 0.65 -7.71 -12.77
N ALA L 354 1.49 -8.12 -13.72
CA ALA L 354 2.36 -7.20 -14.44
C ALA L 354 1.56 -6.49 -15.52
N ALA L 355 1.36 -5.18 -15.35
CA ALA L 355 0.59 -4.38 -16.28
C ALA L 355 1.53 -3.92 -17.41
N HIS L 356 1.67 -4.79 -18.40
CA HIS L 356 2.47 -4.47 -19.57
C HIS L 356 1.75 -3.47 -20.45
N SER L 357 2.53 -2.62 -21.12
CA SER L 357 1.97 -1.58 -21.99
C SER L 357 2.61 -1.67 -23.37
N ASN L 358 1.85 -1.26 -24.38
CA ASN L 358 2.36 -1.14 -25.74
C ASN L 358 2.10 0.26 -26.30
N GLU L 359 2.37 1.28 -25.50
CA GLU L 359 2.05 2.66 -25.85
C GLU L 359 3.31 3.40 -26.29
N ILE L 360 3.25 4.00 -27.47
CA ILE L 360 4.33 4.84 -27.96
C ILE L 360 4.28 6.19 -27.25
N LEU L 361 5.38 6.55 -26.59
CA LEU L 361 5.53 7.86 -25.97
C LEU L 361 6.58 8.67 -26.73
N ILE L 362 6.15 9.80 -27.31
CA ILE L 362 7.04 10.67 -28.07
C ILE L 362 7.37 11.88 -27.21
N PHE L 363 8.65 12.05 -26.89
CA PHE L 363 9.16 13.18 -26.13
C PHE L 363 9.87 14.13 -27.06
N SER L 364 9.49 15.40 -26.98
CA SER L 364 10.10 16.48 -27.76
C SER L 364 11.19 17.11 -26.92
N VAL L 365 12.40 16.58 -27.03
CA VAL L 365 13.56 17.18 -26.39
C VAL L 365 14.35 18.07 -27.34
N GLN L 366 14.07 18.00 -28.63
CA GLN L 366 14.61 18.84 -29.66
C GLN L 366 13.46 19.32 -30.55
N PRO L 367 13.41 20.60 -30.92
CA PRO L 367 12.30 21.11 -31.72
C PRO L 367 12.32 20.62 -33.16
N LYS L 368 11.14 20.57 -33.75
CA LYS L 368 10.93 19.85 -34.99
C LYS L 368 11.19 20.77 -36.18
N SER L 369 11.12 20.21 -37.39
CA SER L 369 11.25 21.04 -38.58
C SER L 369 9.87 21.52 -38.98
N LEU L 370 9.78 22.47 -39.92
CA LEU L 370 8.46 22.89 -40.38
C LEU L 370 7.78 21.77 -41.16
N VAL L 371 8.54 20.92 -41.84
CA VAL L 371 7.94 19.76 -42.50
C VAL L 371 7.00 19.13 -41.48
N ARG L 372 7.52 18.88 -40.26
CA ARG L 372 6.76 18.29 -39.18
C ARG L 372 5.68 19.23 -38.63
N LEU L 373 6.00 20.51 -38.55
CA LEU L 373 4.99 21.49 -38.13
C LEU L 373 3.93 21.65 -39.22
N SER L 374 4.34 21.62 -40.48
CA SER L 374 3.39 21.72 -41.58
C SER L 374 2.41 20.55 -41.56
N LEU L 375 2.92 19.34 -41.24
CA LEU L 375 2.04 18.19 -41.04
C LEU L 375 1.22 18.32 -39.76
N GLU L 376 1.71 19.10 -38.79
CA GLU L 376 0.90 19.35 -37.60
C GLU L 376 -0.22 20.28 -38.00
N ALA L 377 0.10 21.30 -38.80
CA ALA L 377 -0.93 22.24 -39.26
C ALA L 377 -1.99 21.55 -40.10
N VAL L 378 -1.60 20.48 -40.82
CA VAL L 378 -2.59 19.62 -41.47
C VAL L 378 -3.38 18.82 -40.43
N ILE L 379 -2.69 18.27 -39.42
CA ILE L 379 -3.30 17.33 -38.48
C ILE L 379 -4.23 18.02 -37.47
N CYS L 380 -4.12 19.35 -37.32
CA CYS L 380 -5.03 20.09 -36.44
C CYS L 380 -6.40 20.27 -37.09
N PHE L 381 -6.44 20.92 -38.25
CA PHE L 381 -7.70 21.25 -38.94
C PHE L 381 -8.14 20.15 -39.89
N LYS L 382 -8.81 19.11 -39.39
CA LYS L 382 -9.14 18.00 -40.29
C LYS L 382 -10.50 18.12 -40.96
N GLU L 383 -11.53 18.43 -40.18
CA GLU L 383 -12.88 18.47 -40.74
C GLU L 383 -13.11 19.73 -41.57
N MET L 384 -12.33 20.78 -41.30
CA MET L 384 -12.40 21.98 -42.12
C MET L 384 -11.66 21.80 -43.44
N LEU L 385 -10.52 21.11 -43.41
CA LEU L 385 -9.61 21.01 -44.55
C LEU L 385 -9.34 19.56 -44.92
N ALA L 386 -10.42 18.76 -45.02
CA ALA L 386 -10.34 17.39 -45.53
C ALA L 386 -9.99 17.32 -47.02
N ASN L 387 -10.23 18.39 -47.78
CA ASN L 387 -9.75 18.44 -49.17
C ASN L 387 -8.22 18.59 -49.22
N SER L 388 -7.62 19.30 -48.26
CA SER L 388 -6.16 19.40 -48.24
C SER L 388 -5.54 18.14 -47.67
N TRP L 389 -6.25 17.47 -46.75
CA TRP L 389 -5.99 16.05 -46.42
C TRP L 389 -6.00 15.13 -47.63
N ASN L 390 -6.95 15.32 -48.55
CA ASN L 390 -7.01 14.44 -49.72
C ASN L 390 -6.11 14.90 -50.87
N CYS L 391 -5.54 16.10 -50.80
CA CYS L 391 -4.74 16.62 -51.90
C CYS L 391 -3.30 16.97 -51.52
N LEU L 392 -2.61 16.09 -50.80
CA LEU L 392 -1.19 16.26 -50.51
C LEU L 392 -0.35 15.51 -51.53
N PRO L 393 0.99 15.61 -51.47
CA PRO L 393 1.84 14.57 -52.08
C PRO L 393 1.71 13.23 -51.36
N LYS L 394 2.17 12.18 -52.05
CA LYS L 394 1.79 10.80 -51.72
C LYS L 394 2.48 10.29 -50.44
N HIS L 395 3.74 10.66 -50.22
CA HIS L 395 4.40 10.35 -48.95
C HIS L 395 3.86 11.25 -47.84
N LEU L 396 3.54 12.50 -48.19
CA LEU L 396 2.99 13.41 -47.21
C LEU L 396 1.62 12.92 -46.76
N LEU L 397 0.73 12.69 -47.71
CA LEU L 397 -0.61 12.23 -47.37
C LEU L 397 -0.57 10.89 -46.64
N HIS L 398 0.28 9.97 -47.10
CA HIS L 398 0.41 8.71 -46.41
C HIS L 398 0.71 8.97 -44.95
N SER L 399 1.67 9.86 -44.70
CA SER L 399 2.03 10.19 -43.33
C SER L 399 0.86 10.80 -42.60
N VAL L 400 0.16 11.73 -43.24
CA VAL L 400 -0.97 12.38 -42.61
C VAL L 400 -2.11 11.40 -42.36
N ASN L 401 -2.44 10.60 -43.36
CA ASN L 401 -3.52 9.62 -43.19
C ASN L 401 -3.06 8.47 -42.29
N GLN L 402 -1.76 8.37 -42.08
CA GLN L 402 -1.22 7.30 -41.25
C GLN L 402 -1.84 7.37 -39.87
N ARG L 403 -1.97 8.58 -39.34
CA ARG L 403 -2.59 8.76 -38.04
C ARG L 403 -4.00 8.21 -38.04
N PHE L 404 -4.25 7.21 -37.20
CA PHE L 404 -5.59 6.64 -37.11
C PHE L 404 -6.41 7.50 -36.15
N GLY L 405 -6.89 8.64 -36.63
CA GLY L 405 -7.68 9.53 -35.79
C GLY L 405 -8.68 8.79 -34.93
N SER L 406 -8.69 9.11 -33.63
CA SER L 406 -9.61 8.44 -32.71
C SER L 406 -10.99 9.09 -32.78
N ASN L 407 -11.84 8.58 -33.67
CA ASN L 407 -13.18 9.15 -33.82
C ASN L 407 -14.19 8.50 -32.88
N ASN L 408 -14.61 9.24 -31.86
CA ASN L 408 -15.57 8.72 -30.89
C ASN L 408 -16.91 9.44 -30.96
N THR L 409 -16.91 10.62 -31.56
CA THR L 409 -18.15 11.39 -31.67
C THR L 409 -18.52 11.70 -33.12
N SER L 410 -17.59 11.45 -34.04
CA SER L 410 -17.88 11.67 -35.46
C SER L 410 -19.11 10.86 -35.83
N GLY L 411 -20.04 11.48 -36.56
CA GLY L 411 -21.24 10.77 -36.93
C GLY L 411 -22.36 10.81 -35.91
N SER L 412 -22.39 11.82 -35.05
CA SER L 412 -23.42 11.94 -34.04
C SER L 412 -23.73 13.39 -33.70
#